data_1GYX
# 
_entry.id   1GYX 
# 
_audit_conform.dict_name       mmcif_pdbx.dic 
_audit_conform.dict_version    5.391 
_audit_conform.dict_location   http://mmcif.pdb.org/dictionaries/ascii/mmcif_pdbx.dic 
# 
loop_
_database_2.database_id 
_database_2.database_code 
_database_2.pdbx_database_accession 
_database_2.pdbx_DOI 
PDB   1GYX         pdb_00001gyx 10.2210/pdb1gyx/pdb 
PDBE  EBI-9775     ?            ?                   
WWPDB D_1290009775 ?            ?                   
# 
loop_
_pdbx_audit_revision_history.ordinal 
_pdbx_audit_revision_history.data_content_type 
_pdbx_audit_revision_history.major_revision 
_pdbx_audit_revision_history.minor_revision 
_pdbx_audit_revision_history.revision_date 
1 'Structure model' 1 0 2002-10-10 
2 'Structure model' 1 1 2011-05-08 
3 'Structure model' 1 2 2011-07-13 
4 'Structure model' 1 3 2019-02-27 
5 'Structure model' 1 4 2019-05-08 
6 'Structure model' 1 5 2024-05-08 
# 
_pdbx_audit_revision_details.ordinal             1 
_pdbx_audit_revision_details.revision_ordinal    1 
_pdbx_audit_revision_details.data_content_type   'Structure model' 
_pdbx_audit_revision_details.provider            repository 
_pdbx_audit_revision_details.type                'Initial release' 
_pdbx_audit_revision_details.description         ? 
_pdbx_audit_revision_details.details             ? 
# 
loop_
_pdbx_audit_revision_group.ordinal 
_pdbx_audit_revision_group.revision_ordinal 
_pdbx_audit_revision_group.data_content_type 
_pdbx_audit_revision_group.group 
1  2 'Structure model' 'Version format compliance' 
2  3 'Structure model' 'Version format compliance' 
3  4 'Structure model' 'Data collection'           
4  4 'Structure model' 'Database references'       
5  4 'Structure model' 'Experimental preparation'  
6  4 'Structure model' Other                       
7  4 'Structure model' 'Source and taxonomy'       
8  5 'Structure model' 'Data collection'           
9  5 'Structure model' 'Experimental preparation'  
10 6 'Structure model' 'Data collection'           
11 6 'Structure model' 'Database references'       
12 6 'Structure model' Other                       
# 
loop_
_pdbx_audit_revision_category.ordinal 
_pdbx_audit_revision_category.revision_ordinal 
_pdbx_audit_revision_category.data_content_type 
_pdbx_audit_revision_category.category 
1  4 'Structure model' citation             
2  4 'Structure model' entity_src_gen       
3  4 'Structure model' exptl_crystal_grow   
4  4 'Structure model' pdbx_database_proc   
5  4 'Structure model' pdbx_database_status 
6  4 'Structure model' struct_biol          
7  5 'Structure model' exptl_crystal_grow   
8  6 'Structure model' chem_comp_atom       
9  6 'Structure model' chem_comp_bond       
10 6 'Structure model' database_2           
11 6 'Structure model' pdbx_database_status 
# 
loop_
_pdbx_audit_revision_item.ordinal 
_pdbx_audit_revision_item.revision_ordinal 
_pdbx_audit_revision_item.data_content_type 
_pdbx_audit_revision_item.item 
1 4 'Structure model' '_citation.page_last'                         
2 4 'Structure model' '_entity_src_gen.gene_src_strain'             
3 4 'Structure model' '_exptl_crystal_grow.temp'                    
4 4 'Structure model' '_pdbx_database_status.recvd_author_approval' 
5 5 'Structure model' '_exptl_crystal_grow.method'                  
6 6 'Structure model' '_database_2.pdbx_DOI'                        
7 6 'Structure model' '_database_2.pdbx_database_accession'         
8 6 'Structure model' '_pdbx_database_status.status_code_sf'        
# 
_pdbx_database_status.status_code                     REL 
_pdbx_database_status.entry_id                        1GYX 
_pdbx_database_status.deposit_site                    PDBE 
_pdbx_database_status.process_site                    PDBE 
_pdbx_database_status.SG_entry                        . 
_pdbx_database_status.recvd_initial_deposition_date   2002-04-30 
_pdbx_database_status.pdb_format_compatible           Y 
_pdbx_database_status.status_code_sf                  REL 
_pdbx_database_status.status_code_mr                  ? 
_pdbx_database_status.status_code_cs                  ? 
_pdbx_database_status.methods_development_category    ? 
_pdbx_database_status.status_code_nmr_data            ? 
# 
loop_
_pdbx_database_related.db_name 
_pdbx_database_related.db_id 
_pdbx_database_related.content_type 
_pdbx_database_related.details 
PDB 1GYJ unspecified 
;THE CRYSTAL STRUCTURE OF YDCE, A 4- OXALOCROTONATE TAUTOMERASE HOMOLOGUE FROM ESCHERICHIA COLI, CONFIRMS THE STRUCTURAL BASIS FOR OLIGOMER DIVERSITY
;
PDB 1GYY unspecified 
;THE CRYSTAL STRUCTURE OF YDCE, A 4- OXALOCROTONATE TAUTOMERASE HOMOLOGUE FROM ESCHERICHIA COLI, CONFIRMS THE STRUCTURAL BASIS FOR OLIGOMER DIVERSITY
;
# 
loop_
_audit_author.name 
_audit_author.pdbx_ordinal 
_audit_author.identifier_ORCID 
'Almrud, J.'     1 ? 
'Kern, A.'       2 ? 
'Wang, S.'       3 ? 
'Czerwinski, R.' 4 ? 
'Johnson, W.'    5 ? 
'Murzin, A.'     6 ? 
'Hackert, M.'    7 ? 
'Whitman, C.'    8 ? 
# 
_citation.id                        primary 
_citation.title                     
;The Crystal Structure of Ydce, a 4-Oxalocrotonate Tautomerase Homologue from Escherichia Coli, Confirms the Structural Basis for Oligomer Diversity
;
_citation.journal_abbrev            Biochemistry 
_citation.journal_volume            41 
_citation.page_first                12010 
_citation.page_last                 12024 
_citation.year                      2002 
_citation.journal_id_ASTM           BICHAW 
_citation.country                   US 
_citation.journal_id_ISSN           0006-2960 
_citation.journal_id_CSD            0033 
_citation.book_publisher            ? 
_citation.pdbx_database_id_PubMed   12356301 
_citation.pdbx_database_id_DOI      10.1021/BI020271H 
# 
loop_
_citation_author.citation_id 
_citation_author.name 
_citation_author.ordinal 
_citation_author.identifier_ORCID 
primary 'Almrud, J.'     1 ? 
primary 'Kern, A.'       2 ? 
primary 'Wang, S.'       3 ? 
primary 'Czerwinski, R.' 4 ? 
primary 'Johnson, W.'    5 ? 
primary 'Murzin, A.'     6 ? 
primary 'Hackert, M.'    7 ? 
primary 'Whitman, C.'    8 ? 
# 
loop_
_entity.id 
_entity.type 
_entity.src_method 
_entity.pdbx_description 
_entity.formula_weight 
_entity.pdbx_number_of_molecules 
_entity.pdbx_ec 
_entity.pdbx_mutation 
_entity.pdbx_fragment 
_entity.details 
1 polymer     man 'HYPOTHETICAL PROTEIN YDCE'                           8550.729 2   5.3.2.1 ? ? 
'INACTIVATED BY HEPES AND BENZOIC ACID' 
2 non-polymer syn 'BENZOIC ACID'                                        122.121  1   ?       ? ? ? 
3 non-polymer syn '4-(2-HYDROXYETHYL)-1-PIPERAZINE ETHANESULFONIC ACID' 238.305  1   ?       ? ? ? 
4 water       nat water                                                 18.015   304 ?       ? ? ? 
# 
_entity_name_com.entity_id   1 
_entity_name_com.name        'YDCE, B1461' 
# 
_entity_poly.entity_id                      1 
_entity_poly.type                           'polypeptide(L)' 
_entity_poly.nstd_linkage                   no 
_entity_poly.nstd_monomer                   no 
_entity_poly.pdbx_seq_one_letter_code       PHIDIKCFPRELDEQQKAALAADITDVIIRHLNSKDSSISIALQQIQPESWQAIWDAEIAPQMEALIKKPGYSMNA 
_entity_poly.pdbx_seq_one_letter_code_can   PHIDIKCFPRELDEQQKAALAADITDVIIRHLNSKDSSISIALQQIQPESWQAIWDAEIAPQMEALIKKPGYSMNA 
_entity_poly.pdbx_strand_id                 A,B 
_entity_poly.pdbx_target_identifier         ? 
# 
loop_
_pdbx_entity_nonpoly.entity_id 
_pdbx_entity_nonpoly.name 
_pdbx_entity_nonpoly.comp_id 
2 'BENZOIC ACID'                                        BEZ 
3 '4-(2-HYDROXYETHYL)-1-PIPERAZINE ETHANESULFONIC ACID' EPE 
4 water                                                 HOH 
# 
loop_
_entity_poly_seq.entity_id 
_entity_poly_seq.num 
_entity_poly_seq.mon_id 
_entity_poly_seq.hetero 
1 1  PRO n 
1 2  HIS n 
1 3  ILE n 
1 4  ASP n 
1 5  ILE n 
1 6  LYS n 
1 7  CYS n 
1 8  PHE n 
1 9  PRO n 
1 10 ARG n 
1 11 GLU n 
1 12 LEU n 
1 13 ASP n 
1 14 GLU n 
1 15 GLN n 
1 16 GLN n 
1 17 LYS n 
1 18 ALA n 
1 19 ALA n 
1 20 LEU n 
1 21 ALA n 
1 22 ALA n 
1 23 ASP n 
1 24 ILE n 
1 25 THR n 
1 26 ASP n 
1 27 VAL n 
1 28 ILE n 
1 29 ILE n 
1 30 ARG n 
1 31 HIS n 
1 32 LEU n 
1 33 ASN n 
1 34 SER n 
1 35 LYS n 
1 36 ASP n 
1 37 SER n 
1 38 SER n 
1 39 ILE n 
1 40 SER n 
1 41 ILE n 
1 42 ALA n 
1 43 LEU n 
1 44 GLN n 
1 45 GLN n 
1 46 ILE n 
1 47 GLN n 
1 48 PRO n 
1 49 GLU n 
1 50 SER n 
1 51 TRP n 
1 52 GLN n 
1 53 ALA n 
1 54 ILE n 
1 55 TRP n 
1 56 ASP n 
1 57 ALA n 
1 58 GLU n 
1 59 ILE n 
1 60 ALA n 
1 61 PRO n 
1 62 GLN n 
1 63 MET n 
1 64 GLU n 
1 65 ALA n 
1 66 LEU n 
1 67 ILE n 
1 68 LYS n 
1 69 LYS n 
1 70 PRO n 
1 71 GLY n 
1 72 TYR n 
1 73 SER n 
1 74 MET n 
1 75 ASN n 
1 76 ALA n 
# 
_entity_src_gen.entity_id                          1 
_entity_src_gen.pdbx_src_id                        1 
_entity_src_gen.pdbx_alt_source_flag               sample 
_entity_src_gen.pdbx_seq_type                      ? 
_entity_src_gen.pdbx_beg_seq_num                   ? 
_entity_src_gen.pdbx_end_seq_num                   ? 
_entity_src_gen.gene_src_common_name               ? 
_entity_src_gen.gene_src_genus                     ? 
_entity_src_gen.pdbx_gene_src_gene                 ? 
_entity_src_gen.gene_src_species                   ? 
_entity_src_gen.gene_src_strain                    K-12 
_entity_src_gen.gene_src_tissue                    ? 
_entity_src_gen.gene_src_tissue_fraction           ? 
_entity_src_gen.gene_src_details                   ? 
_entity_src_gen.pdbx_gene_src_fragment             ? 
_entity_src_gen.pdbx_gene_src_scientific_name      'ESCHERICHIA COLI' 
_entity_src_gen.pdbx_gene_src_ncbi_taxonomy_id     83333 
_entity_src_gen.pdbx_gene_src_variant              ? 
_entity_src_gen.pdbx_gene_src_cell_line            ? 
_entity_src_gen.pdbx_gene_src_atcc                 ? 
_entity_src_gen.pdbx_gene_src_organ                ? 
_entity_src_gen.pdbx_gene_src_organelle            ? 
_entity_src_gen.pdbx_gene_src_cell                 ? 
_entity_src_gen.pdbx_gene_src_cellular_location    ? 
_entity_src_gen.host_org_common_name               ? 
_entity_src_gen.pdbx_host_org_scientific_name      'ESCHERICHIA COLI' 
_entity_src_gen.pdbx_host_org_ncbi_taxonomy_id     469008 
_entity_src_gen.host_org_genus                     ? 
_entity_src_gen.pdbx_host_org_gene                 ? 
_entity_src_gen.pdbx_host_org_organ                ? 
_entity_src_gen.host_org_species                   ? 
_entity_src_gen.pdbx_host_org_tissue               ? 
_entity_src_gen.pdbx_host_org_tissue_fraction      ? 
_entity_src_gen.pdbx_host_org_strain               'BL21(DE3)' 
_entity_src_gen.pdbx_host_org_variant              ? 
_entity_src_gen.pdbx_host_org_cell_line            ? 
_entity_src_gen.pdbx_host_org_atcc                 ? 
_entity_src_gen.pdbx_host_org_culture_collection   ? 
_entity_src_gen.pdbx_host_org_cell                 ? 
_entity_src_gen.pdbx_host_org_organelle            ? 
_entity_src_gen.pdbx_host_org_cellular_location    ? 
_entity_src_gen.pdbx_host_org_vector_type          ? 
_entity_src_gen.pdbx_host_org_vector               ? 
_entity_src_gen.host_org_details                   ? 
_entity_src_gen.expression_system_id               ? 
_entity_src_gen.plasmid_name                       PET24A+ 
_entity_src_gen.plasmid_details                    ? 
_entity_src_gen.pdbx_description                   ? 
# 
loop_
_chem_comp.id 
_chem_comp.type 
_chem_comp.mon_nstd_flag 
_chem_comp.name 
_chem_comp.pdbx_synonyms 
_chem_comp.formula 
_chem_comp.formula_weight 
ALA 'L-peptide linking' y ALANINE                                               ?     'C3 H7 N O2'     89.093  
ARG 'L-peptide linking' y ARGININE                                              ?     'C6 H15 N4 O2 1' 175.209 
ASN 'L-peptide linking' y ASPARAGINE                                            ?     'C4 H8 N2 O3'    132.118 
ASP 'L-peptide linking' y 'ASPARTIC ACID'                                       ?     'C4 H7 N O4'     133.103 
BEZ non-polymer         . 'BENZOIC ACID'                                        ?     'C7 H6 O2'       122.121 
CYS 'L-peptide linking' y CYSTEINE                                              ?     'C3 H7 N O2 S'   121.158 
EPE non-polymer         . '4-(2-HYDROXYETHYL)-1-PIPERAZINE ETHANESULFONIC ACID' HEPES 'C8 H18 N2 O4 S' 238.305 
GLN 'L-peptide linking' y GLUTAMINE                                             ?     'C5 H10 N2 O3'   146.144 
GLU 'L-peptide linking' y 'GLUTAMIC ACID'                                       ?     'C5 H9 N O4'     147.129 
GLY 'peptide linking'   y GLYCINE                                               ?     'C2 H5 N O2'     75.067  
HIS 'L-peptide linking' y HISTIDINE                                             ?     'C6 H10 N3 O2 1' 156.162 
HOH non-polymer         . WATER                                                 ?     'H2 O'           18.015  
ILE 'L-peptide linking' y ISOLEUCINE                                            ?     'C6 H13 N O2'    131.173 
LEU 'L-peptide linking' y LEUCINE                                               ?     'C6 H13 N O2'    131.173 
LYS 'L-peptide linking' y LYSINE                                                ?     'C6 H15 N2 O2 1' 147.195 
MET 'L-peptide linking' y METHIONINE                                            ?     'C5 H11 N O2 S'  149.211 
PHE 'L-peptide linking' y PHENYLALANINE                                         ?     'C9 H11 N O2'    165.189 
PRO 'L-peptide linking' y PROLINE                                               ?     'C5 H9 N O2'     115.130 
SER 'L-peptide linking' y SERINE                                                ?     'C3 H7 N O3'     105.093 
THR 'L-peptide linking' y THREONINE                                             ?     'C4 H9 N O3'     119.119 
TRP 'L-peptide linking' y TRYPTOPHAN                                            ?     'C11 H12 N2 O2'  204.225 
TYR 'L-peptide linking' y TYROSINE                                              ?     'C9 H11 N O3'    181.189 
VAL 'L-peptide linking' y VALINE                                                ?     'C5 H11 N O2'    117.146 
# 
loop_
_pdbx_poly_seq_scheme.asym_id 
_pdbx_poly_seq_scheme.entity_id 
_pdbx_poly_seq_scheme.seq_id 
_pdbx_poly_seq_scheme.mon_id 
_pdbx_poly_seq_scheme.ndb_seq_num 
_pdbx_poly_seq_scheme.pdb_seq_num 
_pdbx_poly_seq_scheme.auth_seq_num 
_pdbx_poly_seq_scheme.pdb_mon_id 
_pdbx_poly_seq_scheme.auth_mon_id 
_pdbx_poly_seq_scheme.pdb_strand_id 
_pdbx_poly_seq_scheme.pdb_ins_code 
_pdbx_poly_seq_scheme.hetero 
A 1 1  PRO 1  1  1  PRO PRO A . n 
A 1 2  HIS 2  2  2  HIS HIS A . n 
A 1 3  ILE 3  3  3  ILE ILE A . n 
A 1 4  ASP 4  4  4  ASP ASP A . n 
A 1 5  ILE 5  5  5  ILE ILE A . n 
A 1 6  LYS 6  6  6  LYS LYS A . n 
A 1 7  CYS 7  7  7  CYS CYS A . n 
A 1 8  PHE 8  8  8  PHE PHE A . n 
A 1 9  PRO 9  9  9  PRO PRO A . n 
A 1 10 ARG 10 10 10 ARG ARG A . n 
A 1 11 GLU 11 11 11 GLU GLU A . n 
A 1 12 LEU 12 12 12 LEU LEU A . n 
A 1 13 ASP 13 13 13 ASP ASP A . n 
A 1 14 GLU 14 14 14 GLU GLU A . n 
A 1 15 GLN 15 15 15 GLN GLN A . n 
A 1 16 GLN 16 16 16 GLN GLN A . n 
A 1 17 LYS 17 17 17 LYS LYS A . n 
A 1 18 ALA 18 18 18 ALA ALA A . n 
A 1 19 ALA 19 19 19 ALA ALA A . n 
A 1 20 LEU 20 20 20 LEU LEU A . n 
A 1 21 ALA 21 21 21 ALA ALA A . n 
A 1 22 ALA 22 22 22 ALA ALA A . n 
A 1 23 ASP 23 23 23 ASP ASP A . n 
A 1 24 ILE 24 24 24 ILE ILE A . n 
A 1 25 THR 25 25 25 THR THR A . n 
A 1 26 ASP 26 26 26 ASP ASP A . n 
A 1 27 VAL 27 27 27 VAL VAL A . n 
A 1 28 ILE 28 28 28 ILE ILE A . n 
A 1 29 ILE 29 29 29 ILE ILE A . n 
A 1 30 ARG 30 30 30 ARG ARG A . n 
A 1 31 HIS 31 31 31 HIS HIS A . n 
A 1 32 LEU 32 32 32 LEU LEU A . n 
A 1 33 ASN 33 33 33 ASN ASN A . n 
A 1 34 SER 34 34 34 SER SER A . n 
A 1 35 LYS 35 35 35 LYS LYS A . n 
A 1 36 ASP 36 36 36 ASP ASP A . n 
A 1 37 SER 37 37 37 SER SER A . n 
A 1 38 SER 38 38 38 SER SER A . n 
A 1 39 ILE 39 39 39 ILE ILE A . n 
A 1 40 SER 40 40 40 SER SER A . n 
A 1 41 ILE 41 41 41 ILE ILE A . n 
A 1 42 ALA 42 42 42 ALA ALA A . n 
A 1 43 LEU 43 43 43 LEU LEU A . n 
A 1 44 GLN 44 44 44 GLN GLN A . n 
A 1 45 GLN 45 45 45 GLN GLN A . n 
A 1 46 ILE 46 46 46 ILE ILE A . n 
A 1 47 GLN 47 47 47 GLN GLN A . n 
A 1 48 PRO 48 48 48 PRO PRO A . n 
A 1 49 GLU 49 49 49 GLU GLU A . n 
A 1 50 SER 50 50 50 SER SER A . n 
A 1 51 TRP 51 51 51 TRP TRP A . n 
A 1 52 GLN 52 52 52 GLN GLN A . n 
A 1 53 ALA 53 53 53 ALA ALA A . n 
A 1 54 ILE 54 54 54 ILE ILE A . n 
A 1 55 TRP 55 55 55 TRP TRP A . n 
A 1 56 ASP 56 56 56 ASP ASP A . n 
A 1 57 ALA 57 57 57 ALA ALA A . n 
A 1 58 GLU 58 58 58 GLU GLU A . n 
A 1 59 ILE 59 59 59 ILE ILE A . n 
A 1 60 ALA 60 60 60 ALA ALA A . n 
A 1 61 PRO 61 61 61 PRO PRO A . n 
A 1 62 GLN 62 62 62 GLN GLN A . n 
A 1 63 MET 63 63 63 MET MET A . n 
A 1 64 GLU 64 64 64 GLU GLU A . n 
A 1 65 ALA 65 65 65 ALA ALA A . n 
A 1 66 LEU 66 66 66 LEU LEU A . n 
A 1 67 ILE 67 67 67 ILE ILE A . n 
A 1 68 LYS 68 68 68 LYS LYS A . n 
A 1 69 LYS 69 69 69 LYS LYS A . n 
A 1 70 PRO 70 70 70 PRO PRO A . n 
A 1 71 GLY 71 71 71 GLY GLY A . n 
A 1 72 TYR 72 72 72 TYR TYR A . n 
A 1 73 SER 73 73 73 SER SER A . n 
A 1 74 MET 74 74 74 MET MET A . n 
A 1 75 ASN 75 75 75 ASN ASN A . n 
A 1 76 ALA 76 76 76 ALA ALA A . n 
B 1 1  PRO 1  1  1  PRO PRO B . n 
B 1 2  HIS 2  2  2  HIS HIS B . n 
B 1 3  ILE 3  3  3  ILE ILE B . n 
B 1 4  ASP 4  4  4  ASP ASP B . n 
B 1 5  ILE 5  5  5  ILE ILE B . n 
B 1 6  LYS 6  6  6  LYS LYS B . n 
B 1 7  CYS 7  7  7  CYS CYS B . n 
B 1 8  PHE 8  8  8  PHE PHE B . n 
B 1 9  PRO 9  9  9  PRO PRO B . n 
B 1 10 ARG 10 10 10 ARG ARG B . n 
B 1 11 GLU 11 11 11 GLU GLU B . n 
B 1 12 LEU 12 12 12 LEU LEU B . n 
B 1 13 ASP 13 13 13 ASP ASP B . n 
B 1 14 GLU 14 14 14 GLU GLU B . n 
B 1 15 GLN 15 15 15 GLN GLN B . n 
B 1 16 GLN 16 16 16 GLN GLN B . n 
B 1 17 LYS 17 17 17 LYS LYS B . n 
B 1 18 ALA 18 18 18 ALA ALA B . n 
B 1 19 ALA 19 19 19 ALA ALA B . n 
B 1 20 LEU 20 20 20 LEU LEU B . n 
B 1 21 ALA 21 21 21 ALA ALA B . n 
B 1 22 ALA 22 22 22 ALA ALA B . n 
B 1 23 ASP 23 23 23 ASP ASP B . n 
B 1 24 ILE 24 24 24 ILE ILE B . n 
B 1 25 THR 25 25 25 THR THR B . n 
B 1 26 ASP 26 26 26 ASP ASP B . n 
B 1 27 VAL 27 27 27 VAL VAL B . n 
B 1 28 ILE 28 28 28 ILE ILE B . n 
B 1 29 ILE 29 29 29 ILE ILE B . n 
B 1 30 ARG 30 30 30 ARG ARG B . n 
B 1 31 HIS 31 31 31 HIS HIS B . n 
B 1 32 LEU 32 32 32 LEU LEU B . n 
B 1 33 ASN 33 33 33 ASN ASN B . n 
B 1 34 SER 34 34 34 SER SER B . n 
B 1 35 LYS 35 35 35 LYS LYS B . n 
B 1 36 ASP 36 36 36 ASP ASP B . n 
B 1 37 SER 37 37 37 SER SER B . n 
B 1 38 SER 38 38 38 SER SER B . n 
B 1 39 ILE 39 39 39 ILE ILE B . n 
B 1 40 SER 40 40 40 SER SER B . n 
B 1 41 ILE 41 41 41 ILE ILE B . n 
B 1 42 ALA 42 42 42 ALA ALA B . n 
B 1 43 LEU 43 43 43 LEU LEU B . n 
B 1 44 GLN 44 44 44 GLN GLN B . n 
B 1 45 GLN 45 45 45 GLN GLN B . n 
B 1 46 ILE 46 46 46 ILE ILE B . n 
B 1 47 GLN 47 47 47 GLN GLN B . n 
B 1 48 PRO 48 48 48 PRO PRO B . n 
B 1 49 GLU 49 49 49 GLU GLU B . n 
B 1 50 SER 50 50 50 SER SER B . n 
B 1 51 TRP 51 51 51 TRP TRP B . n 
B 1 52 GLN 52 52 52 GLN GLN B . n 
B 1 53 ALA 53 53 53 ALA ALA B . n 
B 1 54 ILE 54 54 54 ILE ILE B . n 
B 1 55 TRP 55 55 55 TRP TRP B . n 
B 1 56 ASP 56 56 56 ASP ASP B . n 
B 1 57 ALA 57 57 57 ALA ALA B . n 
B 1 58 GLU 58 58 58 GLU GLU B . n 
B 1 59 ILE 59 59 59 ILE ILE B . n 
B 1 60 ALA 60 60 60 ALA ALA B . n 
B 1 61 PRO 61 61 61 PRO PRO B . n 
B 1 62 GLN 62 62 62 GLN GLN B . n 
B 1 63 MET 63 63 63 MET MET B . n 
B 1 64 GLU 64 64 64 GLU GLU B . n 
B 1 65 ALA 65 65 65 ALA ALA B . n 
B 1 66 LEU 66 66 66 LEU LEU B . n 
B 1 67 ILE 67 67 67 ILE ILE B . n 
B 1 68 LYS 68 68 68 LYS LYS B . n 
B 1 69 LYS 69 69 69 LYS LYS B . n 
B 1 70 PRO 70 70 70 PRO PRO B . n 
B 1 71 GLY 71 71 71 GLY GLY B . n 
B 1 72 TYR 72 72 72 TYR TYR B . n 
B 1 73 SER 73 73 73 SER SER B . n 
B 1 74 MET 74 74 74 MET MET B . n 
B 1 75 ASN 75 75 75 ASN ASN B . n 
B 1 76 ALA 76 76 76 ALA ALA B . n 
# 
loop_
_pdbx_nonpoly_scheme.asym_id 
_pdbx_nonpoly_scheme.entity_id 
_pdbx_nonpoly_scheme.mon_id 
_pdbx_nonpoly_scheme.ndb_seq_num 
_pdbx_nonpoly_scheme.pdb_seq_num 
_pdbx_nonpoly_scheme.auth_seq_num 
_pdbx_nonpoly_scheme.pdb_mon_id 
_pdbx_nonpoly_scheme.auth_mon_id 
_pdbx_nonpoly_scheme.pdb_strand_id 
_pdbx_nonpoly_scheme.pdb_ins_code 
C 2 BEZ 1   1077 1077 BEZ BEZ A . 
D 3 EPE 1   1077 1077 EPE EPE B . 
E 4 HOH 1   2001 2001 HOH HOH A . 
E 4 HOH 2   2002 2002 HOH HOH A . 
E 4 HOH 3   2003 2003 HOH HOH A . 
E 4 HOH 4   2004 2004 HOH HOH A . 
E 4 HOH 5   2005 2005 HOH HOH A . 
E 4 HOH 6   2006 2006 HOH HOH A . 
E 4 HOH 7   2007 2007 HOH HOH A . 
E 4 HOH 8   2008 2008 HOH HOH A . 
E 4 HOH 9   2009 2009 HOH HOH A . 
E 4 HOH 10  2010 2010 HOH HOH A . 
E 4 HOH 11  2011 2011 HOH HOH A . 
E 4 HOH 12  2012 2012 HOH HOH A . 
E 4 HOH 13  2013 2013 HOH HOH A . 
E 4 HOH 14  2014 2014 HOH HOH A . 
E 4 HOH 15  2015 2015 HOH HOH A . 
E 4 HOH 16  2016 2016 HOH HOH A . 
E 4 HOH 17  2017 2017 HOH HOH A . 
E 4 HOH 18  2018 2018 HOH HOH A . 
E 4 HOH 19  2019 2019 HOH HOH A . 
E 4 HOH 20  2020 2020 HOH HOH A . 
E 4 HOH 21  2021 2021 HOH HOH A . 
E 4 HOH 22  2022 2022 HOH HOH A . 
E 4 HOH 23  2023 2023 HOH HOH A . 
E 4 HOH 24  2024 2024 HOH HOH A . 
E 4 HOH 25  2025 2025 HOH HOH A . 
E 4 HOH 26  2026 2026 HOH HOH A . 
E 4 HOH 27  2027 2027 HOH HOH A . 
E 4 HOH 28  2028 2028 HOH HOH A . 
E 4 HOH 29  2029 2029 HOH HOH A . 
E 4 HOH 30  2030 2030 HOH HOH A . 
E 4 HOH 31  2031 2031 HOH HOH A . 
E 4 HOH 32  2032 2032 HOH HOH A . 
E 4 HOH 33  2033 2033 HOH HOH A . 
E 4 HOH 34  2034 2034 HOH HOH A . 
E 4 HOH 35  2035 2035 HOH HOH A . 
E 4 HOH 36  2036 2036 HOH HOH A . 
E 4 HOH 37  2037 2037 HOH HOH A . 
E 4 HOH 38  2038 2038 HOH HOH A . 
E 4 HOH 39  2039 2039 HOH HOH A . 
E 4 HOH 40  2040 2040 HOH HOH A . 
E 4 HOH 41  2041 2041 HOH HOH A . 
E 4 HOH 42  2042 2042 HOH HOH A . 
E 4 HOH 43  2043 2043 HOH HOH A . 
E 4 HOH 44  2044 2044 HOH HOH A . 
E 4 HOH 45  2045 2045 HOH HOH A . 
E 4 HOH 46  2046 2046 HOH HOH A . 
E 4 HOH 47  2047 2047 HOH HOH A . 
E 4 HOH 48  2048 2048 HOH HOH A . 
E 4 HOH 49  2049 2049 HOH HOH A . 
E 4 HOH 50  2050 2050 HOH HOH A . 
E 4 HOH 51  2051 2051 HOH HOH A . 
E 4 HOH 52  2052 2052 HOH HOH A . 
E 4 HOH 53  2053 2053 HOH HOH A . 
E 4 HOH 54  2054 2054 HOH HOH A . 
E 4 HOH 55  2055 2055 HOH HOH A . 
E 4 HOH 56  2056 2056 HOH HOH A . 
E 4 HOH 57  2057 2057 HOH HOH A . 
E 4 HOH 58  2058 2058 HOH HOH A . 
E 4 HOH 59  2059 2059 HOH HOH A . 
E 4 HOH 60  2060 2060 HOH HOH A . 
E 4 HOH 61  2061 2061 HOH HOH A . 
E 4 HOH 62  2062 2062 HOH HOH A . 
E 4 HOH 63  2063 2063 HOH HOH A . 
E 4 HOH 64  2064 2064 HOH HOH A . 
E 4 HOH 65  2065 2065 HOH HOH A . 
E 4 HOH 66  2066 2066 HOH HOH A . 
E 4 HOH 67  2067 2067 HOH HOH A . 
E 4 HOH 68  2068 2068 HOH HOH A . 
E 4 HOH 69  2069 2069 HOH HOH A . 
E 4 HOH 70  2070 2070 HOH HOH A . 
E 4 HOH 71  2071 2071 HOH HOH A . 
E 4 HOH 72  2072 2072 HOH HOH A . 
E 4 HOH 73  2073 2073 HOH HOH A . 
E 4 HOH 74  2074 2074 HOH HOH A . 
E 4 HOH 75  2075 2075 HOH HOH A . 
E 4 HOH 76  2076 2076 HOH HOH A . 
E 4 HOH 77  2077 2077 HOH HOH A . 
E 4 HOH 78  2078 2078 HOH HOH A . 
E 4 HOH 79  2079 2079 HOH HOH A . 
E 4 HOH 80  2080 2080 HOH HOH A . 
E 4 HOH 81  2081 2081 HOH HOH A . 
E 4 HOH 82  2082 2082 HOH HOH A . 
E 4 HOH 83  2083 2083 HOH HOH A . 
E 4 HOH 84  2084 2084 HOH HOH A . 
E 4 HOH 85  2085 2085 HOH HOH A . 
E 4 HOH 86  2086 2086 HOH HOH A . 
E 4 HOH 87  2087 2087 HOH HOH A . 
E 4 HOH 88  2088 2088 HOH HOH A . 
E 4 HOH 89  2089 2089 HOH HOH A . 
E 4 HOH 90  2090 2090 HOH HOH A . 
E 4 HOH 91  2091 2091 HOH HOH A . 
E 4 HOH 92  2092 2092 HOH HOH A . 
E 4 HOH 93  2093 2093 HOH HOH A . 
E 4 HOH 94  2094 2094 HOH HOH A . 
E 4 HOH 95  2095 2095 HOH HOH A . 
E 4 HOH 96  2096 2096 HOH HOH A . 
E 4 HOH 97  2097 2097 HOH HOH A . 
E 4 HOH 98  2098 2098 HOH HOH A . 
E 4 HOH 99  2099 2099 HOH HOH A . 
E 4 HOH 100 2100 2100 HOH HOH A . 
E 4 HOH 101 2101 2101 HOH HOH A . 
E 4 HOH 102 2102 2102 HOH HOH A . 
E 4 HOH 103 2103 2103 HOH HOH A . 
E 4 HOH 104 2104 2104 HOH HOH A . 
E 4 HOH 105 2105 2105 HOH HOH A . 
E 4 HOH 106 2106 2106 HOH HOH A . 
E 4 HOH 107 2107 2107 HOH HOH A . 
E 4 HOH 108 2108 2108 HOH HOH A . 
E 4 HOH 109 2109 2109 HOH HOH A . 
E 4 HOH 110 2110 2110 HOH HOH A . 
E 4 HOH 111 2111 2111 HOH HOH A . 
E 4 HOH 112 2112 2112 HOH HOH A . 
E 4 HOH 113 2113 2113 HOH HOH A . 
E 4 HOH 114 2114 2114 HOH HOH A . 
E 4 HOH 115 2115 2115 HOH HOH A . 
E 4 HOH 116 2116 2116 HOH HOH A . 
E 4 HOH 117 2117 2117 HOH HOH A . 
E 4 HOH 118 2118 2118 HOH HOH A . 
E 4 HOH 119 2119 2119 HOH HOH A . 
E 4 HOH 120 2120 2120 HOH HOH A . 
E 4 HOH 121 2121 2121 HOH HOH A . 
E 4 HOH 122 2122 2122 HOH HOH A . 
E 4 HOH 123 2123 2123 HOH HOH A . 
E 4 HOH 124 2124 2124 HOH HOH A . 
E 4 HOH 125 2125 2125 HOH HOH A . 
E 4 HOH 126 2126 2126 HOH HOH A . 
E 4 HOH 127 2127 2127 HOH HOH A . 
E 4 HOH 128 2128 2128 HOH HOH A . 
E 4 HOH 129 2129 2129 HOH HOH A . 
E 4 HOH 130 2130 2130 HOH HOH A . 
E 4 HOH 131 2131 2131 HOH HOH A . 
E 4 HOH 132 2132 2132 HOH HOH A . 
E 4 HOH 133 2133 2133 HOH HOH A . 
E 4 HOH 134 2134 2134 HOH HOH A . 
E 4 HOH 135 2135 2135 HOH HOH A . 
E 4 HOH 136 2136 2136 HOH HOH A . 
E 4 HOH 137 2137 2137 HOH HOH A . 
E 4 HOH 138 2138 2138 HOH HOH A . 
E 4 HOH 139 2139 2139 HOH HOH A . 
E 4 HOH 140 2140 2140 HOH HOH A . 
E 4 HOH 141 2141 2141 HOH HOH A . 
E 4 HOH 142 2142 2142 HOH HOH A . 
E 4 HOH 143 2143 2143 HOH HOH A . 
E 4 HOH 144 2144 2144 HOH HOH A . 
E 4 HOH 145 2145 2145 HOH HOH A . 
E 4 HOH 146 2146 2146 HOH HOH A . 
E 4 HOH 147 2147 2147 HOH HOH A . 
E 4 HOH 148 2148 2148 HOH HOH A . 
E 4 HOH 149 2149 2149 HOH HOH A . 
E 4 HOH 150 2150 2150 HOH HOH A . 
F 4 HOH 1   2001 2001 HOH HOH B . 
F 4 HOH 2   2002 2002 HOH HOH B . 
F 4 HOH 3   2003 2003 HOH HOH B . 
F 4 HOH 4   2004 2004 HOH HOH B . 
F 4 HOH 5   2005 2005 HOH HOH B . 
F 4 HOH 6   2006 2006 HOH HOH B . 
F 4 HOH 7   2007 2007 HOH HOH B . 
F 4 HOH 8   2008 2008 HOH HOH B . 
F 4 HOH 9   2009 2009 HOH HOH B . 
F 4 HOH 10  2010 2010 HOH HOH B . 
F 4 HOH 11  2011 2011 HOH HOH B . 
F 4 HOH 12  2012 2012 HOH HOH B . 
F 4 HOH 13  2013 2013 HOH HOH B . 
F 4 HOH 14  2014 2014 HOH HOH B . 
F 4 HOH 15  2015 2015 HOH HOH B . 
F 4 HOH 16  2016 2016 HOH HOH B . 
F 4 HOH 17  2017 2017 HOH HOH B . 
F 4 HOH 18  2018 2018 HOH HOH B . 
F 4 HOH 19  2019 2019 HOH HOH B . 
F 4 HOH 20  2020 2020 HOH HOH B . 
F 4 HOH 21  2021 2021 HOH HOH B . 
F 4 HOH 22  2022 2022 HOH HOH B . 
F 4 HOH 23  2023 2023 HOH HOH B . 
F 4 HOH 24  2024 2024 HOH HOH B . 
F 4 HOH 25  2025 2025 HOH HOH B . 
F 4 HOH 26  2026 2026 HOH HOH B . 
F 4 HOH 27  2027 2027 HOH HOH B . 
F 4 HOH 28  2028 2028 HOH HOH B . 
F 4 HOH 29  2029 2029 HOH HOH B . 
F 4 HOH 30  2030 2030 HOH HOH B . 
F 4 HOH 31  2031 2031 HOH HOH B . 
F 4 HOH 32  2032 2032 HOH HOH B . 
F 4 HOH 33  2033 2033 HOH HOH B . 
F 4 HOH 34  2034 2034 HOH HOH B . 
F 4 HOH 35  2035 2035 HOH HOH B . 
F 4 HOH 36  2036 2036 HOH HOH B . 
F 4 HOH 37  2037 2037 HOH HOH B . 
F 4 HOH 38  2038 2038 HOH HOH B . 
F 4 HOH 39  2039 2039 HOH HOH B . 
F 4 HOH 40  2040 2040 HOH HOH B . 
F 4 HOH 41  2041 2041 HOH HOH B . 
F 4 HOH 42  2042 2042 HOH HOH B . 
F 4 HOH 43  2043 2043 HOH HOH B . 
F 4 HOH 44  2044 2044 HOH HOH B . 
F 4 HOH 45  2045 2045 HOH HOH B . 
F 4 HOH 46  2046 2046 HOH HOH B . 
F 4 HOH 47  2047 2047 HOH HOH B . 
F 4 HOH 48  2048 2048 HOH HOH B . 
F 4 HOH 49  2049 2049 HOH HOH B . 
F 4 HOH 50  2050 2050 HOH HOH B . 
F 4 HOH 51  2051 2051 HOH HOH B . 
F 4 HOH 52  2052 2052 HOH HOH B . 
F 4 HOH 53  2053 2053 HOH HOH B . 
F 4 HOH 54  2054 2054 HOH HOH B . 
F 4 HOH 55  2055 2055 HOH HOH B . 
F 4 HOH 56  2056 2056 HOH HOH B . 
F 4 HOH 57  2057 2057 HOH HOH B . 
F 4 HOH 58  2058 2058 HOH HOH B . 
F 4 HOH 59  2059 2059 HOH HOH B . 
F 4 HOH 60  2060 2060 HOH HOH B . 
F 4 HOH 61  2061 2061 HOH HOH B . 
F 4 HOH 62  2062 2062 HOH HOH B . 
F 4 HOH 63  2063 2063 HOH HOH B . 
F 4 HOH 64  2064 2064 HOH HOH B . 
F 4 HOH 65  2065 2065 HOH HOH B . 
F 4 HOH 66  2066 2066 HOH HOH B . 
F 4 HOH 67  2067 2067 HOH HOH B . 
F 4 HOH 68  2068 2068 HOH HOH B . 
F 4 HOH 69  2069 2069 HOH HOH B . 
F 4 HOH 70  2070 2070 HOH HOH B . 
F 4 HOH 71  2071 2071 HOH HOH B . 
F 4 HOH 72  2072 2072 HOH HOH B . 
F 4 HOH 73  2073 2073 HOH HOH B . 
F 4 HOH 74  2074 2074 HOH HOH B . 
F 4 HOH 75  2075 2075 HOH HOH B . 
F 4 HOH 76  2076 2076 HOH HOH B . 
F 4 HOH 77  2077 2077 HOH HOH B . 
F 4 HOH 78  2078 2078 HOH HOH B . 
F 4 HOH 79  2079 2079 HOH HOH B . 
F 4 HOH 80  2080 2080 HOH HOH B . 
F 4 HOH 81  2081 2081 HOH HOH B . 
F 4 HOH 82  2082 2082 HOH HOH B . 
F 4 HOH 83  2083 2083 HOH HOH B . 
F 4 HOH 84  2084 2084 HOH HOH B . 
F 4 HOH 85  2085 2085 HOH HOH B . 
F 4 HOH 86  2086 2086 HOH HOH B . 
F 4 HOH 87  2087 2087 HOH HOH B . 
F 4 HOH 88  2088 2088 HOH HOH B . 
F 4 HOH 89  2089 2089 HOH HOH B . 
F 4 HOH 90  2090 2090 HOH HOH B . 
F 4 HOH 91  2091 2091 HOH HOH B . 
F 4 HOH 92  2092 2092 HOH HOH B . 
F 4 HOH 93  2093 2093 HOH HOH B . 
F 4 HOH 94  2094 2094 HOH HOH B . 
F 4 HOH 95  2095 2095 HOH HOH B . 
F 4 HOH 96  2096 2096 HOH HOH B . 
F 4 HOH 97  2097 2097 HOH HOH B . 
F 4 HOH 98  2098 2098 HOH HOH B . 
F 4 HOH 99  2099 2099 HOH HOH B . 
F 4 HOH 100 2100 2100 HOH HOH B . 
F 4 HOH 101 2101 2101 HOH HOH B . 
F 4 HOH 102 2102 2102 HOH HOH B . 
F 4 HOH 103 2103 2103 HOH HOH B . 
F 4 HOH 104 2104 2104 HOH HOH B . 
F 4 HOH 105 2105 2105 HOH HOH B . 
F 4 HOH 106 2106 2106 HOH HOH B . 
F 4 HOH 107 2107 2107 HOH HOH B . 
F 4 HOH 108 2108 2108 HOH HOH B . 
F 4 HOH 109 2109 2109 HOH HOH B . 
F 4 HOH 110 2110 2110 HOH HOH B . 
F 4 HOH 111 2111 2111 HOH HOH B . 
F 4 HOH 112 2112 2112 HOH HOH B . 
F 4 HOH 113 2113 2113 HOH HOH B . 
F 4 HOH 114 2114 2114 HOH HOH B . 
F 4 HOH 115 2115 2115 HOH HOH B . 
F 4 HOH 116 2116 2116 HOH HOH B . 
F 4 HOH 117 2117 2117 HOH HOH B . 
F 4 HOH 118 2118 2118 HOH HOH B . 
F 4 HOH 119 2119 2119 HOH HOH B . 
F 4 HOH 120 2120 2120 HOH HOH B . 
F 4 HOH 121 2121 2121 HOH HOH B . 
F 4 HOH 122 2122 2122 HOH HOH B . 
F 4 HOH 123 2123 2123 HOH HOH B . 
F 4 HOH 124 2124 2124 HOH HOH B . 
F 4 HOH 125 2125 2125 HOH HOH B . 
F 4 HOH 126 2126 2126 HOH HOH B . 
F 4 HOH 127 2127 2127 HOH HOH B . 
F 4 HOH 128 2128 2128 HOH HOH B . 
F 4 HOH 129 2129 2129 HOH HOH B . 
F 4 HOH 130 2130 2130 HOH HOH B . 
F 4 HOH 131 2131 2131 HOH HOH B . 
F 4 HOH 132 2132 2132 HOH HOH B . 
F 4 HOH 133 2133 2133 HOH HOH B . 
F 4 HOH 134 2134 2134 HOH HOH B . 
F 4 HOH 135 2135 2135 HOH HOH B . 
F 4 HOH 136 2136 2136 HOH HOH B . 
F 4 HOH 137 2137 2137 HOH HOH B . 
F 4 HOH 138 2138 2138 HOH HOH B . 
F 4 HOH 139 2139 2139 HOH HOH B . 
F 4 HOH 140 2140 2140 HOH HOH B . 
F 4 HOH 141 2141 2141 HOH HOH B . 
F 4 HOH 142 2142 2142 HOH HOH B . 
F 4 HOH 143 2143 2143 HOH HOH B . 
F 4 HOH 144 2144 2144 HOH HOH B . 
F 4 HOH 145 2145 2145 HOH HOH B . 
F 4 HOH 146 2146 2146 HOH HOH B . 
F 4 HOH 147 2147 2147 HOH HOH B . 
F 4 HOH 148 2148 2148 HOH HOH B . 
F 4 HOH 149 2149 2149 HOH HOH B . 
F 4 HOH 150 2150 2150 HOH HOH B . 
F 4 HOH 151 2151 2151 HOH HOH B . 
F 4 HOH 152 2152 2152 HOH HOH B . 
F 4 HOH 153 2153 2153 HOH HOH B . 
F 4 HOH 154 2154 2154 HOH HOH B . 
# 
loop_
_pdbx_unobs_or_zero_occ_atoms.id 
_pdbx_unobs_or_zero_occ_atoms.PDB_model_num 
_pdbx_unobs_or_zero_occ_atoms.polymer_flag 
_pdbx_unobs_or_zero_occ_atoms.occupancy_flag 
_pdbx_unobs_or_zero_occ_atoms.auth_asym_id 
_pdbx_unobs_or_zero_occ_atoms.auth_comp_id 
_pdbx_unobs_or_zero_occ_atoms.auth_seq_id 
_pdbx_unobs_or_zero_occ_atoms.PDB_ins_code 
_pdbx_unobs_or_zero_occ_atoms.auth_atom_id 
_pdbx_unobs_or_zero_occ_atoms.label_alt_id 
_pdbx_unobs_or_zero_occ_atoms.label_asym_id 
_pdbx_unobs_or_zero_occ_atoms.label_comp_id 
_pdbx_unobs_or_zero_occ_atoms.label_seq_id 
_pdbx_unobs_or_zero_occ_atoms.label_atom_id 
1 1 Y 1 A GLU 11 ? CG  ? A GLU 11 CG  
2 1 Y 1 A GLU 11 ? CD  ? A GLU 11 CD  
3 1 Y 1 A GLU 11 ? OE1 ? A GLU 11 OE1 
4 1 Y 1 A GLU 11 ? OE2 ? A GLU 11 OE2 
5 1 Y 1 B GLU 11 ? CG  ? B GLU 11 CG  
6 1 Y 1 B GLU 11 ? CD  ? B GLU 11 CD  
7 1 Y 1 B GLU 11 ? OE1 ? B GLU 11 OE1 
8 1 Y 1 B GLU 11 ? OE2 ? B GLU 11 OE2 
# 
loop_
_software.name 
_software.classification 
_software.version 
_software.citation_id 
_software.pdbx_ordinal 
_software.date 
_software.type 
_software.location 
_software.language 
REFMAC    refinement       . ? 1 ? ? ? ? 
DENZO     'data reduction' . ? 2 ? ? ? ? 
SCALEPACK 'data scaling'   . ? 3 ? ? ? ? 
SOLVE     phasing          . ? 4 ? ? ? ? 
# 
_cell.entry_id           1GYX 
_cell.length_a           44.566 
_cell.length_b           46.525 
_cell.length_c           75.724 
_cell.angle_alpha        90.00 
_cell.angle_beta         90.00 
_cell.angle_gamma        90.00 
_cell.Z_PDB              8 
_cell.pdbx_unique_axis   ? 
# 
_symmetry.entry_id                         1GYX 
_symmetry.space_group_name_H-M             'P 21 21 21' 
_symmetry.pdbx_full_space_group_name_H-M   ? 
_symmetry.cell_setting                     ? 
_symmetry.Int_Tables_number                19 
# 
_exptl.entry_id          1GYX 
_exptl.method            'X-RAY DIFFRACTION' 
_exptl.crystals_number   1 
# 
_exptl_crystal.id                    1 
_exptl_crystal.density_meas          ? 
_exptl_crystal.density_Matthews      2.87 
_exptl_crystal.density_percent_sol   56.8 
_exptl_crystal.description           ? 
_exptl_crystal.preparation           ? 
# 
_exptl_crystal_grow.crystal_id      1 
_exptl_crystal_grow.method          'VAPOR DIFFUSION, SITTING DROP' 
_exptl_crystal_grow.temp            277 
_exptl_crystal_grow.temp_details    ? 
_exptl_crystal_grow.pH              6.50 
_exptl_crystal_grow.pdbx_pH_range   ? 
_exptl_crystal_grow.pdbx_details    
'PROTEIN: 25MG/ML IN 50MM HEPES, PH 7.3, 4 CELCIUS SITTING DROP: MIX 15UL PROTEIN WITH 5UL 40% SODIUM CITRATE PH 6.5' 
# 
_diffrn.id                               1 
_diffrn.ambient_temp                     110.0 
_diffrn.ambient_temp_details             ? 
_diffrn.crystal_id                       1 
_diffrn.pdbx_serial_crystal_experiment   ? 
# 
_diffrn_detector.diffrn_id              1 
_diffrn_detector.detector               'IMAGE PLATE' 
_diffrn_detector.type                   'RIGAKU IMAGE PLATE' 
_diffrn_detector.pdbx_collection_date   2000-10-15 
_diffrn_detector.details                MIRRORS 
# 
_diffrn_radiation.diffrn_id                        1 
_diffrn_radiation.wavelength_id                    1 
_diffrn_radiation.pdbx_monochromatic_or_laue_m_l   M 
_diffrn_radiation.monochromator                    ? 
_diffrn_radiation.pdbx_diffrn_protocol             'SINGLE WAVELENGTH' 
_diffrn_radiation.pdbx_scattering_type             x-ray 
# 
_diffrn_radiation_wavelength.id           1 
_diffrn_radiation_wavelength.wavelength   1.5418 
_diffrn_radiation_wavelength.wt           1.0 
# 
_diffrn_source.diffrn_id                   1 
_diffrn_source.source                      'ROTATING ANODE' 
_diffrn_source.type                        'RIGAKU RU200' 
_diffrn_source.pdbx_synchrotron_site       ? 
_diffrn_source.pdbx_synchrotron_beamline   ? 
_diffrn_source.pdbx_wavelength             1.5418 
_diffrn_source.pdbx_wavelength_list        ? 
# 
_reflns.pdbx_diffrn_id               1 
_reflns.pdbx_ordinal                 1 
_reflns.entry_id                     1GYX 
_reflns.observed_criterion_sigma_I   2.000 
_reflns.observed_criterion_sigma_F   ? 
_reflns.d_resolution_low             25.000 
_reflns.d_resolution_high            1.350 
_reflns.number_obs                   35377 
_reflns.number_all                   ? 
_reflns.percent_possible_obs         87.4 
_reflns.pdbx_Rmerge_I_obs            0.03600 
_reflns.pdbx_Rsym_value              ? 
_reflns.pdbx_netI_over_sigmaI        24.7000 
_reflns.B_iso_Wilson_estimate        ? 
_reflns.pdbx_redundancy              2.500 
# 
_reflns_shell.pdbx_diffrn_id         1 
_reflns_shell.pdbx_ordinal           1 
_reflns_shell.d_res_high             1.35 
_reflns_shell.d_res_low              1.39 
_reflns_shell.percent_possible_all   33.0 
_reflns_shell.Rmerge_I_obs           0.17500 
_reflns_shell.pdbx_Rsym_value        ? 
_reflns_shell.meanI_over_sigI_obs    3.800 
_reflns_shell.pdbx_redundancy        1.00 
# 
_refine.pdbx_refine_id                           'X-RAY DIFFRACTION' 
_refine.entry_id                                 1GYX 
_refine.pdbx_diffrn_id                           1 
_refine.pdbx_TLS_residual_ADP_flag               ? 
_refine.ls_number_reflns_obs                     35377 
_refine.ls_number_reflns_all                     ? 
_refine.pdbx_ls_sigma_I                          ? 
_refine.pdbx_ls_sigma_F                          ? 
_refine.pdbx_data_cutoff_high_absF               ? 
_refine.pdbx_data_cutoff_low_absF                ? 
_refine.pdbx_data_cutoff_high_rms_absF           ? 
_refine.ls_d_res_low                             25 
_refine.ls_d_res_high                            1.35 
_refine.ls_percent_reflns_obs                    87.4 
_refine.ls_R_factor_obs                          ? 
_refine.ls_R_factor_all                          ? 
_refine.ls_R_factor_R_work                       0.142 
_refine.ls_R_factor_R_free                       0.164 
_refine.ls_R_factor_R_free_error                 ? 
_refine.ls_R_factor_R_free_error_details         ? 
_refine.ls_percent_reflns_R_free                 2.7 
_refine.ls_number_reflns_R_free                  979 
_refine.ls_number_parameters                     ? 
_refine.ls_number_restraints                     ? 
_refine.occupancy_min                            ? 
_refine.occupancy_max                            ? 
_refine.correlation_coeff_Fo_to_Fc               ? 
_refine.correlation_coeff_Fo_to_Fc_free          ? 
_refine.B_iso_mean                               8.7 
_refine.aniso_B[1][1]                            ? 
_refine.aniso_B[2][2]                            ? 
_refine.aniso_B[3][3]                            ? 
_refine.aniso_B[1][2]                            ? 
_refine.aniso_B[1][3]                            ? 
_refine.aniso_B[2][3]                            ? 
_refine.solvent_model_details                    ? 
_refine.solvent_model_param_ksol                 ? 
_refine.solvent_model_param_bsol                 ? 
_refine.pdbx_solvent_vdw_probe_radii             ? 
_refine.pdbx_solvent_ion_probe_radii             ? 
_refine.pdbx_solvent_shrinkage_radii             ? 
_refine.pdbx_ls_cross_valid_method               THROUGHOUT 
_refine.details                                  ? 
_refine.pdbx_starting_model                      ? 
_refine.pdbx_method_to_determine_struct          MIR 
_refine.pdbx_isotropic_thermal_model             ? 
_refine.pdbx_stereochemistry_target_values       ? 
_refine.pdbx_stereochem_target_val_spec_case     ? 
_refine.pdbx_R_Free_selection_details            RANDOM 
_refine.pdbx_overall_ESU_R                       0.063 
_refine.pdbx_overall_ESU_R_Free                  0.052 
_refine.overall_SU_ML                            0.412 
_refine.pdbx_overall_phase_error                 ? 
_refine.overall_SU_B                             0.1040 
_refine.overall_SU_R_Cruickshank_DPI             ? 
_refine.pdbx_overall_SU_R_free_Cruickshank_DPI   ? 
_refine.pdbx_overall_SU_R_Blow_DPI               ? 
_refine.pdbx_overall_SU_R_free_Blow_DPI          ? 
# 
_refine_hist.pdbx_refine_id                   'X-RAY DIFFRACTION' 
_refine_hist.cycle_id                         LAST 
_refine_hist.pdbx_number_atoms_protein        1192 
_refine_hist.pdbx_number_atoms_nucleic_acid   0 
_refine_hist.pdbx_number_atoms_ligand         24 
_refine_hist.number_atoms_solvent             304 
_refine_hist.number_atoms_total               1520 
_refine_hist.d_res_high                       1.35 
_refine_hist.d_res_low                        25 
# 
_struct_ncs_oper.id             1 
_struct_ncs_oper.code           given 
_struct_ncs_oper.details        ? 
_struct_ncs_oper.matrix[1][1]   0.37774600 
_struct_ncs_oper.matrix[1][2]   -0.38673770 
_struct_ncs_oper.matrix[1][3]   0.84127321 
_struct_ncs_oper.matrix[2][1]   -0.37344958 
_struct_ncs_oper.matrix[2][2]   -0.89504744 
_struct_ncs_oper.matrix[2][3]   -0.24377305 
_struct_ncs_oper.matrix[3][1]   0.84725626 
_struct_ncs_oper.matrix[3][2]   -0.22208904 
_struct_ncs_oper.matrix[3][3]   -0.48252757 
_struct_ncs_oper.vector[1]      -0.08023 
_struct_ncs_oper.vector[2]      -0.33343 
_struct_ncs_oper.vector[3]      -0.10850 
# 
_struct.entry_id                  1GYX 
_struct.title                     
;The Crystal Structure of YdcE, a 4-Oxalocrotonate Tautomerase Homologue from Escherichia coli, Confirms the Structural Basis for Oligomer Diversity
;
_struct.pdbx_model_details        ? 
_struct.pdbx_CASP_flag            ? 
_struct.pdbx_model_type_details   ? 
# 
_struct_keywords.entry_id        1GYX 
_struct_keywords.pdbx_keywords   ISOMERASE 
_struct_keywords.text            'TAUTOMERASE, ISOMERASE, HYPOTHETICAL PROTEIN, COMPLETE PROTEO' 
# 
loop_
_struct_asym.id 
_struct_asym.pdbx_blank_PDB_chainid_flag 
_struct_asym.pdbx_modified 
_struct_asym.entity_id 
_struct_asym.details 
A N N 1 ? 
B N N 1 ? 
C N N 2 ? 
D N N 3 ? 
E N N 4 ? 
F N N 4 ? 
# 
_struct_ref.id                         1 
_struct_ref.db_name                    UNP 
_struct_ref.db_code                    YDCE_ECOLI 
_struct_ref.entity_id                  1 
_struct_ref.pdbx_seq_one_letter_code   ? 
_struct_ref.pdbx_align_begin           ? 
_struct_ref.pdbx_db_accession          P31992 
_struct_ref.pdbx_db_isoform            ? 
# 
loop_
_struct_ref_seq.align_id 
_struct_ref_seq.ref_id 
_struct_ref_seq.pdbx_PDB_id_code 
_struct_ref_seq.pdbx_strand_id 
_struct_ref_seq.seq_align_beg 
_struct_ref_seq.pdbx_seq_align_beg_ins_code 
_struct_ref_seq.seq_align_end 
_struct_ref_seq.pdbx_seq_align_end_ins_code 
_struct_ref_seq.pdbx_db_accession 
_struct_ref_seq.db_align_beg 
_struct_ref_seq.pdbx_db_align_beg_ins_code 
_struct_ref_seq.db_align_end 
_struct_ref_seq.pdbx_db_align_end_ins_code 
_struct_ref_seq.pdbx_auth_seq_align_beg 
_struct_ref_seq.pdbx_auth_seq_align_end 
1 1 1GYX A 1 ? 76 ? P31992 2 ? 77 ? 1 76 
2 1 1GYX B 1 ? 76 ? P31992 2 ? 77 ? 1 76 
# 
_pdbx_struct_assembly.id                   1 
_pdbx_struct_assembly.details              author_and_software_defined_assembly 
_pdbx_struct_assembly.method_details       PQS 
_pdbx_struct_assembly.oligomeric_details   dimeric 
_pdbx_struct_assembly.oligomeric_count     2 
# 
_pdbx_struct_assembly_gen.assembly_id       1 
_pdbx_struct_assembly_gen.oper_expression   1 
_pdbx_struct_assembly_gen.asym_id_list      A,B,C,D,E,F 
# 
_pdbx_struct_oper_list.id                   1 
_pdbx_struct_oper_list.type                 'identity operation' 
_pdbx_struct_oper_list.name                 1_555 
_pdbx_struct_oper_list.symmetry_operation   x,y,z 
_pdbx_struct_oper_list.matrix[1][1]         1.0000000000 
_pdbx_struct_oper_list.matrix[1][2]         0.0000000000 
_pdbx_struct_oper_list.matrix[1][3]         0.0000000000 
_pdbx_struct_oper_list.vector[1]            0.0000000000 
_pdbx_struct_oper_list.matrix[2][1]         0.0000000000 
_pdbx_struct_oper_list.matrix[2][2]         1.0000000000 
_pdbx_struct_oper_list.matrix[2][3]         0.0000000000 
_pdbx_struct_oper_list.vector[2]            0.0000000000 
_pdbx_struct_oper_list.matrix[3][1]         0.0000000000 
_pdbx_struct_oper_list.matrix[3][2]         0.0000000000 
_pdbx_struct_oper_list.matrix[3][3]         1.0000000000 
_pdbx_struct_oper_list.vector[3]            0.0000000000 
# 
loop_
_struct_conf.conf_type_id 
_struct_conf.id 
_struct_conf.pdbx_PDB_helix_id 
_struct_conf.beg_label_comp_id 
_struct_conf.beg_label_asym_id 
_struct_conf.beg_label_seq_id 
_struct_conf.pdbx_beg_PDB_ins_code 
_struct_conf.end_label_comp_id 
_struct_conf.end_label_asym_id 
_struct_conf.end_label_seq_id 
_struct_conf.pdbx_end_PDB_ins_code 
_struct_conf.beg_auth_comp_id 
_struct_conf.beg_auth_asym_id 
_struct_conf.beg_auth_seq_id 
_struct_conf.end_auth_comp_id 
_struct_conf.end_auth_asym_id 
_struct_conf.end_auth_seq_id 
_struct_conf.pdbx_PDB_helix_class 
_struct_conf.details 
_struct_conf.pdbx_PDB_helix_length 
HELX_P HELX_P1 1 ASP A 13 ? ASN A 33 ? ASP A 13 ASN A 33 1 ? 21 
HELX_P HELX_P2 2 LYS A 35 ? ILE A 39 ? LYS A 35 ILE A 39 5 ? 5  
HELX_P HELX_P3 3 GLN A 47 ? GLU A 49 ? GLN A 47 GLU A 49 5 ? 3  
HELX_P HELX_P4 4 SER A 50 ? GLU A 58 ? SER A 50 GLU A 58 1 ? 9  
HELX_P HELX_P5 5 ASP B 13 ? ASN B 33 ? ASP B 13 ASN B 33 1 ? 21 
HELX_P HELX_P6 6 LYS B 35 ? ILE B 39 ? LYS B 35 ILE B 39 5 ? 5  
HELX_P HELX_P7 7 GLN B 47 ? GLU B 49 ? GLN B 47 GLU B 49 5 ? 3  
HELX_P HELX_P8 8 SER B 50 ? ILE B 59 ? SER B 50 ILE B 59 1 ? 10 
HELX_P HELX_P9 9 ALA B 60 ? LEU B 66 ? ALA B 60 LEU B 66 5 ? 7  
# 
_struct_conf_type.id          HELX_P 
_struct_conf_type.criteria    ? 
_struct_conf_type.reference   ? 
# 
_struct_sheet.id               AA 
_struct_sheet.type             ? 
_struct_sheet.number_strands   4 
_struct_sheet.details          ? 
# 
loop_
_struct_sheet_order.sheet_id 
_struct_sheet_order.range_id_1 
_struct_sheet_order.range_id_2 
_struct_sheet_order.offset 
_struct_sheet_order.sense 
AA 1 2 ? parallel      
AA 2 3 ? anti-parallel 
AA 3 4 ? parallel      
# 
loop_
_struct_sheet_range.sheet_id 
_struct_sheet_range.id 
_struct_sheet_range.beg_label_comp_id 
_struct_sheet_range.beg_label_asym_id 
_struct_sheet_range.beg_label_seq_id 
_struct_sheet_range.pdbx_beg_PDB_ins_code 
_struct_sheet_range.end_label_comp_id 
_struct_sheet_range.end_label_asym_id 
_struct_sheet_range.end_label_seq_id 
_struct_sheet_range.pdbx_end_PDB_ins_code 
_struct_sheet_range.beg_auth_comp_id 
_struct_sheet_range.beg_auth_asym_id 
_struct_sheet_range.beg_auth_seq_id 
_struct_sheet_range.end_auth_comp_id 
_struct_sheet_range.end_auth_asym_id 
_struct_sheet_range.end_auth_seq_id 
AA 1 SER A 40 ? GLN A 45 ? SER A 40 GLN A 45 
AA 2 HIS A 2  ? CYS A 7  ? HIS A 2  CYS A 7  
AA 3 HIS B 2  ? CYS B 7  ? HIS B 2  CYS B 7  
AA 4 SER B 40 ? GLN B 45 ? SER B 40 GLN B 45 
# 
loop_
_pdbx_struct_sheet_hbond.sheet_id 
_pdbx_struct_sheet_hbond.range_id_1 
_pdbx_struct_sheet_hbond.range_id_2 
_pdbx_struct_sheet_hbond.range_1_label_atom_id 
_pdbx_struct_sheet_hbond.range_1_label_comp_id 
_pdbx_struct_sheet_hbond.range_1_label_asym_id 
_pdbx_struct_sheet_hbond.range_1_label_seq_id 
_pdbx_struct_sheet_hbond.range_1_PDB_ins_code 
_pdbx_struct_sheet_hbond.range_1_auth_atom_id 
_pdbx_struct_sheet_hbond.range_1_auth_comp_id 
_pdbx_struct_sheet_hbond.range_1_auth_asym_id 
_pdbx_struct_sheet_hbond.range_1_auth_seq_id 
_pdbx_struct_sheet_hbond.range_2_label_atom_id 
_pdbx_struct_sheet_hbond.range_2_label_comp_id 
_pdbx_struct_sheet_hbond.range_2_label_asym_id 
_pdbx_struct_sheet_hbond.range_2_label_seq_id 
_pdbx_struct_sheet_hbond.range_2_PDB_ins_code 
_pdbx_struct_sheet_hbond.range_2_auth_atom_id 
_pdbx_struct_sheet_hbond.range_2_auth_comp_id 
_pdbx_struct_sheet_hbond.range_2_auth_asym_id 
_pdbx_struct_sheet_hbond.range_2_auth_seq_id 
AA 1 2 N ALA A 42 ? N ALA A 42 O ILE A 3  ? O ILE A 3  
AA 2 3 N LYS A 6  ? N LYS A 6  O HIS B 2  ? O HIS B 2  
AA 3 4 N ILE B 3  ? N ILE B 3  O SER B 40 ? O SER B 40 
# 
loop_
_struct_site.id 
_struct_site.pdbx_evidence_code 
_struct_site.pdbx_auth_asym_id 
_struct_site.pdbx_auth_comp_id 
_struct_site.pdbx_auth_seq_id 
_struct_site.pdbx_auth_ins_code 
_struct_site.pdbx_num_residues 
_struct_site.details 
AC1 Software ? ? ? ? 9  'BINDING SITE FOR RESIDUE BEZ A1077' 
AC2 Software ? ? ? ? 13 'BINDING SITE FOR RESIDUE EPE B1077' 
# 
loop_
_struct_site_gen.id 
_struct_site_gen.site_id 
_struct_site_gen.pdbx_num_res 
_struct_site_gen.label_comp_id 
_struct_site_gen.label_asym_id 
_struct_site_gen.label_seq_id 
_struct_site_gen.pdbx_auth_ins_code 
_struct_site_gen.auth_comp_id 
_struct_site_gen.auth_asym_id 
_struct_site_gen.auth_seq_id 
_struct_site_gen.label_atom_id 
_struct_site_gen.label_alt_id 
_struct_site_gen.symmetry 
_struct_site_gen.details 
1  AC1 9  CYS A 7  ? CYS A 7    . ? 1_555 ? 
2  AC1 9  PHE A 8  ? PHE A 8    . ? 1_555 ? 
3  AC1 9  ARG A 10 ? ARG A 10   . ? 1_555 ? 
4  AC1 9  TRP A 51 ? TRP A 51   . ? 1_555 ? 
5  AC1 9  TYR A 72 ? TYR A 72   . ? 1_555 ? 
6  AC1 9  HOH E .  ? HOH A 2149 . ? 1_555 ? 
7  AC1 9  HOH E .  ? HOH A 2150 . ? 1_555 ? 
8  AC1 9  PRO B 1  ? PRO B 1    . ? 1_555 ? 
9  AC1 9  SER B 38 ? SER B 38   . ? 1_555 ? 
10 AC2 13 PRO A 1  ? PRO A 1    . ? 1_555 ? 
11 AC2 13 SER A 38 ? SER A 38   . ? 1_555 ? 
12 AC2 13 TYR A 72 ? TYR A 72   . ? 1_555 ? 
13 AC2 13 MET A 74 ? MET A 74   . ? 1_555 ? 
14 AC2 13 CYS B 7  ? CYS B 7    . ? 1_555 ? 
15 AC2 13 PHE B 8  ? PHE B 8    . ? 1_555 ? 
16 AC2 13 ARG B 10 ? ARG B 10   . ? 1_555 ? 
17 AC2 13 TRP B 51 ? TRP B 51   . ? 1_555 ? 
18 AC2 13 TYR B 72 ? TYR B 72   . ? 1_555 ? 
19 AC2 13 HOH F .  ? HOH B 2151 . ? 1_555 ? 
20 AC2 13 HOH F .  ? HOH B 2152 . ? 1_555 ? 
21 AC2 13 HOH F .  ? HOH B 2153 . ? 1_555 ? 
22 AC2 13 HOH F .  ? HOH B 2154 . ? 1_555 ? 
# 
loop_
_pdbx_validate_rmsd_angle.id 
_pdbx_validate_rmsd_angle.PDB_model_num 
_pdbx_validate_rmsd_angle.auth_atom_id_1 
_pdbx_validate_rmsd_angle.auth_asym_id_1 
_pdbx_validate_rmsd_angle.auth_comp_id_1 
_pdbx_validate_rmsd_angle.auth_seq_id_1 
_pdbx_validate_rmsd_angle.PDB_ins_code_1 
_pdbx_validate_rmsd_angle.label_alt_id_1 
_pdbx_validate_rmsd_angle.auth_atom_id_2 
_pdbx_validate_rmsd_angle.auth_asym_id_2 
_pdbx_validate_rmsd_angle.auth_comp_id_2 
_pdbx_validate_rmsd_angle.auth_seq_id_2 
_pdbx_validate_rmsd_angle.PDB_ins_code_2 
_pdbx_validate_rmsd_angle.label_alt_id_2 
_pdbx_validate_rmsd_angle.auth_atom_id_3 
_pdbx_validate_rmsd_angle.auth_asym_id_3 
_pdbx_validate_rmsd_angle.auth_comp_id_3 
_pdbx_validate_rmsd_angle.auth_seq_id_3 
_pdbx_validate_rmsd_angle.PDB_ins_code_3 
_pdbx_validate_rmsd_angle.label_alt_id_3 
_pdbx_validate_rmsd_angle.angle_value 
_pdbx_validate_rmsd_angle.angle_target_value 
_pdbx_validate_rmsd_angle.angle_deviation 
_pdbx_validate_rmsd_angle.angle_standard_deviation 
_pdbx_validate_rmsd_angle.linker_flag 
1 1 NE A ARG 10 ? ? CZ A ARG 10 ? ? NH1 A ARG 10 ? ? 128.76 120.30 8.46  0.50 N 
2 1 NE A ARG 10 ? ? CZ A ARG 10 ? ? NH2 A ARG 10 ? ? 115.86 120.30 -4.44 0.50 N 
3 1 NE A ARG 30 ? ? CZ A ARG 30 ? ? NH2 A ARG 30 ? ? 116.26 120.30 -4.04 0.50 N 
4 1 NE B ARG 10 ? ? CZ B ARG 10 ? ? NH2 B ARG 10 ? ? 124.84 120.30 4.54  0.50 N 
5 1 NE B ARG 30 ? ? CZ B ARG 30 ? ? NH1 B ARG 30 ? ? 123.89 120.30 3.59  0.50 N 
6 1 NE B ARG 30 ? ? CZ B ARG 30 ? ? NH2 B ARG 30 ? ? 114.70 120.30 -5.60 0.50 N 
7 1 CA B GLN 62 ? ? CB B GLN 62 ? ? CG  B GLN 62 ? ? 128.33 113.40 14.93 2.20 N 
# 
loop_
_pdbx_validate_torsion.id 
_pdbx_validate_torsion.PDB_model_num 
_pdbx_validate_torsion.auth_comp_id 
_pdbx_validate_torsion.auth_asym_id 
_pdbx_validate_torsion.auth_seq_id 
_pdbx_validate_torsion.PDB_ins_code 
_pdbx_validate_torsion.label_alt_id 
_pdbx_validate_torsion.phi 
_pdbx_validate_torsion.psi 
1 1 ILE B 59 ? ? -101.01 -62.65 
2 1 ILE B 59 ? ? -100.76 -62.65 
# 
_pdbx_validate_main_chain_plane.id                       1 
_pdbx_validate_main_chain_plane.PDB_model_num            1 
_pdbx_validate_main_chain_plane.auth_comp_id             GLU 
_pdbx_validate_main_chain_plane.auth_asym_id             B 
_pdbx_validate_main_chain_plane.auth_seq_id              58 
_pdbx_validate_main_chain_plane.PDB_ins_code             ? 
_pdbx_validate_main_chain_plane.label_alt_id             B 
_pdbx_validate_main_chain_plane.improper_torsion_angle   17.92 
# 
loop_
_chem_comp_atom.comp_id 
_chem_comp_atom.atom_id 
_chem_comp_atom.type_symbol 
_chem_comp_atom.pdbx_aromatic_flag 
_chem_comp_atom.pdbx_stereo_config 
_chem_comp_atom.pdbx_ordinal 
ALA N    N N N 1   
ALA CA   C N S 2   
ALA C    C N N 3   
ALA O    O N N 4   
ALA CB   C N N 5   
ALA OXT  O N N 6   
ALA H    H N N 7   
ALA H2   H N N 8   
ALA HA   H N N 9   
ALA HB1  H N N 10  
ALA HB2  H N N 11  
ALA HB3  H N N 12  
ALA HXT  H N N 13  
ARG N    N N N 14  
ARG CA   C N S 15  
ARG C    C N N 16  
ARG O    O N N 17  
ARG CB   C N N 18  
ARG CG   C N N 19  
ARG CD   C N N 20  
ARG NE   N N N 21  
ARG CZ   C N N 22  
ARG NH1  N N N 23  
ARG NH2  N N N 24  
ARG OXT  O N N 25  
ARG H    H N N 26  
ARG H2   H N N 27  
ARG HA   H N N 28  
ARG HB2  H N N 29  
ARG HB3  H N N 30  
ARG HG2  H N N 31  
ARG HG3  H N N 32  
ARG HD2  H N N 33  
ARG HD3  H N N 34  
ARG HE   H N N 35  
ARG HH11 H N N 36  
ARG HH12 H N N 37  
ARG HH21 H N N 38  
ARG HH22 H N N 39  
ARG HXT  H N N 40  
ASN N    N N N 41  
ASN CA   C N S 42  
ASN C    C N N 43  
ASN O    O N N 44  
ASN CB   C N N 45  
ASN CG   C N N 46  
ASN OD1  O N N 47  
ASN ND2  N N N 48  
ASN OXT  O N N 49  
ASN H    H N N 50  
ASN H2   H N N 51  
ASN HA   H N N 52  
ASN HB2  H N N 53  
ASN HB3  H N N 54  
ASN HD21 H N N 55  
ASN HD22 H N N 56  
ASN HXT  H N N 57  
ASP N    N N N 58  
ASP CA   C N S 59  
ASP C    C N N 60  
ASP O    O N N 61  
ASP CB   C N N 62  
ASP CG   C N N 63  
ASP OD1  O N N 64  
ASP OD2  O N N 65  
ASP OXT  O N N 66  
ASP H    H N N 67  
ASP H2   H N N 68  
ASP HA   H N N 69  
ASP HB2  H N N 70  
ASP HB3  H N N 71  
ASP HD2  H N N 72  
ASP HXT  H N N 73  
BEZ C    C N N 74  
BEZ O1   O N N 75  
BEZ O2   O N N 76  
BEZ C1   C Y N 77  
BEZ C2   C Y N 78  
BEZ C3   C Y N 79  
BEZ C4   C Y N 80  
BEZ C5   C Y N 81  
BEZ C6   C Y N 82  
BEZ HO2  H N N 83  
BEZ H2   H N N 84  
BEZ H3   H N N 85  
BEZ H4   H N N 86  
BEZ H5   H N N 87  
BEZ H6   H N N 88  
CYS N    N N N 89  
CYS CA   C N R 90  
CYS C    C N N 91  
CYS O    O N N 92  
CYS CB   C N N 93  
CYS SG   S N N 94  
CYS OXT  O N N 95  
CYS H    H N N 96  
CYS H2   H N N 97  
CYS HA   H N N 98  
CYS HB2  H N N 99  
CYS HB3  H N N 100 
CYS HG   H N N 101 
CYS HXT  H N N 102 
EPE N1   N N N 103 
EPE C2   C N N 104 
EPE C3   C N N 105 
EPE N4   N N N 106 
EPE C5   C N N 107 
EPE C6   C N N 108 
EPE C7   C N N 109 
EPE C8   C N N 110 
EPE O8   O N N 111 
EPE C9   C N N 112 
EPE C10  C N N 113 
EPE S    S N N 114 
EPE O1S  O N N 115 
EPE O2S  O N N 116 
EPE O3S  O N N 117 
EPE H21  H N N 118 
EPE H22  H N N 119 
EPE H31  H N N 120 
EPE H32  H N N 121 
EPE H51  H N N 122 
EPE H52  H N N 123 
EPE H61  H N N 124 
EPE H62  H N N 125 
EPE H71  H N N 126 
EPE H72  H N N 127 
EPE H81  H N N 128 
EPE H82  H N N 129 
EPE HO8  H N N 130 
EPE H91  H N N 131 
EPE H92  H N N 132 
EPE H101 H N N 133 
EPE H102 H N N 134 
EPE HOS3 H N N 135 
GLN N    N N N 136 
GLN CA   C N S 137 
GLN C    C N N 138 
GLN O    O N N 139 
GLN CB   C N N 140 
GLN CG   C N N 141 
GLN CD   C N N 142 
GLN OE1  O N N 143 
GLN NE2  N N N 144 
GLN OXT  O N N 145 
GLN H    H N N 146 
GLN H2   H N N 147 
GLN HA   H N N 148 
GLN HB2  H N N 149 
GLN HB3  H N N 150 
GLN HG2  H N N 151 
GLN HG3  H N N 152 
GLN HE21 H N N 153 
GLN HE22 H N N 154 
GLN HXT  H N N 155 
GLU N    N N N 156 
GLU CA   C N S 157 
GLU C    C N N 158 
GLU O    O N N 159 
GLU CB   C N N 160 
GLU CG   C N N 161 
GLU CD   C N N 162 
GLU OE1  O N N 163 
GLU OE2  O N N 164 
GLU OXT  O N N 165 
GLU H    H N N 166 
GLU H2   H N N 167 
GLU HA   H N N 168 
GLU HB2  H N N 169 
GLU HB3  H N N 170 
GLU HG2  H N N 171 
GLU HG3  H N N 172 
GLU HE2  H N N 173 
GLU HXT  H N N 174 
GLY N    N N N 175 
GLY CA   C N N 176 
GLY C    C N N 177 
GLY O    O N N 178 
GLY OXT  O N N 179 
GLY H    H N N 180 
GLY H2   H N N 181 
GLY HA2  H N N 182 
GLY HA3  H N N 183 
GLY HXT  H N N 184 
HIS N    N N N 185 
HIS CA   C N S 186 
HIS C    C N N 187 
HIS O    O N N 188 
HIS CB   C N N 189 
HIS CG   C Y N 190 
HIS ND1  N Y N 191 
HIS CD2  C Y N 192 
HIS CE1  C Y N 193 
HIS NE2  N Y N 194 
HIS OXT  O N N 195 
HIS H    H N N 196 
HIS H2   H N N 197 
HIS HA   H N N 198 
HIS HB2  H N N 199 
HIS HB3  H N N 200 
HIS HD1  H N N 201 
HIS HD2  H N N 202 
HIS HE1  H N N 203 
HIS HE2  H N N 204 
HIS HXT  H N N 205 
HOH O    O N N 206 
HOH H1   H N N 207 
HOH H2   H N N 208 
ILE N    N N N 209 
ILE CA   C N S 210 
ILE C    C N N 211 
ILE O    O N N 212 
ILE CB   C N S 213 
ILE CG1  C N N 214 
ILE CG2  C N N 215 
ILE CD1  C N N 216 
ILE OXT  O N N 217 
ILE H    H N N 218 
ILE H2   H N N 219 
ILE HA   H N N 220 
ILE HB   H N N 221 
ILE HG12 H N N 222 
ILE HG13 H N N 223 
ILE HG21 H N N 224 
ILE HG22 H N N 225 
ILE HG23 H N N 226 
ILE HD11 H N N 227 
ILE HD12 H N N 228 
ILE HD13 H N N 229 
ILE HXT  H N N 230 
LEU N    N N N 231 
LEU CA   C N S 232 
LEU C    C N N 233 
LEU O    O N N 234 
LEU CB   C N N 235 
LEU CG   C N N 236 
LEU CD1  C N N 237 
LEU CD2  C N N 238 
LEU OXT  O N N 239 
LEU H    H N N 240 
LEU H2   H N N 241 
LEU HA   H N N 242 
LEU HB2  H N N 243 
LEU HB3  H N N 244 
LEU HG   H N N 245 
LEU HD11 H N N 246 
LEU HD12 H N N 247 
LEU HD13 H N N 248 
LEU HD21 H N N 249 
LEU HD22 H N N 250 
LEU HD23 H N N 251 
LEU HXT  H N N 252 
LYS N    N N N 253 
LYS CA   C N S 254 
LYS C    C N N 255 
LYS O    O N N 256 
LYS CB   C N N 257 
LYS CG   C N N 258 
LYS CD   C N N 259 
LYS CE   C N N 260 
LYS NZ   N N N 261 
LYS OXT  O N N 262 
LYS H    H N N 263 
LYS H2   H N N 264 
LYS HA   H N N 265 
LYS HB2  H N N 266 
LYS HB3  H N N 267 
LYS HG2  H N N 268 
LYS HG3  H N N 269 
LYS HD2  H N N 270 
LYS HD3  H N N 271 
LYS HE2  H N N 272 
LYS HE3  H N N 273 
LYS HZ1  H N N 274 
LYS HZ2  H N N 275 
LYS HZ3  H N N 276 
LYS HXT  H N N 277 
MET N    N N N 278 
MET CA   C N S 279 
MET C    C N N 280 
MET O    O N N 281 
MET CB   C N N 282 
MET CG   C N N 283 
MET SD   S N N 284 
MET CE   C N N 285 
MET OXT  O N N 286 
MET H    H N N 287 
MET H2   H N N 288 
MET HA   H N N 289 
MET HB2  H N N 290 
MET HB3  H N N 291 
MET HG2  H N N 292 
MET HG3  H N N 293 
MET HE1  H N N 294 
MET HE2  H N N 295 
MET HE3  H N N 296 
MET HXT  H N N 297 
PHE N    N N N 298 
PHE CA   C N S 299 
PHE C    C N N 300 
PHE O    O N N 301 
PHE CB   C N N 302 
PHE CG   C Y N 303 
PHE CD1  C Y N 304 
PHE CD2  C Y N 305 
PHE CE1  C Y N 306 
PHE CE2  C Y N 307 
PHE CZ   C Y N 308 
PHE OXT  O N N 309 
PHE H    H N N 310 
PHE H2   H N N 311 
PHE HA   H N N 312 
PHE HB2  H N N 313 
PHE HB3  H N N 314 
PHE HD1  H N N 315 
PHE HD2  H N N 316 
PHE HE1  H N N 317 
PHE HE2  H N N 318 
PHE HZ   H N N 319 
PHE HXT  H N N 320 
PRO N    N N N 321 
PRO CA   C N S 322 
PRO C    C N N 323 
PRO O    O N N 324 
PRO CB   C N N 325 
PRO CG   C N N 326 
PRO CD   C N N 327 
PRO OXT  O N N 328 
PRO H    H N N 329 
PRO HA   H N N 330 
PRO HB2  H N N 331 
PRO HB3  H N N 332 
PRO HG2  H N N 333 
PRO HG3  H N N 334 
PRO HD2  H N N 335 
PRO HD3  H N N 336 
PRO HXT  H N N 337 
SER N    N N N 338 
SER CA   C N S 339 
SER C    C N N 340 
SER O    O N N 341 
SER CB   C N N 342 
SER OG   O N N 343 
SER OXT  O N N 344 
SER H    H N N 345 
SER H2   H N N 346 
SER HA   H N N 347 
SER HB2  H N N 348 
SER HB3  H N N 349 
SER HG   H N N 350 
SER HXT  H N N 351 
THR N    N N N 352 
THR CA   C N S 353 
THR C    C N N 354 
THR O    O N N 355 
THR CB   C N R 356 
THR OG1  O N N 357 
THR CG2  C N N 358 
THR OXT  O N N 359 
THR H    H N N 360 
THR H2   H N N 361 
THR HA   H N N 362 
THR HB   H N N 363 
THR HG1  H N N 364 
THR HG21 H N N 365 
THR HG22 H N N 366 
THR HG23 H N N 367 
THR HXT  H N N 368 
TRP N    N N N 369 
TRP CA   C N S 370 
TRP C    C N N 371 
TRP O    O N N 372 
TRP CB   C N N 373 
TRP CG   C Y N 374 
TRP CD1  C Y N 375 
TRP CD2  C Y N 376 
TRP NE1  N Y N 377 
TRP CE2  C Y N 378 
TRP CE3  C Y N 379 
TRP CZ2  C Y N 380 
TRP CZ3  C Y N 381 
TRP CH2  C Y N 382 
TRP OXT  O N N 383 
TRP H    H N N 384 
TRP H2   H N N 385 
TRP HA   H N N 386 
TRP HB2  H N N 387 
TRP HB3  H N N 388 
TRP HD1  H N N 389 
TRP HE1  H N N 390 
TRP HE3  H N N 391 
TRP HZ2  H N N 392 
TRP HZ3  H N N 393 
TRP HH2  H N N 394 
TRP HXT  H N N 395 
TYR N    N N N 396 
TYR CA   C N S 397 
TYR C    C N N 398 
TYR O    O N N 399 
TYR CB   C N N 400 
TYR CG   C Y N 401 
TYR CD1  C Y N 402 
TYR CD2  C Y N 403 
TYR CE1  C Y N 404 
TYR CE2  C Y N 405 
TYR CZ   C Y N 406 
TYR OH   O N N 407 
TYR OXT  O N N 408 
TYR H    H N N 409 
TYR H2   H N N 410 
TYR HA   H N N 411 
TYR HB2  H N N 412 
TYR HB3  H N N 413 
TYR HD1  H N N 414 
TYR HD2  H N N 415 
TYR HE1  H N N 416 
TYR HE2  H N N 417 
TYR HH   H N N 418 
TYR HXT  H N N 419 
VAL N    N N N 420 
VAL CA   C N S 421 
VAL C    C N N 422 
VAL O    O N N 423 
VAL CB   C N N 424 
VAL CG1  C N N 425 
VAL CG2  C N N 426 
VAL OXT  O N N 427 
VAL H    H N N 428 
VAL H2   H N N 429 
VAL HA   H N N 430 
VAL HB   H N N 431 
VAL HG11 H N N 432 
VAL HG12 H N N 433 
VAL HG13 H N N 434 
VAL HG21 H N N 435 
VAL HG22 H N N 436 
VAL HG23 H N N 437 
VAL HXT  H N N 438 
# 
loop_
_chem_comp_bond.comp_id 
_chem_comp_bond.atom_id_1 
_chem_comp_bond.atom_id_2 
_chem_comp_bond.value_order 
_chem_comp_bond.pdbx_aromatic_flag 
_chem_comp_bond.pdbx_stereo_config 
_chem_comp_bond.pdbx_ordinal 
ALA N   CA   sing N N 1   
ALA N   H    sing N N 2   
ALA N   H2   sing N N 3   
ALA CA  C    sing N N 4   
ALA CA  CB   sing N N 5   
ALA CA  HA   sing N N 6   
ALA C   O    doub N N 7   
ALA C   OXT  sing N N 8   
ALA CB  HB1  sing N N 9   
ALA CB  HB2  sing N N 10  
ALA CB  HB3  sing N N 11  
ALA OXT HXT  sing N N 12  
ARG N   CA   sing N N 13  
ARG N   H    sing N N 14  
ARG N   H2   sing N N 15  
ARG CA  C    sing N N 16  
ARG CA  CB   sing N N 17  
ARG CA  HA   sing N N 18  
ARG C   O    doub N N 19  
ARG C   OXT  sing N N 20  
ARG CB  CG   sing N N 21  
ARG CB  HB2  sing N N 22  
ARG CB  HB3  sing N N 23  
ARG CG  CD   sing N N 24  
ARG CG  HG2  sing N N 25  
ARG CG  HG3  sing N N 26  
ARG CD  NE   sing N N 27  
ARG CD  HD2  sing N N 28  
ARG CD  HD3  sing N N 29  
ARG NE  CZ   sing N N 30  
ARG NE  HE   sing N N 31  
ARG CZ  NH1  sing N N 32  
ARG CZ  NH2  doub N N 33  
ARG NH1 HH11 sing N N 34  
ARG NH1 HH12 sing N N 35  
ARG NH2 HH21 sing N N 36  
ARG NH2 HH22 sing N N 37  
ARG OXT HXT  sing N N 38  
ASN N   CA   sing N N 39  
ASN N   H    sing N N 40  
ASN N   H2   sing N N 41  
ASN CA  C    sing N N 42  
ASN CA  CB   sing N N 43  
ASN CA  HA   sing N N 44  
ASN C   O    doub N N 45  
ASN C   OXT  sing N N 46  
ASN CB  CG   sing N N 47  
ASN CB  HB2  sing N N 48  
ASN CB  HB3  sing N N 49  
ASN CG  OD1  doub N N 50  
ASN CG  ND2  sing N N 51  
ASN ND2 HD21 sing N N 52  
ASN ND2 HD22 sing N N 53  
ASN OXT HXT  sing N N 54  
ASP N   CA   sing N N 55  
ASP N   H    sing N N 56  
ASP N   H2   sing N N 57  
ASP CA  C    sing N N 58  
ASP CA  CB   sing N N 59  
ASP CA  HA   sing N N 60  
ASP C   O    doub N N 61  
ASP C   OXT  sing N N 62  
ASP CB  CG   sing N N 63  
ASP CB  HB2  sing N N 64  
ASP CB  HB3  sing N N 65  
ASP CG  OD1  doub N N 66  
ASP CG  OD2  sing N N 67  
ASP OD2 HD2  sing N N 68  
ASP OXT HXT  sing N N 69  
BEZ C   O1   doub N N 70  
BEZ C   O2   sing N N 71  
BEZ C   C1   sing N N 72  
BEZ O2  HO2  sing N N 73  
BEZ C1  C2   doub Y N 74  
BEZ C1  C6   sing Y N 75  
BEZ C2  C3   sing Y N 76  
BEZ C2  H2   sing N N 77  
BEZ C3  C4   doub Y N 78  
BEZ C3  H3   sing N N 79  
BEZ C4  C5   sing Y N 80  
BEZ C4  H4   sing N N 81  
BEZ C5  C6   doub Y N 82  
BEZ C5  H5   sing N N 83  
BEZ C6  H6   sing N N 84  
CYS N   CA   sing N N 85  
CYS N   H    sing N N 86  
CYS N   H2   sing N N 87  
CYS CA  C    sing N N 88  
CYS CA  CB   sing N N 89  
CYS CA  HA   sing N N 90  
CYS C   O    doub N N 91  
CYS C   OXT  sing N N 92  
CYS CB  SG   sing N N 93  
CYS CB  HB2  sing N N 94  
CYS CB  HB3  sing N N 95  
CYS SG  HG   sing N N 96  
CYS OXT HXT  sing N N 97  
EPE N1  C2   sing N N 98  
EPE N1  C6   sing N N 99  
EPE N1  C9   sing N N 100 
EPE C2  C3   sing N N 101 
EPE C2  H21  sing N N 102 
EPE C2  H22  sing N N 103 
EPE C3  N4   sing N N 104 
EPE C3  H31  sing N N 105 
EPE C3  H32  sing N N 106 
EPE N4  C5   sing N N 107 
EPE N4  C7   sing N N 108 
EPE C5  C6   sing N N 109 
EPE C5  H51  sing N N 110 
EPE C5  H52  sing N N 111 
EPE C6  H61  sing N N 112 
EPE C6  H62  sing N N 113 
EPE C7  C8   sing N N 114 
EPE C7  H71  sing N N 115 
EPE C7  H72  sing N N 116 
EPE C8  O8   sing N N 117 
EPE C8  H81  sing N N 118 
EPE C8  H82  sing N N 119 
EPE O8  HO8  sing N N 120 
EPE C9  C10  sing N N 121 
EPE C9  H91  sing N N 122 
EPE C9  H92  sing N N 123 
EPE C10 S    sing N N 124 
EPE C10 H101 sing N N 125 
EPE C10 H102 sing N N 126 
EPE S   O1S  doub N N 127 
EPE S   O2S  doub N N 128 
EPE S   O3S  sing N N 129 
EPE O3S HOS3 sing N N 130 
GLN N   CA   sing N N 131 
GLN N   H    sing N N 132 
GLN N   H2   sing N N 133 
GLN CA  C    sing N N 134 
GLN CA  CB   sing N N 135 
GLN CA  HA   sing N N 136 
GLN C   O    doub N N 137 
GLN C   OXT  sing N N 138 
GLN CB  CG   sing N N 139 
GLN CB  HB2  sing N N 140 
GLN CB  HB3  sing N N 141 
GLN CG  CD   sing N N 142 
GLN CG  HG2  sing N N 143 
GLN CG  HG3  sing N N 144 
GLN CD  OE1  doub N N 145 
GLN CD  NE2  sing N N 146 
GLN NE2 HE21 sing N N 147 
GLN NE2 HE22 sing N N 148 
GLN OXT HXT  sing N N 149 
GLU N   CA   sing N N 150 
GLU N   H    sing N N 151 
GLU N   H2   sing N N 152 
GLU CA  C    sing N N 153 
GLU CA  CB   sing N N 154 
GLU CA  HA   sing N N 155 
GLU C   O    doub N N 156 
GLU C   OXT  sing N N 157 
GLU CB  CG   sing N N 158 
GLU CB  HB2  sing N N 159 
GLU CB  HB3  sing N N 160 
GLU CG  CD   sing N N 161 
GLU CG  HG2  sing N N 162 
GLU CG  HG3  sing N N 163 
GLU CD  OE1  doub N N 164 
GLU CD  OE2  sing N N 165 
GLU OE2 HE2  sing N N 166 
GLU OXT HXT  sing N N 167 
GLY N   CA   sing N N 168 
GLY N   H    sing N N 169 
GLY N   H2   sing N N 170 
GLY CA  C    sing N N 171 
GLY CA  HA2  sing N N 172 
GLY CA  HA3  sing N N 173 
GLY C   O    doub N N 174 
GLY C   OXT  sing N N 175 
GLY OXT HXT  sing N N 176 
HIS N   CA   sing N N 177 
HIS N   H    sing N N 178 
HIS N   H2   sing N N 179 
HIS CA  C    sing N N 180 
HIS CA  CB   sing N N 181 
HIS CA  HA   sing N N 182 
HIS C   O    doub N N 183 
HIS C   OXT  sing N N 184 
HIS CB  CG   sing N N 185 
HIS CB  HB2  sing N N 186 
HIS CB  HB3  sing N N 187 
HIS CG  ND1  sing Y N 188 
HIS CG  CD2  doub Y N 189 
HIS ND1 CE1  doub Y N 190 
HIS ND1 HD1  sing N N 191 
HIS CD2 NE2  sing Y N 192 
HIS CD2 HD2  sing N N 193 
HIS CE1 NE2  sing Y N 194 
HIS CE1 HE1  sing N N 195 
HIS NE2 HE2  sing N N 196 
HIS OXT HXT  sing N N 197 
HOH O   H1   sing N N 198 
HOH O   H2   sing N N 199 
ILE N   CA   sing N N 200 
ILE N   H    sing N N 201 
ILE N   H2   sing N N 202 
ILE CA  C    sing N N 203 
ILE CA  CB   sing N N 204 
ILE CA  HA   sing N N 205 
ILE C   O    doub N N 206 
ILE C   OXT  sing N N 207 
ILE CB  CG1  sing N N 208 
ILE CB  CG2  sing N N 209 
ILE CB  HB   sing N N 210 
ILE CG1 CD1  sing N N 211 
ILE CG1 HG12 sing N N 212 
ILE CG1 HG13 sing N N 213 
ILE CG2 HG21 sing N N 214 
ILE CG2 HG22 sing N N 215 
ILE CG2 HG23 sing N N 216 
ILE CD1 HD11 sing N N 217 
ILE CD1 HD12 sing N N 218 
ILE CD1 HD13 sing N N 219 
ILE OXT HXT  sing N N 220 
LEU N   CA   sing N N 221 
LEU N   H    sing N N 222 
LEU N   H2   sing N N 223 
LEU CA  C    sing N N 224 
LEU CA  CB   sing N N 225 
LEU CA  HA   sing N N 226 
LEU C   O    doub N N 227 
LEU C   OXT  sing N N 228 
LEU CB  CG   sing N N 229 
LEU CB  HB2  sing N N 230 
LEU CB  HB3  sing N N 231 
LEU CG  CD1  sing N N 232 
LEU CG  CD2  sing N N 233 
LEU CG  HG   sing N N 234 
LEU CD1 HD11 sing N N 235 
LEU CD1 HD12 sing N N 236 
LEU CD1 HD13 sing N N 237 
LEU CD2 HD21 sing N N 238 
LEU CD2 HD22 sing N N 239 
LEU CD2 HD23 sing N N 240 
LEU OXT HXT  sing N N 241 
LYS N   CA   sing N N 242 
LYS N   H    sing N N 243 
LYS N   H2   sing N N 244 
LYS CA  C    sing N N 245 
LYS CA  CB   sing N N 246 
LYS CA  HA   sing N N 247 
LYS C   O    doub N N 248 
LYS C   OXT  sing N N 249 
LYS CB  CG   sing N N 250 
LYS CB  HB2  sing N N 251 
LYS CB  HB3  sing N N 252 
LYS CG  CD   sing N N 253 
LYS CG  HG2  sing N N 254 
LYS CG  HG3  sing N N 255 
LYS CD  CE   sing N N 256 
LYS CD  HD2  sing N N 257 
LYS CD  HD3  sing N N 258 
LYS CE  NZ   sing N N 259 
LYS CE  HE2  sing N N 260 
LYS CE  HE3  sing N N 261 
LYS NZ  HZ1  sing N N 262 
LYS NZ  HZ2  sing N N 263 
LYS NZ  HZ3  sing N N 264 
LYS OXT HXT  sing N N 265 
MET N   CA   sing N N 266 
MET N   H    sing N N 267 
MET N   H2   sing N N 268 
MET CA  C    sing N N 269 
MET CA  CB   sing N N 270 
MET CA  HA   sing N N 271 
MET C   O    doub N N 272 
MET C   OXT  sing N N 273 
MET CB  CG   sing N N 274 
MET CB  HB2  sing N N 275 
MET CB  HB3  sing N N 276 
MET CG  SD   sing N N 277 
MET CG  HG2  sing N N 278 
MET CG  HG3  sing N N 279 
MET SD  CE   sing N N 280 
MET CE  HE1  sing N N 281 
MET CE  HE2  sing N N 282 
MET CE  HE3  sing N N 283 
MET OXT HXT  sing N N 284 
PHE N   CA   sing N N 285 
PHE N   H    sing N N 286 
PHE N   H2   sing N N 287 
PHE CA  C    sing N N 288 
PHE CA  CB   sing N N 289 
PHE CA  HA   sing N N 290 
PHE C   O    doub N N 291 
PHE C   OXT  sing N N 292 
PHE CB  CG   sing N N 293 
PHE CB  HB2  sing N N 294 
PHE CB  HB3  sing N N 295 
PHE CG  CD1  doub Y N 296 
PHE CG  CD2  sing Y N 297 
PHE CD1 CE1  sing Y N 298 
PHE CD1 HD1  sing N N 299 
PHE CD2 CE2  doub Y N 300 
PHE CD2 HD2  sing N N 301 
PHE CE1 CZ   doub Y N 302 
PHE CE1 HE1  sing N N 303 
PHE CE2 CZ   sing Y N 304 
PHE CE2 HE2  sing N N 305 
PHE CZ  HZ   sing N N 306 
PHE OXT HXT  sing N N 307 
PRO N   CA   sing N N 308 
PRO N   CD   sing N N 309 
PRO N   H    sing N N 310 
PRO CA  C    sing N N 311 
PRO CA  CB   sing N N 312 
PRO CA  HA   sing N N 313 
PRO C   O    doub N N 314 
PRO C   OXT  sing N N 315 
PRO CB  CG   sing N N 316 
PRO CB  HB2  sing N N 317 
PRO CB  HB3  sing N N 318 
PRO CG  CD   sing N N 319 
PRO CG  HG2  sing N N 320 
PRO CG  HG3  sing N N 321 
PRO CD  HD2  sing N N 322 
PRO CD  HD3  sing N N 323 
PRO OXT HXT  sing N N 324 
SER N   CA   sing N N 325 
SER N   H    sing N N 326 
SER N   H2   sing N N 327 
SER CA  C    sing N N 328 
SER CA  CB   sing N N 329 
SER CA  HA   sing N N 330 
SER C   O    doub N N 331 
SER C   OXT  sing N N 332 
SER CB  OG   sing N N 333 
SER CB  HB2  sing N N 334 
SER CB  HB3  sing N N 335 
SER OG  HG   sing N N 336 
SER OXT HXT  sing N N 337 
THR N   CA   sing N N 338 
THR N   H    sing N N 339 
THR N   H2   sing N N 340 
THR CA  C    sing N N 341 
THR CA  CB   sing N N 342 
THR CA  HA   sing N N 343 
THR C   O    doub N N 344 
THR C   OXT  sing N N 345 
THR CB  OG1  sing N N 346 
THR CB  CG2  sing N N 347 
THR CB  HB   sing N N 348 
THR OG1 HG1  sing N N 349 
THR CG2 HG21 sing N N 350 
THR CG2 HG22 sing N N 351 
THR CG2 HG23 sing N N 352 
THR OXT HXT  sing N N 353 
TRP N   CA   sing N N 354 
TRP N   H    sing N N 355 
TRP N   H2   sing N N 356 
TRP CA  C    sing N N 357 
TRP CA  CB   sing N N 358 
TRP CA  HA   sing N N 359 
TRP C   O    doub N N 360 
TRP C   OXT  sing N N 361 
TRP CB  CG   sing N N 362 
TRP CB  HB2  sing N N 363 
TRP CB  HB3  sing N N 364 
TRP CG  CD1  doub Y N 365 
TRP CG  CD2  sing Y N 366 
TRP CD1 NE1  sing Y N 367 
TRP CD1 HD1  sing N N 368 
TRP CD2 CE2  doub Y N 369 
TRP CD2 CE3  sing Y N 370 
TRP NE1 CE2  sing Y N 371 
TRP NE1 HE1  sing N N 372 
TRP CE2 CZ2  sing Y N 373 
TRP CE3 CZ3  doub Y N 374 
TRP CE3 HE3  sing N N 375 
TRP CZ2 CH2  doub Y N 376 
TRP CZ2 HZ2  sing N N 377 
TRP CZ3 CH2  sing Y N 378 
TRP CZ3 HZ3  sing N N 379 
TRP CH2 HH2  sing N N 380 
TRP OXT HXT  sing N N 381 
TYR N   CA   sing N N 382 
TYR N   H    sing N N 383 
TYR N   H2   sing N N 384 
TYR CA  C    sing N N 385 
TYR CA  CB   sing N N 386 
TYR CA  HA   sing N N 387 
TYR C   O    doub N N 388 
TYR C   OXT  sing N N 389 
TYR CB  CG   sing N N 390 
TYR CB  HB2  sing N N 391 
TYR CB  HB3  sing N N 392 
TYR CG  CD1  doub Y N 393 
TYR CG  CD2  sing Y N 394 
TYR CD1 CE1  sing Y N 395 
TYR CD1 HD1  sing N N 396 
TYR CD2 CE2  doub Y N 397 
TYR CD2 HD2  sing N N 398 
TYR CE1 CZ   doub Y N 399 
TYR CE1 HE1  sing N N 400 
TYR CE2 CZ   sing Y N 401 
TYR CE2 HE2  sing N N 402 
TYR CZ  OH   sing N N 403 
TYR OH  HH   sing N N 404 
TYR OXT HXT  sing N N 405 
VAL N   CA   sing N N 406 
VAL N   H    sing N N 407 
VAL N   H2   sing N N 408 
VAL CA  C    sing N N 409 
VAL CA  CB   sing N N 410 
VAL CA  HA   sing N N 411 
VAL C   O    doub N N 412 
VAL C   OXT  sing N N 413 
VAL CB  CG1  sing N N 414 
VAL CB  CG2  sing N N 415 
VAL CB  HB   sing N N 416 
VAL CG1 HG11 sing N N 417 
VAL CG1 HG12 sing N N 418 
VAL CG1 HG13 sing N N 419 
VAL CG2 HG21 sing N N 420 
VAL CG2 HG22 sing N N 421 
VAL CG2 HG23 sing N N 422 
VAL OXT HXT  sing N N 423 
# 
_atom_sites.entry_id                    1GYX 
_atom_sites.fract_transf_matrix[1][1]   0.01431088 
_atom_sites.fract_transf_matrix[1][2]   -0.01594020 
_atom_sites.fract_transf_matrix[1][3]   -0.00667963 
_atom_sites.fract_transf_matrix[2][1]   0.01236691 
_atom_sites.fract_transf_matrix[2][2]   0.00392176 
_atom_sites.fract_transf_matrix[2][3]   0.01713684 
_atom_sites.fract_transf_matrix[3][1]   -0.00676227 
_atom_sites.fract_transf_matrix[3][2]   -0.00897688 
_atom_sites.fract_transf_matrix[3][3]   0.00693439 
_atom_sites.fract_transf_vector[1]      0.285906 
_atom_sites.fract_transf_vector[2]      0.073902 
_atom_sites.fract_transf_vector[3]      0.129387 
# 
loop_
_atom_type.symbol 
C 
N 
O 
S 
# 
loop_
_atom_site.group_PDB 
_atom_site.id 
_atom_site.type_symbol 
_atom_site.label_atom_id 
_atom_site.label_alt_id 
_atom_site.label_comp_id 
_atom_site.label_asym_id 
_atom_site.label_entity_id 
_atom_site.label_seq_id 
_atom_site.pdbx_PDB_ins_code 
_atom_site.Cartn_x 
_atom_site.Cartn_y 
_atom_site.Cartn_z 
_atom_site.occupancy 
_atom_site.B_iso_or_equiv 
_atom_site.pdbx_formal_charge 
_atom_site.auth_seq_id 
_atom_site.auth_comp_id 
_atom_site.auth_asym_id 
_atom_site.auth_atom_id 
_atom_site.pdbx_PDB_model_num 
ATOM   1    N N   . PRO A 1 1  ? 5.880   6.968   -5.004  1.00 3.50  ? 1    PRO A N   1 
ATOM   2    C CA  . PRO A 1 1  ? 4.900   5.887   -4.865  1.00 3.17  ? 1    PRO A CA  1 
ATOM   3    C C   . PRO A 1 1  ? 3.796   6.244   -3.893  1.00 2.73  ? 1    PRO A C   1 
ATOM   4    O O   . PRO A 1 1  ? 4.083   6.926   -2.900  1.00 3.02  ? 1    PRO A O   1 
ATOM   5    C CB  . PRO A 1 1  ? 5.692   4.666   -4.397  1.00 3.25  ? 1    PRO A CB  1 
ATOM   6    C CG  . PRO A 1 1  ? 7.073   4.962   -4.916  1.00 3.14  ? 1    PRO A CG  1 
ATOM   7    C CD  . PRO A 1 1  ? 7.212   6.429   -4.624  1.00 4.12  ? 1    PRO A CD  1 
ATOM   8    N N   . HIS A 1 2  ? 2.591   5.743   -4.120  1.00 2.50  ? 2    HIS A N   1 
ATOM   9    C CA  . HIS A 1 2  ? 1.478   5.897   -3.204  1.00 2.42  ? 2    HIS A CA  1 
ATOM   10   C C   . HIS A 1 2  ? 1.059   4.519   -2.688  1.00 2.53  ? 2    HIS A C   1 
ATOM   11   O O   . HIS A 1 2  ? 0.798   3.605   -3.496  1.00 3.07  ? 2    HIS A O   1 
ATOM   12   C CB  . HIS A 1 2  ? 0.270   6.559   -3.871  1.00 2.67  ? 2    HIS A CB  1 
ATOM   13   C CG  . HIS A 1 2  ? -0.853  6.723   -2.887  1.00 3.02  ? 2    HIS A CG  1 
ATOM   14   N ND1 . HIS A 1 2  ? -0.791  7.544   -1.794  1.00 3.11  ? 2    HIS A ND1 1 
ATOM   15   C CD2 . HIS A 1 2  ? -2.044  6.068   -2.846  1.00 2.67  ? 2    HIS A CD2 1 
ATOM   16   C CE1 . HIS A 1 2  ? -1.910  7.415   -1.114  1.00 3.49  ? 2    HIS A CE1 1 
ATOM   17   N NE2 . HIS A 1 2  ? -2.695  6.548   -1.747  1.00 2.72  ? 2    HIS A NE2 1 
ATOM   18   N N   . ILE A 1 3  ? 1.080   4.342   -1.373  1.00 2.82  ? 3    ILE A N   1 
ATOM   19   C CA  . ILE A 1 3  ? 0.787   3.055   -0.750  1.00 2.85  ? 3    ILE A CA  1 
ATOM   20   C C   . ILE A 1 3  ? -0.537  3.166   -0.003  1.00 3.20  ? 3    ILE A C   1 
ATOM   21   O O   . ILE A 1 3  ? -0.697  4.073   0.826   1.00 3.29  ? 3    ILE A O   1 
ATOM   22   C CB  . ILE A 1 3  ? 1.924   2.637   0.193   1.00 3.39  ? 3    ILE A CB  1 
ATOM   23   C CG1 . ILE A 1 3  ? 3.258   2.471   -0.536  1.00 4.91  ? 3    ILE A CG1 1 
ATOM   24   C CG2 . ILE A 1 3  ? 1.614   1.305   0.884   1.00 3.32  ? 3    ILE A CG2 1 
ATOM   25   C CD1 . ILE A 1 3  ? 4.141   3.671   -0.673  1.00 6.42  ? 3    ILE A CD1 1 
ATOM   26   N N   . ASP A 1 4  ? -1.438  2.228   -0.277  1.00 2.84  ? 4    ASP A N   1 
ATOM   27   C CA  . ASP A 1 4  ? -2.731  2.188   0.402   1.00 2.59  ? 4    ASP A CA  1 
ATOM   28   C C   . ASP A 1 4  ? -2.788  0.912   1.235   1.00 2.77  ? 4    ASP A C   1 
ATOM   29   O O   . ASP A 1 4  ? -2.568  -0.175  0.692   1.00 2.88  ? 4    ASP A O   1 
ATOM   30   C CB  . ASP A 1 4  ? -3.883  2.262   -0.603  1.00 2.48  ? 4    ASP A CB  1 
ATOM   31   C CG  . ASP A 1 4  ? -5.236  2.322   0.072   1.00 3.50  ? 4    ASP A CG  1 
ATOM   32   O OD1 . ASP A 1 4  ? -5.750  1.244   0.429   1.00 3.21  ? 4    ASP A OD1 1 
ATOM   33   O OD2 . ASP A 1 4  ? -5.770  3.420   0.322   1.00 6.11  ? 4    ASP A OD2 1 
ATOM   34   N N   . ILE A 1 5  ? -3.045  1.040   2.530   1.00 2.67  ? 5    ILE A N   1 
ATOM   35   C CA  . ILE A 1 5  ? -3.131  -0.128  3.406   1.00 2.64  ? 5    ILE A CA  1 
ATOM   36   C C   . ILE A 1 5  ? -4.551  -0.240  3.938   1.00 2.72  ? 5    ILE A C   1 
ATOM   37   O O   . ILE A 1 5  ? -5.047  0.710   4.553   1.00 3.14  ? 5    ILE A O   1 
ATOM   38   C CB  . ILE A 1 5  ? -2.173  0.004   4.592   1.00 2.93  ? 5    ILE A CB  1 
ATOM   39   C CG1 . ILE A 1 5  ? -0.719  0.188   4.127   1.00 2.82  ? 5    ILE A CG1 1 
ATOM   40   C CG2 . ILE A 1 5  ? -2.353  -1.165  5.557   1.00 2.60  ? 5    ILE A CG2 1 
ATOM   41   C CD1 . ILE A 1 5  ? 0.228   0.670   5.202   1.00 3.80  ? 5    ILE A CD1 1 
ATOM   42   N N   . LYS A 1 6  ? -5.212  -1.360  3.619   1.00 2.68  ? 6    LYS A N   1 
ATOM   43   C CA  . LYS A 1 6  ? -6.549  -1.618  4.125   1.00 2.74  ? 6    LYS A CA  1 
ATOM   44   C C   . LYS A 1 6  ? -6.482  -2.745  5.155   1.00 2.52  ? 6    LYS A C   1 
ATOM   45   O O   . LYS A 1 6  ? -5.811  -3.754  4.889   1.00 3.24  ? 6    LYS A O   1 
ATOM   46   C CB  . LYS A 1 6  ? -7.517  -1.980  3.006   1.00 3.45  ? 6    LYS A CB  1 
ATOM   47   C CG  . LYS A 1 6  ? -7.930  -0.773  2.163   1.00 4.22  ? 6    LYS A CG  1 
ATOM   48   C CD  . LYS A 1 6  ? -8.847  -1.145  1.019   1.00 5.53  ? 6    LYS A CD  1 
ATOM   49   C CE  . LYS A 1 6  ? -9.364  0.019   0.193   1.00 7.53  ? 6    LYS A CE  1 
ATOM   50   N NZ  . LYS A 1 6  ? -8.304  0.673   -0.598  1.00 7.82  ? 6    LYS A NZ  1 
ATOM   51   N N   . CYS A 1 7  ? -7.177  -2.623  6.281   1.00 2.74  ? 7    CYS A N   1 
ATOM   52   C CA  . CYS A 1 7  ? -7.152  -3.665  7.280   1.00 2.77  ? 7    CYS A CA  1 
ATOM   53   C C   . CYS A 1 7  ? -8.415  -3.613  8.131   1.00 2.63  ? 7    CYS A C   1 
ATOM   54   O O   . CYS A 1 7  ? -9.091  -2.594  8.171   1.00 2.81  ? 7    CYS A O   1 
ATOM   55   C CB  . CYS A 1 7  ? -5.915  -3.511  8.189   1.00 2.81  ? 7    CYS A CB  1 
ATOM   56   S SG  . CYS A 1 7  ? -5.839  -1.956  9.105   1.00 4.06  ? 7    CYS A SG  1 
ATOM   57   N N   . PHE A 1 8  ? -8.634  -4.702  8.862   1.00 3.82  ? 8    PHE A N   1 
ATOM   58   C CA  . PHE A 1 8  ? -9.748  -4.714  9.827   1.00 4.67  ? 8    PHE A CA  1 
ATOM   59   C C   . PHE A 1 8  ? -9.373  -3.728  10.925  1.00 5.71  ? 8    PHE A C   1 
ATOM   60   O O   . PHE A 1 8  ? -8.201  -3.401  11.136  1.00 6.70  ? 8    PHE A O   1 
ATOM   61   C CB  . PHE A 1 8  ? -9.983  -6.087  10.419  1.00 5.04  ? 8    PHE A CB  1 
ATOM   62   C CG  . PHE A 1 8  ? -10.580 -7.135  9.525   1.00 5.81  ? 8    PHE A CG  1 
ATOM   63   C CD1 . PHE A 1 8  ? -10.794 -6.964  8.179   1.00 6.82  ? 8    PHE A CD1 1 
ATOM   64   C CD2 . PHE A 1 8  ? -10.869 -8.378  10.079  1.00 7.88  ? 8    PHE A CD2 1 
ATOM   65   C CE1 . PHE A 1 8  ? -11.328 -7.969  7.407   1.00 6.94  ? 8    PHE A CE1 1 
ATOM   66   C CE2 . PHE A 1 8  ? -11.397 -9.391  9.314   1.00 8.15  ? 8    PHE A CE2 1 
ATOM   67   C CZ  . PHE A 1 8  ? -11.621 -9.202  7.968   1.00 7.26  ? 8    PHE A CZ  1 
ATOM   68   N N   . PRO A 1 9  ? -10.357 -3.208  11.649  1.00 6.95  ? 9    PRO A N   1 
ATOM   69   C CA  . PRO A 1 9  ? -10.082 -2.172  12.620  1.00 8.46  ? 9    PRO A CA  1 
ATOM   70   C C   . PRO A 1 9  ? -9.143  -2.603  13.727  1.00 11.54 ? 9    PRO A C   1 
ATOM   71   O O   . PRO A 1 9  ? -9.040  -3.738  14.182  1.00 11.66 ? 9    PRO A O   1 
ATOM   72   C CB  . PRO A 1 9  ? -11.460 -1.855  13.190  1.00 9.55  ? 9    PRO A CB  1 
ATOM   73   C CG  . PRO A 1 9  ? -12.397 -2.199  12.081  1.00 8.80  ? 9    PRO A CG  1 
ATOM   74   C CD  . PRO A 1 9  ? -11.814 -3.460  11.477  1.00 7.73  ? 9    PRO A CD  1 
ATOM   75   N N   . ARG A 1 10 ? -8.394  -1.593  14.177  1.00 14.48 ? 10   ARG A N   1 
ATOM   76   C CA  . ARG A 1 10 ? -7.555  -1.747  15.352  1.00 17.13 ? 10   ARG A CA  1 
ATOM   77   C C   . ARG A 1 10 ? -7.244  -0.353  15.917  1.00 18.72 ? 10   ARG A C   1 
ATOM   78   O O   . ARG A 1 10 ? -7.280  0.633   15.208  1.00 19.51 ? 10   ARG A O   1 
ATOM   79   C CB  . ARG A 1 10 ? -6.271  -2.502  15.142  1.00 17.85 ? 10   ARG A CB  1 
ATOM   80   C CG  . ARG A 1 10 ? -5.404  -1.989  14.022  1.00 17.81 ? 10   ARG A CG  1 
ATOM   81   C CD  . ARG A 1 10 ? -5.622  -2.809  12.763  1.00 18.96 ? 10   ARG A CD  1 
ATOM   82   N NE  . ARG A 1 10 ? -5.258  -4.187  12.944  1.00 19.08 ? 10   ARG A NE  1 
ATOM   83   C CZ  . ARG A 1 10 ? -5.532  -5.269  12.245  1.00 19.36 ? 10   ARG A CZ  1 
ATOM   84   N NH1 . ARG A 1 10 ? -6.247  -5.381  11.130  1.00 15.88 ? 10   ARG A NH1 1 
ATOM   85   N NH2 . ARG A 1 10 ? -5.024  -6.420  12.723  1.00 21.31 ? 10   ARG A NH2 1 
ATOM   86   N N   . GLU A 1 11 ? -6.956  -0.383  17.207  1.00 19.15 ? 11   GLU A N   1 
ATOM   87   C CA  . GLU A 1 11 ? -6.638  0.839   17.939  1.00 18.22 ? 11   GLU A CA  1 
ATOM   88   C C   . GLU A 1 11 ? -5.207  1.225   17.620  1.00 16.98 ? 11   GLU A C   1 
ATOM   89   O O   . GLU A 1 11 ? -4.260  0.510   17.960  1.00 18.11 ? 11   GLU A O   1 
ATOM   90   C CB  . GLU A 1 11 ? -6.820  0.583   19.426  1.00 18.87 ? 11   GLU A CB  1 
ATOM   91   N N   . LEU A 1 12 ? -5.034  2.301   16.883  1.00 15.31 ? 12   LEU A N   1 
ATOM   92   C CA  . LEU A 1 12 ? -3.732  2.821   16.503  1.00 14.53 ? 12   LEU A CA  1 
ATOM   93   C C   . LEU A 1 12 ? -3.684  4.326   16.779  1.00 12.83 ? 12   LEU A C   1 
ATOM   94   O O   . LEU A 1 12 ? -4.460  5.066   16.180  1.00 13.69 ? 12   LEU A O   1 
ATOM   95   C CB  . LEU A 1 12 ? -3.453  2.582   15.023  1.00 15.75 ? 12   LEU A CB  1 
ATOM   96   C CG  . LEU A 1 12 ? -3.402  1.115   14.558  1.00 16.48 ? 12   LEU A CG  1 
ATOM   97   C CD1 . LEU A 1 12 ? -3.553  1.070   13.050  1.00 16.99 ? 12   LEU A CD1 1 
ATOM   98   C CD2 . LEU A 1 12 ? -2.099  0.500   15.027  1.00 17.21 ? 12   LEU A CD2 1 
ATOM   99   N N   . ASP A 1 13 ? -2.780  4.740   17.660  1.00 9.94  ? 13   ASP A N   1 
ATOM   100  C CA  . ASP A 1 13 ? -2.656  6.177   17.937  1.00 9.47  ? 13   ASP A CA  1 
ATOM   101  C C   . ASP A 1 13 ? -1.748  6.845   16.916  1.00 8.24  ? 13   ASP A C   1 
ATOM   102  O O   . ASP A 1 13 ? -1.209  6.174   15.999  1.00 8.72  ? 13   ASP A O   1 
ATOM   103  C CB  . ASP A 1 13 ? -2.253  6.428   19.387  1.00 10.30 ? 13   ASP A CB  1 
ATOM   104  C CG  . ASP A 1 13 ? -0.870  5.982   19.767  1.00 11.42 ? 13   ASP A CG  1 
ATOM   105  O OD1 . ASP A 1 13 ? 0.006   5.900   18.867  1.00 10.67 ? 13   ASP A OD1 1 
ATOM   106  O OD2 . ASP A 1 13 ? -0.595  5.681   20.952  1.00 12.97 ? 13   ASP A OD2 1 
ATOM   107  N N   . GLU A 1 14 ? -1.554  8.156   16.977  1.00 8.33  ? 14   GLU A N   1 
ATOM   108  C CA  . GLU A 1 14 ? -0.748  8.839   15.966  1.00 8.86  ? 14   GLU A CA  1 
ATOM   109  C C   . GLU A 1 14 ? 0.707   8.425   15.965  1.00 8.07  ? 14   GLU A C   1 
ATOM   110  O O   . GLU A 1 14 ? 1.313   8.297   14.890  1.00 8.90  ? 14   GLU A O   1 
ATOM   111  C CB  . GLU A 1 14 ? -0.907  10.354  16.117  1.00 10.84 ? 14   GLU A CB  1 
ATOM   112  C CG  . GLU A 1 14 ? -2.347  10.826  15.907  1.00 14.23 ? 14   GLU A CG  1 
ATOM   113  C CD  . GLU A 1 14 ? -2.897  10.339  14.574  1.00 16.46 ? 14   GLU A CD  1 
ATOM   114  O OE1 . GLU A 1 14 ? -2.202  10.651  13.579  1.00 18.97 ? 14   GLU A OE1 1 
ATOM   115  O OE2 . GLU A 1 14 ? -3.931  9.647   14.543  1.00 17.75 ? 14   GLU A OE2 1 
ATOM   116  N N   . GLN A 1 15 ? 1.300   8.143   17.122  1.00 8.32  ? 15   GLN A N   1 
ATOM   117  C CA  . GLN A 1 15 ? 2.686   7.683   17.161  1.00 8.93  ? 15   GLN A CA  1 
ATOM   118  C C   . GLN A 1 15 ? 2.782   6.328   16.466  1.00 7.40  ? 15   GLN A C   1 
ATOM   119  O O   . GLN A 1 15 ? 3.743   6.090   15.724  1.00 7.95  ? 15   GLN A O   1 
ATOM   120  C CB  . GLN A 1 15 ? 3.156   7.558   18.612  1.00 10.90 ? 15   GLN A CB  1 
ATOM   121  C CG  . GLN A 1 15 ? 4.607   7.132   18.762  1.00 15.71 ? 15   GLN A CG  1 
ATOM   122  C CD  . GLN A 1 15 ? 5.119   7.267   20.179  1.00 19.31 ? 15   GLN A CD  1 
ATOM   123  O OE1 . GLN A 1 15 ? 4.321   7.256   21.120  1.00 20.95 ? 15   GLN A OE1 1 
ATOM   124  N NE2 . GLN A 1 15 ? 6.434   7.387   20.335  1.00 21.52 ? 15   GLN A NE2 1 
ATOM   125  N N   . GLN A 1 16 ? 1.824   5.450   16.707  1.00 6.81  ? 16   GLN A N   1 
ATOM   126  C CA  . GLN A 1 16 ? 1.820   4.135   16.055  1.00 6.63  ? 16   GLN A CA  1 
ATOM   127  C C   . GLN A 1 16 ? 1.646   4.261   14.551  1.00 6.11  ? 16   GLN A C   1 
ATOM   128  O O   . GLN A 1 16 ? 2.303   3.516   13.799  1.00 5.97  ? 16   GLN A O   1 
ATOM   129  C CB  . GLN A 1 16 ? 0.727   3.247   16.661  1.00 7.67  ? 16   GLN A CB  1 
ATOM   130  C CG  . GLN A 1 16 ? 1.056   2.901   18.115  1.00 10.12 ? 16   GLN A CG  1 
ATOM   131  C CD  . GLN A 1 16 ? -0.107  2.209   18.801  1.00 12.00 ? 16   GLN A CD  1 
ATOM   132  O OE1 . GLN A 1 16 ? -1.245  2.655   18.705  1.00 11.57 ? 16   GLN A OE1 1 
ATOM   133  N NE2 . GLN A 1 16 ? 0.167   1.124   19.517  1.00 15.31 ? 16   GLN A NE2 1 
ATOM   134  N N   . LYS A 1 17 ? 0.775   5.129   14.067  1.00 5.76  ? 17   LYS A N   1 
ATOM   135  C CA  . LYS A 1 17 ? 0.605   5.340   12.637  1.00 6.70  ? 17   LYS A CA  1 
ATOM   136  C C   . LYS A 1 17 ? 1.863   5.922   12.022  1.00 5.75  ? 17   LYS A C   1 
ATOM   137  O O   . LYS A 1 17 ? 2.282   5.481   10.941  1.00 5.57  ? 17   LYS A O   1 
ATOM   138  C CB  . LYS A 1 17 ? -0.596  6.243   12.384  1.00 8.18  ? 17   LYS A CB  1 
ATOM   139  C CG  . LYS A 1 17 ? -1.918  5.575   12.689  1.00 10.52 ? 17   LYS A CG  1 
ATOM   140  C CD  . LYS A 1 17 ? -3.016  6.565   12.942  1.00 14.48 ? 17   LYS A CD  1 
ATOM   141  C CE  . LYS A 1 17 ? -3.718  7.161   11.765  1.00 16.94 ? 17   LYS A CE  1 
ATOM   142  N NZ  . LYS A 1 17 ? -4.885  7.986   12.242  1.00 18.43 ? 17   LYS A NZ  1 
ATOM   143  N N   . ALA A 1 18 ? 2.550   6.844   12.690  1.00 6.29  ? 18   ALA A N   1 
ATOM   144  C CA  . ALA A 1 18 ? 3.789   7.388   12.161  1.00 5.99  ? 18   ALA A CA  1 
ATOM   145  C C   . ALA A 1 18 ? 4.890   6.327   12.094  1.00 5.30  ? 18   ALA A C   1 
ATOM   146  O O   . ALA A 1 18 ? 5.700   6.333   11.164  1.00 5.56  ? 18   ALA A O   1 
ATOM   147  C CB  . ALA A 1 18 ? 4.256   8.576   12.995  1.00 7.48  ? 18   ALA A CB  1 
ATOM   148  N N   . ALA A 1 19 ? 4.953   5.418   13.054  1.00 5.00  ? 19   ALA A N   1 
ATOM   149  C CA  . ALA A 1 19 ? 5.968   4.376   13.074  1.00 4.81  ? 19   ALA A CA  1 
ATOM   150  C C   . ALA A 1 19 ? 5.744   3.396   11.928  1.00 4.09  ? 19   ALA A C   1 
ATOM   151  O O   . ALA A 1 19 ? 6.707   2.951   11.285  1.00 4.56  ? 19   ALA A O   1 
ATOM   152  C CB  . ALA A 1 19 ? 5.977   3.633   14.401  1.00 5.37  ? 19   ALA A CB  1 
ATOM   153  N N   . LEU A 1 20 ? 4.489   3.024   11.684  1.00 3.16  ? 20   LEU A N   1 
ATOM   154  C CA  . LEU A 1 20 ? 4.150   2.193   10.524  1.00 3.12  ? 20   LEU A CA  1 
ATOM   155  C C   . LEU A 1 20 ? 4.567   2.923   9.250   1.00 3.42  ? 20   LEU A C   1 
ATOM   156  O O   . LEU A 1 20 ? 5.214   2.327   8.399   1.00 3.13  ? 20   LEU A O   1 
ATOM   157  C CB  . LEU A 1 20 ? 2.645   1.920   10.543  1.00 3.25  ? 20   LEU A CB  1 
ATOM   158  C CG  . LEU A 1 20 ? 2.045   1.336   9.264   1.00 3.43  ? 20   LEU A CG  1 
ATOM   159  C CD1 . LEU A 1 20 ? 2.655   0.006   8.873   1.00 3.36  ? 20   LEU A CD1 1 
ATOM   160  C CD2 . LEU A 1 20 ? 0.534   1.197   9.389   1.00 4.73  ? 20   LEU A CD2 1 
ATOM   161  N N   . ALA A 1 21 ? 4.207   4.210   9.128   1.00 3.44  ? 21   ALA A N   1 
ATOM   162  C CA  . ALA A 1 21 ? 4.590   4.943   7.930   1.00 2.91  ? 21   ALA A CA  1 
ATOM   163  C C   . ALA A 1 21 ? 6.092   4.966   7.717   1.00 3.09  ? 21   ALA A C   1 
ATOM   164  O O   . ALA A 1 21 ? 6.536   4.850   6.570   1.00 3.69  ? 21   ALA A O   1 
ATOM   165  C CB  . ALA A 1 21 ? 4.009   6.345   8.005   1.00 3.41  ? 21   ALA A CB  1 
ATOM   166  N N   . ALA A 1 22 ? 6.881   5.179   8.761   1.00 3.04  ? 22   ALA A N   1 
ATOM   167  C CA  . ALA A 1 22 ? 8.332   5.247   8.640   1.00 2.81  ? 22   ALA A CA  1 
ATOM   168  C C   . ALA A 1 22 ? 8.896   3.916   8.144   1.00 3.00  ? 22   ALA A C   1 
ATOM   169  O O   . ALA A 1 22 ? 9.766   3.917   7.277   1.00 2.81  ? 22   ALA A O   1 
ATOM   170  C CB  . ALA A 1 22 ? 8.933   5.652   9.980   1.00 4.28  ? 22   ALA A CB  1 
ATOM   171  N N   . ASP A 1 23 ? 8.383   2.803   8.667   1.00 2.80  ? 23   ASP A N   1 
ATOM   172  C CA  . ASP A 1 23 ? 8.912   1.511   8.230   1.00 2.89  ? 23   ASP A CA  1 
ATOM   173  C C   . ASP A 1 23 ? 8.525   1.193   6.796   1.00 3.01  ? 23   ASP A C   1 
ATOM   174  O O   . ASP A 1 23 ? 9.339   0.659   6.019   1.00 2.84  ? 23   ASP A O   1 
ATOM   175  C CB  . ASP A 1 23 ? 8.447   0.427   9.189   1.00 3.70  ? 23   ASP A CB  1 
ATOM   176  C CG  . ASP A 1 23 ? 9.216   0.362   10.483  1.00 5.41  ? 23   ASP A CG  1 
ATOM   177  O OD1 . ASP A 1 23 ? 10.144  1.165   10.704  1.00 8.11  ? 23   ASP A OD1 1 
ATOM   178  O OD2 . ASP A 1 23 ? 8.868   -0.537  11.276  1.00 7.15  ? 23   ASP A OD2 1 
ATOM   179  N N   . ILE A 1 24 ? 7.294   1.520   6.400   1.00 3.25  ? 24   ILE A N   1 
ATOM   180  C CA  . ILE A 1 24 ? 6.900   1.339   5.004   1.00 2.95  ? 24   ILE A CA  1 
ATOM   181  C C   . ILE A 1 24 ? 7.776   2.185   4.091   1.00 3.50  ? 24   ILE A C   1 
ATOM   182  O O   . ILE A 1 24 ? 8.266   1.745   3.056   1.00 2.81  ? 24   ILE A O   1 
ATOM   183  C CB  . ILE A 1 24 ? 5.417   1.708   4.796   1.00 3.07  ? 24   ILE A CB  1 
ATOM   184  C CG1 . ILE A 1 24 ? 4.503   0.702   5.488   1.00 2.69  ? 24   ILE A CG1 1 
ATOM   185  C CG2 . ILE A 1 24 ? 5.091   1.804   3.318   1.00 3.08  ? 24   ILE A CG2 1 
ATOM   186  C CD1 . ILE A 1 24 ? 4.423   -0.687  4.867   1.00 3.55  ? 24   ILE A CD1 1 
ATOM   187  N N   . THR A 1 25 ? 8.048   3.434   4.504   1.00 2.79  ? 25   THR A N   1 
ATOM   188  C CA  . THR A 1 25 ? 8.858   4.352   3.719   1.00 2.82  ? 25   THR A CA  1 
ATOM   189  C C   . THR A 1 25 ? 10.242  3.768   3.486   1.00 3.13  ? 25   THR A C   1 
ATOM   190  O O   . THR A 1 25 ? 10.710  3.794   2.351   1.00 3.78  ? 25   THR A O   1 
ATOM   191  C CB  . THR A 1 25 ? 8.955   5.709   4.437   1.00 3.63  ? 25   THR A CB  1 
ATOM   192  O OG1 . THR A 1 25 ? 7.636   6.287   4.398   1.00 3.96  ? 25   THR A OG1 1 
ATOM   193  C CG2 . THR A 1 25 ? 9.952   6.651   3.799   1.00 5.34  ? 25   THR A CG2 1 
ATOM   194  N N   A ASP A 1 26 ? 10.896  3.241   4.527   0.50 2.87  ? 26   ASP A N   1 
ATOM   195  N N   B ASP A 1 26 ? 10.870  3.252   4.541   0.50 3.51  ? 26   ASP A N   1 
ATOM   196  C CA  A ASP A 1 26 ? 12.223  2.663   4.334   0.50 2.71  ? 26   ASP A CA  1 
ATOM   197  C CA  B ASP A 1 26 ? 12.203  2.677   4.395   0.50 4.93  ? 26   ASP A CA  1 
ATOM   198  C C   A ASP A 1 26 ? 12.165  1.555   3.290   0.50 2.53  ? 26   ASP A C   1 
ATOM   199  C C   B ASP A 1 26 ? 12.208  1.518   3.417   0.50 3.86  ? 26   ASP A C   1 
ATOM   200  O O   A ASP A 1 26 ? 12.997  1.516   2.387   0.50 2.54  ? 26   ASP A O   1 
ATOM   201  O O   B ASP A 1 26 ? 13.169  1.348   2.665   0.50 4.13  ? 26   ASP A O   1 
ATOM   202  C CB  A ASP A 1 26 ? 12.822  2.150   5.644   0.50 3.05  ? 26   ASP A CB  1 
ATOM   203  C CB  B ASP A 1 26 ? 12.753  2.326   5.779   0.50 7.55  ? 26   ASP A CB  1 
ATOM   204  C CG  A ASP A 1 26 ? 14.041  1.254   5.406   0.50 3.18  ? 26   ASP A CG  1 
ATOM   205  C CG  B ASP A 1 26 ? 13.073  3.525   6.646   0.50 9.58  ? 26   ASP A CG  1 
ATOM   206  O OD1 A ASP A 1 26 ? 15.107  1.828   5.122   0.50 2.72  ? 26   ASP A OD1 1 
ATOM   207  O OD1 B ASP A 1 26 ? 13.310  4.621   6.091   0.50 11.45 ? 26   ASP A OD1 1 
ATOM   208  O OD2 A ASP A 1 26 ? 13.867  0.025   5.483   0.50 3.77  ? 26   ASP A OD2 1 
ATOM   209  O OD2 B ASP A 1 26 ? 13.095  3.433   7.895   0.50 11.00 ? 26   ASP A OD2 1 
ATOM   210  N N   . VAL A 1 27 ? 11.208  0.644   3.473   1.00 2.58  ? 27   VAL A N   1 
ATOM   211  C CA  . VAL A 1 27 ? 11.108  -0.465  2.518   1.00 2.32  ? 27   VAL A CA  1 
ATOM   212  C C   . VAL A 1 27 ? 10.957  0.005   1.083   1.00 2.57  ? 27   VAL A C   1 
ATOM   213  O O   . VAL A 1 27 ? 11.650  -0.485  0.181   1.00 3.85  ? 27   VAL A O   1 
ATOM   214  C CB  . VAL A 1 27 ? 9.945   -1.391  2.933   1.00 3.02  ? 27   VAL A CB  1 
ATOM   215  C CG1 . VAL A 1 27 ? 9.692   -2.422  1.838   1.00 2.69  ? 27   VAL A CG1 1 
ATOM   216  C CG2 . VAL A 1 27 ? 10.280  -2.064  4.249   1.00 2.55  ? 27   VAL A CG2 1 
ATOM   217  N N   . ILE A 1 28 ? 10.083  0.983   0.869   1.00 2.30  ? 28   ILE A N   1 
ATOM   218  C CA  . ILE A 1 28 ? 9.868   1.513   -0.476  1.00 2.68  ? 28   ILE A CA  1 
ATOM   219  C C   . ILE A 1 28 ? 11.118  2.186   -1.020  1.00 3.07  ? 28   ILE A C   1 
ATOM   220  O O   . ILE A 1 28 ? 11.462  2.019   -2.193  1.00 2.66  ? 28   ILE A O   1 
ATOM   221  C CB  . ILE A 1 28 ? 8.638   2.435   -0.459  1.00 2.68  ? 28   ILE A CB  1 
ATOM   222  C CG1 . ILE A 1 28 ? 7.396   1.613   -0.126  1.00 3.38  ? 28   ILE A CG1 1 
ATOM   223  C CG2 . ILE A 1 28 ? 8.484   3.171   -1.784  1.00 3.54  ? 28   ILE A CG2 1 
ATOM   224  C CD1 . ILE A 1 28 ? 6.941   0.576   -1.116  1.00 4.36  ? 28   ILE A CD1 1 
ATOM   225  N N   . ILE A 1 29 ? 11.830  2.974   -0.229  1.00 2.88  ? 29   ILE A N   1 
ATOM   226  C CA  . ILE A 1 29 ? 13.067  3.599   -0.683  1.00 2.84  ? 29   ILE A CA  1 
ATOM   227  C C   . ILE A 1 29 ? 14.030  2.518   -1.150  1.00 2.72  ? 29   ILE A C   1 
ATOM   228  O O   . ILE A 1 29 ? 14.613  2.630   -2.226  1.00 2.94  ? 29   ILE A O   1 
ATOM   229  C CB  . ILE A 1 29 ? 13.693  4.446   0.434   1.00 3.13  ? 29   ILE A CB  1 
ATOM   230  C CG1 . ILE A 1 29 ? 12.834  5.693   0.696   1.00 3.27  ? 29   ILE A CG1 1 
ATOM   231  C CG2 . ILE A 1 29 ? 15.133  4.833   0.150   1.00 3.68  ? 29   ILE A CG2 1 
ATOM   232  C CD1 . ILE A 1 29 ? 13.293  6.528   1.875   1.00 3.79  ? 29   ILE A CD1 1 
ATOM   233  N N   . ARG A 1 30 ? 14.210  1.452   -0.336  1.00 3.06  ? 30   ARG A N   1 
ATOM   234  C CA  . ARG A 1 30 ? 15.208  0.452   -0.662  1.00 3.13  ? 30   ARG A CA  1 
ATOM   235  C C   . ARG A 1 30 ? 14.837  -0.443  -1.827  1.00 3.33  ? 30   ARG A C   1 
ATOM   236  O O   . ARG A 1 30 ? 15.739  -0.850  -2.571  1.00 5.57  ? 30   ARG A O   1 
ATOM   237  C CB  . ARG A 1 30 ? 15.582  -0.415  0.540   1.00 2.94  ? 30   ARG A CB  1 
ATOM   238  C CG  . ARG A 1 30 ? 16.241  0.342   1.693   1.00 2.60  ? 30   ARG A CG  1 
ATOM   239  C CD  . ARG A 1 30 ? 16.670  -0.571  2.819   1.00 2.87  ? 30   ARG A CD  1 
ATOM   240  N NE  . ARG A 1 30 ? 15.562  -1.260  3.468   1.00 2.58  ? 30   ARG A NE  1 
ATOM   241  C CZ  . ARG A 1 30 ? 15.115  -2.487  3.233   1.00 3.48  ? 30   ARG A CZ  1 
ATOM   242  N NH1 . ARG A 1 30 ? 15.693  -3.291  2.365   1.00 3.11  ? 30   ARG A NH1 1 
ATOM   243  N NH2 . ARG A 1 30 ? 14.061  -2.883  3.957   1.00 3.81  ? 30   ARG A NH2 1 
ATOM   244  N N   . HIS A 1 31 ? 13.555  -0.735  -2.031  1.00 2.98  ? 31   HIS A N   1 
ATOM   245  C CA  . HIS A 1 31 ? 13.151  -1.641  -3.106  1.00 3.43  ? 31   HIS A CA  1 
ATOM   246  C C   . HIS A 1 31 ? 12.793  -0.949  -4.392  1.00 3.56  ? 31   HIS A C   1 
ATOM   247  O O   . HIS A 1 31 ? 12.921  -1.562  -5.449  1.00 5.26  ? 31   HIS A O   1 
ATOM   248  C CB  . HIS A 1 31 ? 11.963  -2.490  -2.613  1.00 2.66  ? 31   HIS A CB  1 
ATOM   249  C CG  . HIS A 1 31 ? 12.401  -3.513  -1.615  1.00 2.62  ? 31   HIS A CG  1 
ATOM   250  N ND1 . HIS A 1 31 ? 12.796  -4.773  -2.014  1.00 2.79  ? 31   HIS A ND1 1 
ATOM   251  C CD2 . HIS A 1 31 ? 12.532  -3.463  -0.272  1.00 2.83  ? 31   HIS A CD2 1 
ATOM   252  C CE1 . HIS A 1 31 ? 13.148  -5.448  -0.937  1.00 2.48  ? 31   HIS A CE1 1 
ATOM   253  N NE2 . HIS A 1 31 ? 13.003  -4.691  0.128   1.00 2.64  ? 31   HIS A NE2 1 
ATOM   254  N N   . LEU A 1 32 ? 12.273  0.281   -4.327  1.00 3.28  ? 32   LEU A N   1 
ATOM   255  C CA  . LEU A 1 32 ? 11.852  0.957   -5.572  1.00 3.88  ? 32   LEU A CA  1 
ATOM   256  C C   . LEU A 1 32 ? 12.783  2.085   -5.946  1.00 4.99  ? 32   LEU A C   1 
ATOM   257  O O   . LEU A 1 32 ? 12.493  2.884   -6.831  1.00 6.05  ? 32   LEU A O   1 
ATOM   258  C CB  . LEU A 1 32 ? 10.401  1.432   -5.437  1.00 5.05  ? 32   LEU A CB  1 
ATOM   259  C CG  . LEU A 1 32 ? 9.361   0.322   -5.220  1.00 5.46  ? 32   LEU A CG  1 
ATOM   260  C CD1 . LEU A 1 32 ? 7.951   0.881   -5.228  1.00 5.84  ? 32   LEU A CD1 1 
ATOM   261  C CD2 . LEU A 1 32 ? 9.496   -0.764  -6.282  1.00 6.87  ? 32   LEU A CD2 1 
ATOM   262  N N   . ASN A 1 33 ? 13.921  2.213   -5.273  1.00 4.23  ? 33   ASN A N   1 
ATOM   263  C CA  . ASN A 1 33 ? 14.904  3.261   -5.527  1.00 4.63  ? 33   ASN A CA  1 
ATOM   264  C C   . ASN A 1 33 ? 14.204  4.612   -5.451  1.00 4.54  ? 33   ASN A C   1 
ATOM   265  O O   . ASN A 1 33 ? 14.354  5.481   -6.308  1.00 7.16  ? 33   ASN A O   1 
ATOM   266  C CB  . ASN A 1 33 ? 15.631  3.066   -6.882  1.00 8.15  ? 33   ASN A CB  1 
ATOM   267  C CG  . ASN A 1 33 ? 17.086  3.409   -6.516  1.00 12.37 ? 33   ASN A CG  1 
ATOM   268  O OD1 . ASN A 1 33 ? 17.444  4.564   -6.602  0.50 14.26 ? 33   ASN A OD1 1 
ATOM   269  N ND2 . ASN A 1 33 ? 17.785  2.402   -5.998  0.50 12.16 ? 33   ASN A ND2 1 
ATOM   270  N N   A SER A 1 34 ? 13.474  4.788   -4.362  0.50 4.10  ? 34   SER A N   1 
ATOM   271  N N   B SER A 1 34 ? 13.419  4.802   -4.393  0.50 5.22  ? 34   SER A N   1 
ATOM   272  C CA  A SER A 1 34 ? 12.621  5.941   -4.193  0.50 3.93  ? 34   SER A CA  1 
ATOM   273  C CA  B SER A 1 34 ? 12.579  5.959   -4.199  0.50 6.46  ? 34   SER A CA  1 
ATOM   274  C C   A SER A 1 34 ? 13.176  6.898   -3.167  0.50 4.69  ? 34   SER A C   1 
ATOM   275  C C   B SER A 1 34 ? 13.219  6.973   -3.265  0.50 6.80  ? 34   SER A C   1 
ATOM   276  O O   A SER A 1 34 ? 14.266  6.730   -2.620  0.50 5.19  ? 34   SER A O   1 
ATOM   277  O O   B SER A 1 34 ? 14.362  6.868   -2.831  0.50 6.91  ? 34   SER A O   1 
ATOM   278  C CB  A SER A 1 34 ? 11.210  5.422   -3.880  0.50 4.05  ? 34   SER A CB  1 
ATOM   279  C CB  B SER A 1 34 ? 11.187  5.571   -3.679  0.50 7.98  ? 34   SER A CB  1 
ATOM   280  O OG  A SER A 1 34 ? 10.297  6.492   -3.944  0.50 3.10  ? 34   SER A OG  1 
ATOM   281  O OG  B SER A 1 34 ? 10.422  4.859   -4.624  0.50 9.12  ? 34   SER A OG  1 
ATOM   282  N N   A LYS A 1 35 ? 12.455  7.981   -2.967  0.50 7.22  ? 35   LYS A N   1 
ATOM   283  N N   B LYS A 1 35 ? 12.469  8.026   -3.019  0.50 8.58  ? 35   LYS A N   1 
ATOM   284  C CA  A LYS A 1 35 ? 12.890  9.025   -2.052  0.50 7.77  ? 35   LYS A CA  1 
ATOM   285  C CA  B LYS A 1 35 ? 12.884  9.139   -2.172  0.50 8.49  ? 35   LYS A CA  1 
ATOM   286  C C   A LYS A 1 35 ? 11.753  9.277   -1.084  0.50 6.79  ? 35   LYS A C   1 
ATOM   287  C C   B LYS A 1 35 ? 11.802  9.297   -1.113  0.50 7.19  ? 35   LYS A C   1 
ATOM   288  O O   A LYS A 1 35 ? 10.587  9.048   -1.388  0.50 5.92  ? 35   LYS A O   1 
ATOM   289  O O   B LYS A 1 35 ? 10.621  9.225   -1.479  0.50 6.53  ? 35   LYS A O   1 
ATOM   290  C CB  A LYS A 1 35 ? 13.226  10.317  -2.788  0.50 9.84  ? 35   LYS A CB  1 
ATOM   291  C CB  B LYS A 1 35 ? 13.032  10.410  -2.998  0.50 9.83  ? 35   LYS A CB  1 
ATOM   292  C CG  A LYS A 1 35 ? 14.437  10.223  -3.700  0.50 11.59 ? 35   LYS A CG  1 
ATOM   293  C CG  B LYS A 1 35 ? 13.993  10.423  -4.167  0.50 11.19 ? 35   LYS A CG  1 
ATOM   294  C CD  A LYS A 1 35 ? 14.743  11.573  -4.334  0.50 13.31 ? 35   LYS A CD  1 
ATOM   295  C CD  B LYS A 1 35 ? 15.431  10.091  -3.800  0.50 12.92 ? 35   LYS A CD  1 
ATOM   296  C CE  A LYS A 1 35 ? 13.656  11.979  -5.307  0.50 14.72 ? 35   LYS A CE  1 
ATOM   297  C CE  B LYS A 1 35 ? 16.404  10.526  -4.884  0.50 14.10 ? 35   LYS A CE  1 
ATOM   298  N NZ  A LYS A 1 35 ? 13.383  10.888  -6.285  0.50 15.83 ? 35   LYS A NZ  1 
ATOM   299  N NZ  B LYS A 1 35 ? 17.783  10.019  -4.643  0.50 15.03 ? 35   LYS A NZ  1 
ATOM   300  N N   . ASP A 1 36 ? 12.123  9.821   0.062   1.00 6.26  ? 36   ASP A N   1 
ATOM   301  C CA  . ASP A 1 36 ? 11.121  10.124  1.065   1.00 5.28  ? 36   ASP A CA  1 
ATOM   302  C C   . ASP A 1 36 ? 10.041  11.036  0.503   1.00 3.81  ? 36   ASP A C   1 
ATOM   303  O O   . ASP A 1 36 ? 8.837   10.792  0.686   1.00 3.71  ? 36   ASP A O   1 
ATOM   304  C CB  . ASP A 1 36 ? 11.799  10.767  2.273   1.00 5.58  ? 36   ASP A CB  1 
ATOM   305  C CG  . ASP A 1 36 ? 10.791  10.926  3.386   1.00 7.39  ? 36   ASP A CG  1 
ATOM   306  O OD1 . ASP A 1 36 ? 10.039  11.907  3.388   1.00 10.90 ? 36   ASP A OD1 1 
ATOM   307  O OD2 . ASP A 1 36 ? 10.705  10.072  4.263   1.00 10.82 ? 36   ASP A OD2 1 
ATOM   308  N N   . SER A 1 37 ? 10.438  12.085  -0.225  1.00 3.17  ? 37   SER A N   1 
ATOM   309  C CA  . SER A 1 37 ? 9.520   13.070  -0.782  1.00 3.49  ? 37   SER A CA  1 
ATOM   310  C C   . SER A 1 37 ? 8.506   12.538  -1.770  1.00 3.25  ? 37   SER A C   1 
ATOM   311  O O   . SER A 1 37 ? 7.432   13.138  -1.928  1.00 3.66  ? 37   SER A O   1 
ATOM   312  C CB  . SER A 1 37 ? 10.305  14.237  -1.406  1.00 3.86  ? 37   SER A CB  1 
ATOM   313  O OG  . SER A 1 37 ? 11.186  13.744  -2.399  1.00 5.31  ? 37   SER A OG  1 
ATOM   314  N N   A SER A 1 38 ? 8.767   11.404  -2.397  0.70 3.08  ? 38   SER A N   1 
ATOM   315  N N   B SER A 1 38 ? 8.778   11.422  -2.436  0.30 2.94  ? 38   SER A N   1 
ATOM   316  C CA  A SER A 1 38 ? 7.891   10.823  -3.391  0.70 3.33  ? 38   SER A CA  1 
ATOM   317  C CA  B SER A 1 38 ? 7.850   10.867  -3.406  0.30 2.86  ? 38   SER A CA  1 
ATOM   318  C C   A SER A 1 38 ? 6.848   9.879   -2.805  0.70 2.61  ? 38   SER A C   1 
ATOM   319  C C   B SER A 1 38 ? 6.761   10.018  -2.759  0.30 2.26  ? 38   SER A C   1 
ATOM   320  O O   A SER A 1 38 ? 6.010   9.392   -3.562  0.70 2.57  ? 38   SER A O   1 
ATOM   321  O O   B SER A 1 38 ? 5.851   9.591   -3.474  0.30 2.19  ? 38   SER A O   1 
ATOM   322  C CB  A SER A 1 38 ? 8.714   9.951   -4.360  0.70 4.16  ? 38   SER A CB  1 
ATOM   323  C CB  B SER A 1 38 ? 8.588   10.016  -4.445  0.30 3.20  ? 38   SER A CB  1 
ATOM   324  O OG  A SER A 1 38 ? 9.701   10.715  -5.027  0.70 6.86  ? 38   SER A OG  1 
ATOM   325  O OG  B SER A 1 38 ? 9.128   8.865   -3.831  0.30 4.02  ? 38   SER A OG  1 
ATOM   326  N N   . ILE A 1 39 ? 6.957   9.598   -1.511  1.00 2.53  ? 39   ILE A N   1 
ATOM   327  C CA  . ILE A 1 39 ? 6.092   8.577   -0.917  1.00 2.61  ? 39   ILE A CA  1 
ATOM   328  C C   . ILE A 1 39 ? 4.932   9.125   -0.115  1.00 2.48  ? 39   ILE A C   1 
ATOM   329  O O   . ILE A 1 39 ? 5.053   9.976   0.767   1.00 3.34  ? 39   ILE A O   1 
ATOM   330  C CB  . ILE A 1 39 ? 6.984   7.662   -0.035  1.00 2.55  ? 39   ILE A CB  1 
ATOM   331  C CG1 . ILE A 1 39 ? 8.050   6.956   -0.892  1.00 2.69  ? 39   ILE A CG1 1 
ATOM   332  C CG2 . ILE A 1 39 ? 6.152   6.630   0.720   1.00 3.79  ? 39   ILE A CG2 1 
ATOM   333  C CD1 . ILE A 1 39 ? 9.223   6.385   -0.104  1.00 3.04  ? 39   ILE A CD1 1 
ATOM   334  N N   . SER A 1 40 ? 3.728   8.626   -0.431  1.00 2.71  ? 40   SER A N   1 
ATOM   335  C CA  . SER A 1 40 ? 2.522   8.941   0.323   1.00 2.63  ? 40   SER A CA  1 
ATOM   336  C C   . SER A 1 40 ? 1.875   7.638   0.754   1.00 2.82  ? 40   SER A C   1 
ATOM   337  O O   . SER A 1 40 ? 2.003   6.609   0.057   1.00 2.50  ? 40   SER A O   1 
ATOM   338  C CB  . SER A 1 40 ? 1.591   9.840   -0.463  1.00 3.18  ? 40   SER A CB  1 
ATOM   339  O OG  . SER A 1 40 ? 1.264   9.233   -1.711  1.00 3.27  ? 40   SER A OG  1 
ATOM   340  N N   . ILE A 1 41 ? 1.270   7.621   1.940   1.00 2.30  ? 41   ILE A N   1 
ATOM   341  C CA  . ILE A 1 41 ? 0.708   6.395   2.510   1.00 2.87  ? 41   ILE A CA  1 
ATOM   342  C C   . ILE A 1 41 ? -0.636  6.668   3.172   1.00 2.60  ? 41   ILE A C   1 
ATOM   343  O O   . ILE A 1 41 ? -0.729  7.568   4.003   1.00 2.54  ? 41   ILE A O   1 
ATOM   344  C CB  . ILE A 1 41 ? 1.646   5.752   3.558   1.00 2.48  ? 41   ILE A CB  1 
ATOM   345  C CG1 . ILE A 1 41 ? 3.070   5.519   3.011   1.00 2.71  ? 41   ILE A CG1 1 
ATOM   346  C CG2 . ILE A 1 41 ? 1.065   4.418   4.037   1.00 2.86  ? 41   ILE A CG2 1 
ATOM   347  C CD1 . ILE A 1 41 ? 4.095   5.208   4.090   1.00 2.68  ? 41   ILE A CD1 1 
ATOM   348  N N   . ALA A 1 42 ? -1.641  5.894   2.774   1.00 2.85  ? 42   ALA A N   1 
ATOM   349  C CA  . ALA A 1 42 ? -2.986  5.919   3.335   1.00 3.00  ? 42   ALA A CA  1 
ATOM   350  C C   . ALA A 1 42 ? -3.221  4.648   4.150   1.00 2.83  ? 42   ALA A C   1 
ATOM   351  O O   . ALA A 1 42 ? -2.768  3.577   3.769   1.00 3.78  ? 42   ALA A O   1 
ATOM   352  C CB  . ALA A 1 42 ? -4.053  6.000   2.260   1.00 2.82  ? 42   ALA A CB  1 
ATOM   353  N N   . LEU A 1 43 ? -3.954  4.779   5.243   1.00 3.21  ? 43   LEU A N   1 
ATOM   354  C CA  . LEU A 1 43 ? -4.369  3.664   6.093   1.00 4.09  ? 43   LEU A CA  1 
ATOM   355  C C   . LEU A 1 43 ? -5.881  3.745   6.260   1.00 4.48  ? 43   LEU A C   1 
ATOM   356  O O   . LEU A 1 43 ? -6.390  4.742   6.738   1.00 6.01  ? 43   LEU A O   1 
ATOM   357  C CB  . LEU A 1 43 ? -3.646  3.645   7.421   1.00 4.95  ? 43   LEU A CB  1 
ATOM   358  C CG  . LEU A 1 43 ? -4.057  2.590   8.447   1.00 5.42  ? 43   LEU A CG  1 
ATOM   359  C CD1 . LEU A 1 43 ? -3.687  1.208   7.978   1.00 5.73  ? 43   LEU A CD1 1 
ATOM   360  C CD2 . LEU A 1 43 ? -3.458  2.885   9.825   1.00 8.34  ? 43   LEU A CD2 1 
ATOM   361  N N   . GLN A 1 44 ? -6.591  2.750   5.730   1.00 3.84  ? 44   GLN A N   1 
ATOM   362  C CA  . GLN A 1 44 ? -8.053  2.726   5.784   1.00 4.84  ? 44   GLN A CA  1 
ATOM   363  C C   . GLN A 1 44 ? -8.511  1.483   6.543   1.00 4.09  ? 44   GLN A C   1 
ATOM   364  O O   . GLN A 1 44 ? -8.189  0.360   6.142   1.00 4.64  ? 44   GLN A O   1 
ATOM   365  C CB  . GLN A 1 44 ? -8.624  2.761   4.366   1.00 7.87  ? 44   GLN A CB  1 
ATOM   366  C CG  . GLN A 1 44 ? -8.051  3.856   3.476   1.00 11.93 ? 44   GLN A CG  1 
ATOM   367  C CD  . GLN A 1 44 ? -8.781  4.074   2.183   1.00 14.78 ? 44   GLN A CD  1 
ATOM   368  O OE1 . GLN A 1 44 ? -8.260  3.987   1.065   1.00 15.01 ? 44   GLN A OE1 1 
ATOM   369  N NE2 . GLN A 1 44 ? -10.068 4.399   2.303   1.00 16.36 ? 44   GLN A NE2 1 
ATOM   370  N N   . GLN A 1 45 ? -9.236  1.668   7.622   1.00 4.42  ? 45   GLN A N   1 
ATOM   371  C CA  . GLN A 1 45 ? -9.758  0.580   8.439   1.00 5.26  ? 45   GLN A CA  1 
ATOM   372  C C   . GLN A 1 45 ? -11.143 0.216   7.917   1.00 5.30  ? 45   GLN A C   1 
ATOM   373  O O   . GLN A 1 45 ? -12.014 1.078   7.740   1.00 7.33  ? 45   GLN A O   1 
ATOM   374  C CB  . GLN A 1 45 ? -9.808  0.994   9.912   1.00 6.69  ? 45   GLN A CB  1 
ATOM   375  C CG  . GLN A 1 45 ? -8.406  1.292   10.435  1.00 9.24  ? 45   GLN A CG  1 
ATOM   376  C CD  . GLN A 1 45 ? -8.313  1.487   11.924  1.00 12.61 ? 45   GLN A CD  1 
ATOM   377  O OE1 . GLN A 1 45 ? -9.037  0.887   12.715  1.00 13.21 ? 45   GLN A OE1 1 
ATOM   378  N NE2 . GLN A 1 45 ? -7.384  2.363   12.310  1.00 14.61 ? 45   GLN A NE2 1 
ATOM   379  N N   . ILE A 1 46 ? -11.326 -1.065  7.615   1.00 4.48  ? 46   ILE A N   1 
ATOM   380  C CA  . ILE A 1 46 ? -12.534 -1.572  6.972   1.00 4.47  ? 46   ILE A CA  1 
ATOM   381  C C   . ILE A 1 46 ? -13.166 -2.604  7.901   1.00 4.49  ? 46   ILE A C   1 
ATOM   382  O O   . ILE A 1 46 ? -12.491 -3.548  8.338   1.00 5.33  ? 46   ILE A O   1 
ATOM   383  C CB  . ILE A 1 46 ? -12.156 -2.312  5.659   1.00 5.79  ? 46   ILE A CB  1 
ATOM   384  C CG1 . ILE A 1 46 ? -11.288 -1.492  4.712   1.00 8.15  ? 46   ILE A CG1 1 
ATOM   385  C CG2 . ILE A 1 46 ? -13.409 -2.845  4.969   1.00 5.94  ? 46   ILE A CG2 1 
ATOM   386  C CD1 . ILE A 1 46 ? -11.943 -0.237  4.210   1.00 9.87  ? 46   ILE A CD1 1 
ATOM   387  N N   . GLN A 1 47 ? -14.431 -2.399  8.269   1.00 4.90  ? 47   GLN A N   1 
ATOM   388  C CA  . GLN A 1 47 ? -15.113 -3.375  9.126   1.00 5.95  ? 47   GLN A CA  1 
ATOM   389  C C   . GLN A 1 47 ? -15.171 -4.702  8.399   1.00 5.34  ? 47   GLN A C   1 
ATOM   390  O O   . GLN A 1 47 ? -15.277 -4.758  7.170   1.00 4.62  ? 47   GLN A O   1 
ATOM   391  C CB  . GLN A 1 47 ? -16.520 -2.862  9.447   1.00 8.49  ? 47   GLN A CB  1 
ATOM   392  C CG  . GLN A 1 47 ? -16.532 -1.522  10.153  1.00 12.61 ? 47   GLN A CG  1 
ATOM   393  C CD  . GLN A 1 47 ? -16.040 -1.584  11.570  1.00 15.52 ? 47   GLN A CD  1 
ATOM   394  O OE1 . GLN A 1 47 ? -16.170 -2.592  12.261  1.00 16.82 ? 47   GLN A OE1 1 
ATOM   395  N NE2 . GLN A 1 47 ? -15.442 -0.480  12.017  1.00 17.42 ? 47   GLN A NE2 1 
ATOM   396  N N   . PRO A 1 48 ? -15.141 -5.832  9.109   1.00 6.13  ? 48   PRO A N   1 
ATOM   397  C CA  . PRO A 1 48 ? -15.101 -7.135  8.476   1.00 6.88  ? 48   PRO A CA  1 
ATOM   398  C C   . PRO A 1 48 ? -16.201 -7.392  7.476   1.00 6.90  ? 48   PRO A C   1 
ATOM   399  O O   . PRO A 1 48 ? -15.967 -7.980  6.419   1.00 7.34  ? 48   PRO A O   1 
ATOM   400  C CB  . PRO A 1 48 ? -15.172 -8.125  9.629   1.00 8.83  ? 48   PRO A CB  1 
ATOM   401  C CG  . PRO A 1 48 ? -14.679 -7.380  10.801  1.00 10.00 ? 48   PRO A CG  1 
ATOM   402  C CD  . PRO A 1 48 ? -14.970 -5.917  10.583  1.00 7.77  ? 48   PRO A CD  1 
ATOM   403  N N   A GLU A 1 49 ? -17.416 -6.930  7.757   0.50 6.83  ? 49   GLU A N   1 
ATOM   404  N N   B GLU A 1 49 ? -17.416 -6.920  7.753   0.50 7.70  ? 49   GLU A N   1 
ATOM   405  C CA  A GLU A 1 49 ? -18.545 -7.136  6.862   0.50 6.57  ? 49   GLU A CA  1 
ATOM   406  C CA  B GLU A 1 49 ? -18.565 -7.070  6.888   0.50 8.29  ? 49   GLU A CA  1 
ATOM   407  C C   A GLU A 1 49 ? -18.439 -6.362  5.568   0.50 6.04  ? 49   GLU A C   1 
ATOM   408  C C   B GLU A 1 49 ? -18.336 -6.457  5.515   0.50 6.96  ? 49   GLU A C   1 
ATOM   409  O O   A GLU A 1 49 ? -19.193 -6.560  4.609   0.50 6.91  ? 49   GLU A O   1 
ATOM   410  O O   B GLU A 1 49 ? -18.885 -6.904  4.512   0.50 7.90  ? 49   GLU A O   1 
ATOM   411  C CB  A GLU A 1 49 ? -19.842 -6.824  7.628   0.50 7.12  ? 49   GLU A CB  1 
ATOM   412  C CB  B GLU A 1 49 ? -19.837 -6.401  7.439   0.50 10.11 ? 49   GLU A CB  1 
ATOM   413  C CG  A GLU A 1 49 ? -20.083 -5.355  7.866   0.50 7.50  ? 49   GLU A CG  1 
ATOM   414  C CG  B GLU A 1 49 ? -20.123 -6.602  8.911   0.50 12.38 ? 49   GLU A CG  1 
ATOM   415  C CD  A GLU A 1 49 ? -19.486 -4.706  9.089   0.50 7.55  ? 49   GLU A CD  1 
ATOM   416  C CD  B GLU A 1 49 ? -19.333 -5.630  9.769   0.50 14.00 ? 49   GLU A CD  1 
ATOM   417  O OE1 A GLU A 1 49 ? -18.727 -5.411  9.799   0.50 6.42  ? 49   GLU A OE1 1 
ATOM   418  O OE1 B GLU A 1 49 ? -19.763 -4.463  9.924   0.50 15.30 ? 49   GLU A OE1 1 
ATOM   419  O OE2 A GLU A 1 49 ? -19.801 -3.498  9.344   0.50 7.48  ? 49   GLU A OE2 1 
ATOM   420  O OE2 B GLU A 1 49 ? -18.271 -6.025  10.273  0.50 14.66 ? 49   GLU A OE2 1 
ATOM   421  N N   . SER A 1 50 ? -17.481 -5.439  5.443   1.00 5.49  ? 50   SER A N   1 
ATOM   422  C CA  . SER A 1 50 ? -17.241 -4.694  4.227   1.00 4.61  ? 50   SER A CA  1 
ATOM   423  C C   . SER A 1 50 ? -15.981 -5.176  3.512   1.00 3.41  ? 50   SER A C   1 
ATOM   424  O O   . SER A 1 50 ? -15.641 -4.615  2.471   1.00 3.47  ? 50   SER A O   1 
ATOM   425  C CB  . SER A 1 50 ? -17.169 -3.187  4.528   1.00 5.26  ? 50   SER A CB  1 
ATOM   426  O OG  . SER A 1 50 ? -18.479 -2.737  4.863   1.00 7.59  ? 50   SER A OG  1 
ATOM   427  N N   . TRP A 1 51 ? -15.384 -6.278  3.963   1.00 3.01  ? 51   TRP A N   1 
ATOM   428  C CA  . TRP A 1 51 ? -14.162 -6.790  3.295   1.00 3.10  ? 51   TRP A CA  1 
ATOM   429  C C   . TRP A 1 51 ? -14.512 -7.444  1.978   1.00 2.79  ? 51   TRP A C   1 
ATOM   430  O O   . TRP A 1 51 ? -13.660 -7.445  1.079   1.00 3.16  ? 51   TRP A O   1 
ATOM   431  C CB  . TRP A 1 51 ? -13.433 -7.781  4.202   1.00 3.29  ? 51   TRP A CB  1 
ATOM   432  C CG  . TRP A 1 51 ? -12.033 -8.011  3.724   1.00 3.07  ? 51   TRP A CG  1 
ATOM   433  C CD1 . TRP A 1 51 ? -11.538 -9.112  3.099   1.00 3.27  ? 51   TRP A CD1 1 
ATOM   434  C CD2 . TRP A 1 51 ? -10.941 -7.080  3.859   1.00 2.97  ? 51   TRP A CD2 1 
ATOM   435  N NE1 . TRP A 1 51 ? -10.200 -8.936  2.830   1.00 3.44  ? 51   TRP A NE1 1 
ATOM   436  C CE2 . TRP A 1 51 ? -9.816  -7.709  3.298   1.00 3.16  ? 51   TRP A CE2 1 
ATOM   437  C CE3 . TRP A 1 51 ? -10.790 -5.818  4.428   1.00 2.80  ? 51   TRP A CE3 1 
ATOM   438  C CZ2 . TRP A 1 51 ? -8.562  -7.114  3.254   1.00 2.98  ? 51   TRP A CZ2 1 
ATOM   439  C CZ3 . TRP A 1 51 ? -9.544  -5.204  4.366   1.00 3.59  ? 51   TRP A CZ3 1 
ATOM   440  C CH2 . TRP A 1 51 ? -8.433  -5.872  3.811   1.00 3.69  ? 51   TRP A CH2 1 
ATOM   441  N N   . GLN A 1 52 ? -15.721 -8.006  1.846   1.00 3.87  ? 52   GLN A N   1 
ATOM   442  C CA  . GLN A 1 52 ? -16.072 -8.660  0.594   1.00 3.55  ? 52   GLN A CA  1 
ATOM   443  C C   . GLN A 1 52 ? -15.926 -7.721  -0.591  1.00 3.04  ? 52   GLN A C   1 
ATOM   444  O O   . GLN A 1 52 ? -15.454 -8.125  -1.649  1.00 3.10  ? 52   GLN A O   1 
ATOM   445  C CB  . GLN A 1 52 ? -17.494 -9.229  0.668   1.00 3.20  ? 52   GLN A CB  1 
ATOM   446  C CG  . GLN A 1 52 ? -17.902 -10.051 -0.556  1.00 2.88  ? 52   GLN A CG  1 
ATOM   447  C CD  . GLN A 1 52 ? -17.196 -11.399 -0.536  1.00 3.36  ? 52   GLN A CD  1 
ATOM   448  O OE1 . GLN A 1 52 ? -17.348 -12.145 0.420   1.00 5.29  ? 52   GLN A OE1 1 
ATOM   449  N NE2 . GLN A 1 52 ? -16.448 -11.656 -1.593  1.00 4.05  ? 52   GLN A NE2 1 
ATOM   450  N N   . ALA A 1 53 ? -16.270 -6.444  -0.429  1.00 3.87  ? 53   ALA A N   1 
ATOM   451  C CA  . ALA A 1 53 ? -16.141 -5.485  -1.513  1.00 4.11  ? 53   ALA A CA  1 
ATOM   452  C C   . ALA A 1 53 ? -14.680 -5.293  -1.897  1.00 3.75  ? 53   ALA A C   1 
ATOM   453  O O   . ALA A 1 53 ? -14.358 -5.056  -3.069  1.00 4.70  ? 53   ALA A O   1 
ATOM   454  C CB  . ALA A 1 53 ? -16.735 -4.142  -1.127  1.00 5.93  ? 53   ALA A CB  1 
ATOM   455  N N   . ILE A 1 54 ? -13.763 -5.367  -0.945  1.00 3.05  ? 54   ILE A N   1 
ATOM   456  C CA  . ILE A 1 54 ? -12.334 -5.255  -1.179  1.00 3.45  ? 54   ILE A CA  1 
ATOM   457  C C   . ILE A 1 54 ? -11.823 -6.491  -1.919  1.00 3.38  ? 54   ILE A C   1 
ATOM   458  O O   . ILE A 1 54 ? -11.091 -6.417  -2.901  1.00 3.40  ? 54   ILE A O   1 
ATOM   459  C CB  . ILE A 1 54 ? -11.528 -5.067  0.122   1.00 4.21  ? 54   ILE A CB  1 
ATOM   460  C CG1 . ILE A 1 54 ? -12.013 -3.880  0.961   1.00 5.65  ? 54   ILE A CG1 1 
ATOM   461  C CG2 . ILE A 1 54 ? -10.048 -4.931  -0.199  1.00 5.15  ? 54   ILE A CG2 1 
ATOM   462  C CD1 . ILE A 1 54 ? -12.134 -2.565  0.239   1.00 7.04  ? 54   ILE A CD1 1 
ATOM   463  N N   . TRP A 1 55 ? -12.267 -7.673  -1.485  1.00 2.31  ? 55   TRP A N   1 
ATOM   464  C CA  . TRP A 1 55 ? -11.938 -8.905  -2.185  1.00 2.21  ? 55   TRP A CA  1 
ATOM   465  C C   . TRP A 1 55 ? -12.386 -8.804  -3.650  1.00 2.66  ? 55   TRP A C   1 
ATOM   466  O O   . TRP A 1 55 ? -11.657 -9.109  -4.596  1.00 2.49  ? 55   TRP A O   1 
ATOM   467  C CB  . TRP A 1 55 ? -12.649 -10.108 -1.525  1.00 2.92  ? 55   TRP A CB  1 
ATOM   468  C CG  . TRP A 1 55 ? -12.365 -11.385 -2.281  1.00 3.00  ? 55   TRP A CG  1 
ATOM   469  C CD1 . TRP A 1 55 ? -13.151 -11.926 -3.253  1.00 3.18  ? 55   TRP A CD1 1 
ATOM   470  C CD2 . TRP A 1 55 ? -11.239 -12.259 -2.126  1.00 3.25  ? 55   TRP A CD2 1 
ATOM   471  N NE1 . TRP A 1 55 ? -12.550 -13.066 -3.722  1.00 2.96  ? 55   TRP A NE1 1 
ATOM   472  C CE2 . TRP A 1 55 ? -11.369 -13.290 -3.073  1.00 2.93  ? 55   TRP A CE2 1 
ATOM   473  C CE3 . TRP A 1 55 ? -10.112 -12.241 -1.300  1.00 2.95  ? 55   TRP A CE3 1 
ATOM   474  C CZ2 . TRP A 1 55 ? -10.428 -14.317 -3.198  1.00 2.55  ? 55   TRP A CZ2 1 
ATOM   475  C CZ3 . TRP A 1 55 ? -9.185  -13.257 -1.407  1.00 3.01  ? 55   TRP A CZ3 1 
ATOM   476  C CH2 . TRP A 1 55 ? -9.344  -14.262 -2.365  1.00 2.99  ? 55   TRP A CH2 1 
ATOM   477  N N   . ASP A 1 56 ? -13.645 -8.397  -3.843  1.00 2.63  ? 56   ASP A N   1 
ATOM   478  C CA  . ASP A 1 56 ? -14.242 -8.397  -5.172  1.00 3.85  ? 56   ASP A CA  1 
ATOM   479  C C   . ASP A 1 56 ? -13.640 -7.360  -6.116  1.00 5.00  ? 56   ASP A C   1 
ATOM   480  O O   . ASP A 1 56 ? -13.517 -7.654  -7.313  1.00 6.34  ? 56   ASP A O   1 
ATOM   481  C CB  . ASP A 1 56 ? -15.748 -8.137  -5.058  1.00 4.28  ? 56   ASP A CB  1 
ATOM   482  C CG  . ASP A 1 56 ? -16.539 -9.255  -4.428  1.00 4.37  ? 56   ASP A CG  1 
ATOM   483  O OD1 . ASP A 1 56 ? -16.004 -10.336 -4.143  1.00 4.76  ? 56   ASP A OD1 1 
ATOM   484  O OD2 . ASP A 1 56 ? -17.764 -9.025  -4.228  1.00 6.41  ? 56   ASP A OD2 1 
ATOM   485  N N   . ALA A 1 57 ? -13.316 -6.189  -5.602  1.00 4.46  ? 57   ALA A N   1 
ATOM   486  C CA  . ALA A 1 57 ? -12.810 -5.134  -6.467  1.00 5.63  ? 57   ALA A CA  1 
ATOM   487  C C   . ALA A 1 57 ? -11.305 -5.080  -6.590  1.00 6.44  ? 57   ALA A C   1 
ATOM   488  O O   . ALA A 1 57 ? -10.803 -4.595  -7.614  1.00 8.30  ? 57   ALA A O   1 
ATOM   489  C CB  . ALA A 1 57 ? -13.267 -3.778  -5.917  1.00 7.31  ? 57   ALA A CB  1 
ATOM   490  N N   . GLU A 1 58 ? -10.596 -5.464  -5.546  1.00 5.84  ? 58   GLU A N   1 
ATOM   491  C CA  . GLU A 1 58 ? -9.154  -5.291  -5.509  1.00 6.94  ? 58   GLU A CA  1 
ATOM   492  C C   . GLU A 1 58 ? -8.343  -6.571  -5.511  1.00 7.45  ? 58   GLU A C   1 
ATOM   493  O O   . GLU A 1 58 ? -7.336  -6.703  -6.227  1.00 10.89 ? 58   GLU A O   1 
ATOM   494  C CB  . GLU A 1 58 ? -8.766  -4.491  -4.251  1.00 8.71  ? 58   GLU A CB  1 
ATOM   495  C CG  . GLU A 1 58 ? -9.359  -3.105  -4.140  1.00 12.34 ? 58   GLU A CG  1 
ATOM   496  C CD  . GLU A 1 58 ? -8.883  -2.144  -5.199  1.00 14.89 ? 58   GLU A CD  1 
ATOM   497  O OE1 . GLU A 1 58 ? -7.768  -2.261  -5.759  1.00 15.52 ? 58   GLU A OE1 1 
ATOM   498  O OE2 . GLU A 1 58 ? -9.660  -1.212  -5.494  1.00 17.27 ? 58   GLU A OE2 1 
ATOM   499  N N   . ILE A 1 59 ? -8.713  -7.537  -4.681  1.00 4.80  ? 59   ILE A N   1 
ATOM   500  C CA  . ILE A 1 59 ? -7.891  -8.718  -4.490  1.00 3.79  ? 59   ILE A CA  1 
ATOM   501  C C   . ILE A 1 59 ? -8.090  -9.746  -5.584  1.00 4.18  ? 59   ILE A C   1 
ATOM   502  O O   . ILE A 1 59 ? -7.141  -10.136 -6.281  1.00 5.57  ? 59   ILE A O   1 
ATOM   503  C CB  . ILE A 1 59 ? -8.070  -9.301  -3.068  1.00 3.48  ? 59   ILE A CB  1 
ATOM   504  C CG1 . ILE A 1 59 ? -7.841  -8.217  -2.000  1.00 4.16  ? 59   ILE A CG1 1 
ATOM   505  C CG2 . ILE A 1 59 ? -7.109  -10.468 -2.880  1.00 3.80  ? 59   ILE A CG2 1 
ATOM   506  C CD1 . ILE A 1 59 ? -8.154  -8.645  -0.593  1.00 4.20  ? 59   ILE A CD1 1 
ATOM   507  N N   . ALA A 1 60 ? -9.320  -10.226 -5.714  1.00 4.02  ? 60   ALA A N   1 
ATOM   508  C CA  . ALA A 1 60 ? -9.633  -11.260 -6.683  1.00 4.54  ? 60   ALA A CA  1 
ATOM   509  C C   . ALA A 1 60 ? -9.287  -10.903 -8.104  1.00 3.69  ? 60   ALA A C   1 
ATOM   510  O O   . ALA A 1 60 ? -8.578  -11.681 -8.776  1.00 4.89  ? 60   ALA A O   1 
ATOM   511  C CB  . ALA A 1 60 ? -11.077 -11.727 -6.561  1.00 6.12  ? 60   ALA A CB  1 
ATOM   512  N N   . PRO A 1 61 ? -9.656  -9.742  -8.621  1.00 3.33  ? 61   PRO A N   1 
ATOM   513  C CA  . PRO A 1 61 ? -9.355  -9.446  -10.017 1.00 4.11  ? 61   PRO A CA  1 
ATOM   514  C C   . PRO A 1 61 ? -7.861  -9.373  -10.286 1.00 4.54  ? 61   PRO A C   1 
ATOM   515  O O   . PRO A 1 61 ? -7.437  -9.638  -11.421 1.00 6.20  ? 61   PRO A O   1 
ATOM   516  C CB  . PRO A 1 61 ? -10.039 -8.113  -10.282 1.00 5.12  ? 61   PRO A CB  1 
ATOM   517  C CG  . PRO A 1 61 ? -10.984 -7.883  -9.171  1.00 7.00  ? 61   PRO A CG  1 
ATOM   518  C CD  . PRO A 1 61 ? -10.533 -8.715  -8.008  1.00 4.87  ? 61   PRO A CD  1 
ATOM   519  N N   . GLN A 1 62 ? -7.075  -8.991  -9.284  1.00 3.64  ? 62   GLN A N   1 
ATOM   520  C CA  . GLN A 1 62 ? -5.644  -8.871  -9.444  1.00 3.25  ? 62   GLN A CA  1 
ATOM   521  C C   . GLN A 1 62 ? -4.847  -10.109 -9.067  1.00 3.08  ? 62   GLN A C   1 
ATOM   522  O O   . GLN A 1 62 ? -3.610  -10.054 -9.097  1.00 2.93  ? 62   GLN A O   1 
ATOM   523  C CB  . GLN A 1 62 ? -5.100  -7.690  -8.621  1.00 4.36  ? 62   GLN A CB  1 
ATOM   524  C CG  . GLN A 1 62 ? -5.583  -6.340  -9.173  1.00 6.33  ? 62   GLN A CG  1 
ATOM   525  C CD  . GLN A 1 62 ? -4.933  -5.228  -8.372  1.00 8.49  ? 62   GLN A CD  1 
ATOM   526  O OE1 . GLN A 1 62 ? -5.323  -4.887  -7.277  1.00 10.56 ? 62   GLN A OE1 1 
ATOM   527  N NE2 . GLN A 1 62 ? -3.874  -4.651  -8.909  1.00 9.71  ? 62   GLN A NE2 1 
ATOM   528  N N   . MET A 1 63 ? -5.489  -11.223 -8.760  1.00 2.53  ? 63   MET A N   1 
ATOM   529  C CA  . MET A 1 63 ? -4.803  -12.437 -8.355  1.00 2.75  ? 63   MET A CA  1 
ATOM   530  C C   . MET A 1 63 ? -3.687  -12.813 -9.304  1.00 3.19  ? 63   MET A C   1 
ATOM   531  O O   . MET A 1 63 ? -2.591  -13.177 -8.866  1.00 3.36  ? 63   MET A O   1 
ATOM   532  C CB  . MET A 1 63 ? -5.800  -13.603 -8.229  1.00 2.63  ? 63   MET A CB  1 
ATOM   533  C CG  . MET A 1 63 ? -5.221  -14.813 -7.523  1.00 3.51  ? 63   MET A CG  1 
ATOM   534  S SD  . MET A 1 63 ? -4.941  -14.629 -5.769  1.00 2.82  ? 63   MET A SD  1 
ATOM   535  C CE  . MET A 1 63 ? -6.585  -14.286 -5.133  1.00 3.92  ? 63   MET A CE  1 
ATOM   536  N N   . GLU A 1 64 ? -3.892  -12.657 -10.610 1.00 2.66  ? 64   GLU A N   1 
ATOM   537  C CA  . GLU A 1 64 ? -2.919  -12.958 -11.629 1.00 2.94  ? 64   GLU A CA  1 
ATOM   538  C C   . GLU A 1 64 ? -1.634  -12.129 -11.562 1.00 3.01  ? 64   GLU A C   1 
ATOM   539  O O   . GLU A 1 64 ? -0.633  -12.555 -12.119 1.00 3.67  ? 64   GLU A O   1 
ATOM   540  C CB  . GLU A 1 64 ? -3.526  -12.751 -13.033 1.00 3.12  ? 64   GLU A CB  1 
ATOM   541  C CG  . GLU A 1 64 ? -3.893  -11.303 -13.323 1.00 3.73  ? 64   GLU A CG  1 
ATOM   542  C CD  . GLU A 1 64 ? -4.641  -11.085 -14.613 1.00 4.71  ? 64   GLU A CD  1 
ATOM   543  O OE1 . GLU A 1 64 ? -4.885  -12.063 -15.349 1.00 4.67  ? 64   GLU A OE1 1 
ATOM   544  O OE2 . GLU A 1 64 ? -4.980  -9.928  -14.910 1.00 8.25  ? 64   GLU A OE2 1 
ATOM   545  N N   . ALA A 1 65 ? -1.684  -10.990 -10.876 1.00 2.87  ? 65   ALA A N   1 
ATOM   546  C CA  . ALA A 1 65 ? -0.569  -10.060 -10.804 1.00 3.61  ? 65   ALA A CA  1 
ATOM   547  C C   . ALA A 1 65 ? -0.102  -9.768  -9.395  1.00 3.03  ? 65   ALA A C   1 
ATOM   548  O O   . ALA A 1 65 ? 0.956   -9.144  -9.266  1.00 4.07  ? 65   ALA A O   1 
ATOM   549  C CB  . ALA A 1 65 ? -1.010  -8.731  -11.425 1.00 4.75  ? 65   ALA A CB  1 
ATOM   550  N N   . LEU A 1 66 ? -0.854  -10.119 -8.357  1.00 3.11  ? 66   LEU A N   1 
ATOM   551  C CA  . LEU A 1 66 ? -0.401  -9.771  -7.022  1.00 3.01  ? 66   LEU A CA  1 
ATOM   552  C C   . LEU A 1 66 ? 1.018   -10.225 -6.766  1.00 3.23  ? 66   LEU A C   1 
ATOM   553  O O   . LEU A 1 66 ? 1.440   -11.326 -7.125  1.00 2.77  ? 66   LEU A O   1 
ATOM   554  C CB  . LEU A 1 66 ? -1.318  -10.434 -5.973  1.00 2.76  ? 66   LEU A CB  1 
ATOM   555  C CG  . LEU A 1 66 ? -2.780  -9.970  -5.923  1.00 2.64  ? 66   LEU A CG  1 
ATOM   556  C CD1 . LEU A 1 66 ? -3.519  -10.818 -4.902  1.00 2.95  ? 66   LEU A CD1 1 
ATOM   557  C CD2 . LEU A 1 66 ? -2.844  -8.488  -5.608  1.00 3.10  ? 66   LEU A CD2 1 
ATOM   558  N N   . ILE A 1 67 ? 1.793   -9.373  -6.080  1.00 2.58  ? 67   ILE A N   1 
ATOM   559  C CA  . ILE A 1 67 ? 3.155   -9.775  -5.683  1.00 2.61  ? 67   ILE A CA  1 
ATOM   560  C C   . ILE A 1 67 ? 3.115   -10.632 -4.427  1.00 2.39  ? 67   ILE A C   1 
ATOM   561  O O   . ILE A 1 67 ? 4.079   -11.342 -4.151  1.00 3.42  ? 67   ILE A O   1 
ATOM   562  C CB  . ILE A 1 67 ? 4.145   -8.609  -5.589  1.00 2.43  ? 67   ILE A CB  1 
ATOM   563  C CG1 . ILE A 1 67 ? 3.836   -7.590  -4.502  1.00 2.83  ? 67   ILE A CG1 1 
ATOM   564  C CG2 . ILE A 1 67 ? 4.234   -7.954  -6.970  1.00 2.94  ? 67   ILE A CG2 1 
ATOM   565  C CD1 . ILE A 1 67 ? 4.962   -6.587  -4.281  1.00 3.63  ? 67   ILE A CD1 1 
ATOM   566  N N   . LYS A 1 68 ? 2.033   -10.601 -3.664  1.00 2.39  ? 68   LYS A N   1 
ATOM   567  C CA  . LYS A 1 68 ? 1.799   -11.551 -2.573  1.00 2.63  ? 68   LYS A CA  1 
ATOM   568  C C   . LYS A 1 68 ? 0.301   -11.865 -2.593  1.00 2.96  ? 68   LYS A C   1 
ATOM   569  O O   . LYS A 1 68 ? -0.510  -10.976 -2.390  1.00 2.36  ? 68   LYS A O   1 
ATOM   570  C CB  . LYS A 1 68 ? 2.225   -11.019 -1.215  1.00 2.42  ? 68   LYS A CB  1 
ATOM   571  C CG  . LYS A 1 68 ? 1.980   -12.025 -0.073  1.00 2.67  ? 68   LYS A CG  1 
ATOM   572  C CD  . LYS A 1 68 ? 2.412   -11.422 1.246   1.00 3.42  ? 68   LYS A CD  1 
ATOM   573  C CE  . LYS A 1 68 ? 2.287   -12.333 2.449   1.00 3.71  ? 68   LYS A CE  1 
ATOM   574  N NZ  . LYS A 1 68 ? 3.220   -13.482 2.376   1.00 5.86  ? 68   LYS A NZ  1 
ATOM   575  N N   . LYS A 1 69 ? 0.002   -13.138 -2.816  1.00 2.81  ? 69   LYS A N   1 
ATOM   576  C CA  . LYS A 1 69 ? -1.409  -13.574 -2.830  1.00 2.68  ? 69   LYS A CA  1 
ATOM   577  C C   . LYS A 1 69 ? -1.859  -13.850 -1.404  1.00 3.78  ? 69   LYS A C   1 
ATOM   578  O O   . LYS A 1 69 ? -1.052  -14.203 -0.564  1.00 3.79  ? 69   LYS A O   1 
ATOM   579  C CB  . LYS A 1 69 ? -1.505  -14.837 -3.665  1.00 2.54  ? 69   LYS A CB  1 
ATOM   580  C CG  . LYS A 1 69 ? -1.202  -14.677 -5.140  1.00 2.74  ? 69   LYS A CG  1 
ATOM   581  C CD  . LYS A 1 69 ? -1.362  -16.003 -5.843  1.00 3.32  ? 69   LYS A CD  1 
ATOM   582  C CE  . LYS A 1 69 ? -1.054  -15.960 -7.316  1.00 4.02  ? 69   LYS A CE  1 
ATOM   583  N NZ  . LYS A 1 69 ? 0.423   -15.922 -7.525  1.00 4.53  ? 69   LYS A NZ  1 
ATOM   584  N N   . PRO A 1 70 ? -3.126  -13.633 -1.113  1.00 3.12  ? 70   PRO A N   1 
ATOM   585  C CA  . PRO A 1 70 ? -3.656  -13.952 0.205   1.00 3.38  ? 70   PRO A CA  1 
ATOM   586  C C   . PRO A 1 70 ? -3.578  -15.441 0.500   1.00 3.61  ? 70   PRO A C   1 
ATOM   587  O O   . PRO A 1 70 ? -3.537  -16.282 -0.388  1.00 4.50  ? 70   PRO A O   1 
ATOM   588  C CB  . PRO A 1 70 ? -5.105  -13.490 0.125   1.00 3.70  ? 70   PRO A CB  1 
ATOM   589  C CG  . PRO A 1 70 ? -5.481  -13.678 -1.305  1.00 3.66  ? 70   PRO A CG  1 
ATOM   590  C CD  . PRO A 1 70 ? -4.223  -13.286 -2.056  1.00 3.32  ? 70   PRO A CD  1 
ATOM   591  N N   . GLY A 1 71 ? -3.567  -15.790 1.772   1.00 3.13  ? 71   GLY A N   1 
ATOM   592  C CA  . GLY A 1 71 ? -3.587  -17.155 2.266   1.00 4.00  ? 71   GLY A CA  1 
ATOM   593  C C   . GLY A 1 71 ? -4.996  -17.636 2.581   1.00 3.83  ? 71   GLY A C   1 
ATOM   594  O O   . GLY A 1 71 ? -5.175  -18.633 3.281   1.00 5.65  ? 71   GLY A O   1 
ATOM   595  N N   . TYR A 1 72 ? -6.000  -16.941 2.082   1.00 3.12  ? 72   TYR A N   1 
ATOM   596  C CA  . TYR A 1 72 ? -7.386  -17.304 2.222   1.00 2.72  ? 72   TYR A CA  1 
ATOM   597  C C   . TYR A 1 72 ? -8.073  -17.001 0.882   1.00 2.85  ? 72   TYR A C   1 
ATOM   598  O O   . TYR A 1 72 ? -7.512  -16.302 0.021   1.00 2.75  ? 72   TYR A O   1 
ATOM   599  C CB  . TYR A 1 72 ? -8.067  -16.487 3.337   1.00 2.87  ? 72   TYR A CB  1 
ATOM   600  C CG  . TYR A 1 72 ? -8.092  -15.008 3.059   1.00 2.60  ? 72   TYR A CG  1 
ATOM   601  C CD1 . TYR A 1 72 ? -6.990  -14.202 3.331   1.00 2.74  ? 72   TYR A CD1 1 
ATOM   602  C CD2 . TYR A 1 72 ? -9.199  -14.414 2.464   1.00 2.54  ? 72   TYR A CD2 1 
ATOM   603  C CE1 . TYR A 1 72 ? -7.017  -12.850 3.039   1.00 2.65  ? 72   TYR A CE1 1 
ATOM   604  C CE2 . TYR A 1 72 ? -9.233  -13.063 2.172   1.00 2.56  ? 72   TYR A CE2 1 
ATOM   605  C CZ  . TYR A 1 72 ? -8.120  -12.290 2.442   1.00 2.29  ? 72   TYR A CZ  1 
ATOM   606  O OH  . TYR A 1 72 ? -8.161  -10.952 2.112   1.00 2.52  ? 72   TYR A OH  1 
ATOM   607  N N   . SER A 1 73 ? -9.260  -17.586 0.721   1.00 2.96  ? 73   SER A N   1 
ATOM   608  C CA  . SER A 1 73 ? -10.065 -17.269 -0.457  1.00 2.67  ? 73   SER A CA  1 
ATOM   609  C C   . SER A 1 73 ? -11.449 -16.849 0.030   1.00 2.79  ? 73   SER A C   1 
ATOM   610  O O   . SER A 1 73 ? -11.954 -17.408 1.032   1.00 3.50  ? 73   SER A O   1 
ATOM   611  C CB  . SER A 1 73 ? -10.176 -18.418 -1.450  1.00 2.67  ? 73   SER A CB  1 
ATOM   612  O OG  . SER A 1 73 ? -10.884 -19.518 -0.899  1.00 3.72  ? 73   SER A OG  1 
ATOM   613  N N   . MET A 1 74 ? -12.072 -15.877 -0.618  1.00 3.48  ? 74   MET A N   1 
ATOM   614  C CA  . MET A 1 74 ? -13.405 -15.394 -0.273  1.00 4.46  ? 74   MET A CA  1 
ATOM   615  C C   . MET A 1 74 ? -14.255 -15.137 -1.509  1.00 3.60  ? 74   MET A C   1 
ATOM   616  O O   . MET A 1 74 ? -14.975 -14.140 -1.570  1.00 3.58  ? 74   MET A O   1 
ATOM   617  C CB  . MET A 1 74 ? -13.267 -14.081 0.510   1.00 9.18  ? 74   MET A CB  1 
ATOM   618  C CG  . MET A 1 74 ? -13.117 -14.223 2.007   1.00 11.28 ? 74   MET A CG  1 
ATOM   619  S SD  . MET A 1 74 ? -12.977 -12.536 2.603   1.00 11.67 ? 74   MET A SD  1 
ATOM   620  C CE  . MET A 1 74 ? -14.596 -11.878 2.461   1.00 11.37 ? 74   MET A CE  1 
ATOM   621  N N   . ASN A 1 75 ? -14.141 -16.033 -2.495  1.00 2.68  ? 75   ASN A N   1 
ATOM   622  C CA  . ASN A 1 75 ? -15.019 -15.862 -3.686  1.00 2.78  ? 75   ASN A CA  1 
ATOM   623  C C   . ASN A 1 75 ? -16.450 -16.181 -3.274  1.00 3.70  ? 75   ASN A C   1 
ATOM   624  O O   . ASN A 1 75 ? -16.718 -17.221 -2.677  1.00 3.39  ? 75   ASN A O   1 
ATOM   625  C CB  . ASN A 1 75 ? -14.529 -16.771 -4.802  1.00 2.79  ? 75   ASN A CB  1 
ATOM   626  C CG  . ASN A 1 75 ? -13.161 -16.419 -5.312  1.00 3.22  ? 75   ASN A CG  1 
ATOM   627  O OD1 . ASN A 1 75 ? -12.232 -17.232 -5.411  1.00 4.15  ? 75   ASN A OD1 1 
ATOM   628  N ND2 . ASN A 1 75 ? -13.003 -15.166 -5.690  1.00 2.94  ? 75   ASN A ND2 1 
ATOM   629  N N   . ALA A 1 76 ? -17.367 -15.281 -3.571  1.00 5.31  ? 76   ALA A N   1 
ATOM   630  C CA  . ALA A 1 76 ? -18.772 -15.466 -3.204  1.00 7.49  ? 76   ALA A CA  1 
ATOM   631  C C   . ALA A 1 76 ? -19.654 -15.672 -4.421  1.00 10.15 ? 76   ALA A C   1 
ATOM   632  O O   . ALA A 1 76 ? -20.871 -15.943 -4.302  1.00 13.08 ? 76   ALA A O   1 
ATOM   633  C CB  . ALA A 1 76 ? -19.204 -14.253 -2.395  1.00 7.77  ? 76   ALA A CB  1 
ATOM   634  O OXT . ALA A 1 76 ? -19.198 -15.417 -5.537  1.00 13.29 ? 76   ALA A OXT 1 
ATOM   635  N N   . PRO B 1 1  ? -4.829  -7.848  5.955   1.00 3.83  ? 1    PRO B N   1 
ATOM   636  C CA  . PRO B 1 1  ? -4.623  -6.529  5.346   1.00 3.66  ? 1    PRO B CA  1 
ATOM   637  C C   . PRO B 1 1  ? -4.319  -6.670  3.867   1.00 3.80  ? 1    PRO B C   1 
ATOM   638  O O   . PRO B 1 1  ? -3.714  -7.659  3.457   1.00 3.37  ? 1    PRO B O   1 
ATOM   639  C CB  . PRO B 1 1  ? -3.434  -5.915  6.096   1.00 4.28  ? 1    PRO B CB  1 
ATOM   640  C CG  . PRO B 1 1  ? -3.428  -6.611  7.412   1.00 4.05  ? 1    PRO B CG  1 
ATOM   641  C CD  . PRO B 1 1  ? -3.871  -8.017  7.095   1.00 3.75  ? 1    PRO B CD  1 
ATOM   642  N N   . HIS B 1 2  ? -4.733  -5.677  3.075   1.00 3.22  ? 2    HIS B N   1 
ATOM   643  C CA  . HIS B 1 2  ? -4.447  -5.628  1.643   1.00 2.59  ? 2    HIS B CA  1 
ATOM   644  C C   . HIS B 1 2  ? -3.685  -4.330  1.385   1.00 2.57  ? 2    HIS B C   1 
ATOM   645  O O   . HIS B 1 2  ? -4.119  -3.223  1.737   1.00 2.19  ? 2    HIS B O   1 
ATOM   646  C CB  . HIS B 1 2  ? -5.709  -5.636  0.776   1.00 2.82  ? 2    HIS B CB  1 
ATOM   647  C CG  . HIS B 1 2  ? -5.361  -5.558  -0.686  1.00 2.30  ? 2    HIS B CG  1 
ATOM   648  N ND1 . HIS B 1 2  ? -4.652  -6.549  -1.339  1.00 2.64  ? 2    HIS B ND1 1 
ATOM   649  C CD2 . HIS B 1 2  ? -5.600  -4.557  -1.572  1.00 2.69  ? 2    HIS B CD2 1 
ATOM   650  C CE1 . HIS B 1 2  ? -4.465  -6.160  -2.589  1.00 2.95  ? 2    HIS B CE1 1 
ATOM   651  N NE2 . HIS B 1 2  ? -5.045  -4.969  -2.751  1.00 3.02  ? 2    HIS B NE2 1 
ATOM   652  N N   . ILE B 1 3  ? -2.497  -4.481  0.810   1.00 2.49  ? 3    ILE B N   1 
ATOM   653  C CA  . ILE B 1 3  ? -1.598  -3.349  0.552   1.00 2.72  ? 3    ILE B CA  1 
ATOM   654  C C   . ILE B 1 3  ? -1.490  -3.145  -0.956  1.00 2.54  ? 3    ILE B C   1 
ATOM   655  O O   . ILE B 1 3  ? -1.153  -4.095  -1.675  1.00 2.93  ? 3    ILE B O   1 
ATOM   656  C CB  . ILE B 1 3  ? -0.209  -3.596  1.162   1.00 2.52  ? 3    ILE B CB  1 
ATOM   657  C CG1 . ILE B 1 3  ? -0.236  -3.785  2.686   1.00 4.12  ? 3    ILE B CG1 1 
ATOM   658  C CG2 . ILE B 1 3  ? 0.725   -2.430  0.870   1.00 3.14  ? 3    ILE B CG2 1 
ATOM   659  C CD1 . ILE B 1 3  ? -0.570  -5.145  3.223   1.00 6.66  ? 3    ILE B CD1 1 
ATOM   660  N N   . ASP B 1 4  ? -1.728  -1.923  -1.391  1.00 2.63  ? 4    ASP B N   1 
ATOM   661  C CA  . ASP B 1 4  ? -1.639  -1.573  -2.801  1.00 2.61  ? 4    ASP B CA  1 
ATOM   662  C C   . ASP B 1 4  ? -0.504  -0.569  -2.961  1.00 2.80  ? 4    ASP B C   1 
ATOM   663  O O   . ASP B 1 4  ? -0.501  0.461   -2.276  1.00 2.75  ? 4    ASP B O   1 
ATOM   664  C CB  . ASP B 1 4  ? -2.967  -1.005  -3.314  1.00 3.12  ? 4    ASP B CB  1 
ATOM   665  C CG  . ASP B 1 4  ? -2.917  -0.691  -4.782  1.00 3.88  ? 4    ASP B CG  1 
ATOM   666  O OD1 . ASP B 1 4  ? -3.173  -1.601  -5.582  1.00 5.75  ? 4    ASP B OD1 1 
ATOM   667  O OD2 . ASP B 1 4  ? -2.557  0.421   -5.195  1.00 4.21  ? 4    ASP B OD2 1 
ATOM   668  N N   . ILE B 1 5  ? 0.445   -0.864  -3.825  1.00 2.57  ? 5    ILE B N   1 
ATOM   669  C CA  . ILE B 1 5  ? 1.576   0.022   -4.095  1.00 2.61  ? 5    ILE B CA  1 
ATOM   670  C C   . ILE B 1 5  ? 1.498   0.526   -5.538  1.00 2.76  ? 5    ILE B C   1 
ATOM   671  O O   . ILE B 1 5  ? 1.539   -0.292  -6.464  1.00 3.48  ? 5    ILE B O   1 
ATOM   672  C CB  . ILE B 1 5  ? 2.937   -0.679  -3.916  1.00 3.02  ? 5    ILE B CB  1 
ATOM   673  C CG1 . ILE B 1 5  ? 3.077   -1.324  -2.531  1.00 3.29  ? 5    ILE B CG1 1 
ATOM   674  C CG2 . ILE B 1 5  ? 4.092   0.291   -4.174  1.00 2.80  ? 5    ILE B CG2 1 
ATOM   675  C CD1 . ILE B 1 5  ? 4.183   -2.341  -2.402  1.00 4.61  ? 5    ILE B CD1 1 
ATOM   676  N N   . LYS B 1 6  ? 1.307   1.817   -5.737  1.00 2.76  ? 6    LYS B N   1 
ATOM   677  C CA  . LYS B 1 6  ? 1.267   2.429   -7.055  1.00 2.98  ? 6    LYS B CA  1 
ATOM   678  C C   . LYS B 1 6  ? 2.553   3.229   -7.245  1.00 2.75  ? 6    LYS B C   1 
ATOM   679  O O   . LYS B 1 6  ? 2.969   3.968   -6.361  1.00 2.77  ? 6    LYS B O   1 
ATOM   680  C CB  . LYS B 1 6  ? 0.074   3.389   -7.167  1.00 3.30  ? 6    LYS B CB  1 
ATOM   681  C CG  . LYS B 1 6  ? -1.211  2.597   -7.439  1.00 3.83  ? 6    LYS B CG  1 
ATOM   682  C CD  . LYS B 1 6  ? -2.395  3.543   -7.489  1.00 4.98  ? 6    LYS B CD  1 
ATOM   683  C CE  . LYS B 1 6  ? -3.675  2.825   -7.837  1.00 6.15  ? 6    LYS B CE  1 
ATOM   684  N NZ  . LYS B 1 6  ? -4.188  2.018   -6.718  1.00 6.93  ? 6    LYS B NZ  1 
ATOM   685  N N   . CYS B 1 7  ? 3.201   3.092   -8.392  1.00 2.74  ? 7    CYS B N   1 
ATOM   686  C CA  . CYS B 1 7  ? 4.443   3.785   -8.699  1.00 3.73  ? 7    CYS B CA  1 
ATOM   687  C C   . CYS B 1 7  ? 4.621   3.925   -10.208 1.00 3.50  ? 7    CYS B C   1 
ATOM   688  O O   . CYS B 1 7  ? 3.950   3.236   -10.979 1.00 3.54  ? 7    CYS B O   1 
ATOM   689  C CB  . CYS B 1 7  ? 5.626   3.022   -8.114  1.00 4.32  ? 7    CYS B CB  1 
ATOM   690  S SG  . CYS B 1 7  ? 5.863   1.355   -8.774  1.00 5.80  ? 7    CYS B SG  1 
ATOM   691  N N   . PHE B 1 8  ? 5.548   4.789   -10.627 1.00 4.23  ? 8    PHE B N   1 
ATOM   692  C CA  . PHE B 1 8  ? 5.859   4.916   -12.047 1.00 5.35  ? 8    PHE B CA  1 
ATOM   693  C C   . PHE B 1 8  ? 6.487   3.614   -12.503 1.00 6.62  ? 8    PHE B C   1 
ATOM   694  O O   . PHE B 1 8  ? 7.008   2.837   -11.687 1.00 6.78  ? 8    PHE B O   1 
ATOM   695  C CB  . PHE B 1 8  ? 6.843   6.069   -12.250 1.00 6.25  ? 8    PHE B CB  1 
ATOM   696  C CG  . PHE B 1 8  ? 6.258   7.452   -12.255 1.00 7.35  ? 8    PHE B CG  1 
ATOM   697  C CD1 . PHE B 1 8  ? 4.954   7.729   -11.893 1.00 8.79  ? 8    PHE B CD1 1 
ATOM   698  C CD2 . PHE B 1 8  ? 7.083   8.519   -12.617 1.00 8.42  ? 8    PHE B CD2 1 
ATOM   699  C CE1 . PHE B 1 8  ? 4.463   9.021   -11.923 1.00 9.58  ? 8    PHE B CE1 1 
ATOM   700  C CE2 . PHE B 1 8  ? 6.586   9.813   -12.637 1.00 9.27  ? 8    PHE B CE2 1 
ATOM   701  C CZ  . PHE B 1 8  ? 5.285   10.057  -12.292 1.00 9.56  ? 8    PHE B CZ  1 
ATOM   702  N N   . PRO B 1 9  ? 6.500   3.349   -13.798 1.00 7.65  ? 9    PRO B N   1 
ATOM   703  C CA  . PRO B 1 9  ? 7.008   2.096   -14.311 1.00 9.27  ? 9    PRO B CA  1 
ATOM   704  C C   . PRO B 1 9  ? 8.471   1.832   -14.018 1.00 11.60 ? 9    PRO B C   1 
ATOM   705  O O   . PRO B 1 9  ? 9.289   2.736   -14.049 1.00 12.14 ? 9    PRO B O   1 
ATOM   706  C CB  . PRO B 1 9  ? 6.760   2.162   -15.813 1.00 9.91  ? 9    PRO B CB  1 
ATOM   707  C CG  . PRO B 1 9  ? 5.705   3.204   -15.982 1.00 9.79  ? 9    PRO B CG  1 
ATOM   708  C CD  . PRO B 1 9  ? 5.914   4.196   -14.873 1.00 8.56  ? 9    PRO B CD  1 
ATOM   709  N N   . ARG B 1 10 ? 8.754   0.566   -13.725 1.00 14.52 ? 10   ARG B N   1 
ATOM   710  C CA  . ARG B 1 10 ? 10.123  0.134   -13.503 1.00 17.04 ? 10   ARG B CA  1 
ATOM   711  C C   . ARG B 1 10 ? 10.141  -1.399  -13.637 1.00 18.73 ? 10   ARG B C   1 
ATOM   712  O O   . ARG B 1 10 ? 9.121   -2.041  -13.409 1.00 20.08 ? 10   ARG B O   1 
ATOM   713  C CB  . ARG B 1 10 ? 10.752  0.563   -12.202 1.00 18.30 ? 10   ARG B CB  1 
ATOM   714  C CG  . ARG B 1 10 ? 10.078  0.103   -10.928 1.00 18.66 ? 10   ARG B CG  1 
ATOM   715  C CD  . ARG B 1 10 ? 9.435   1.276   -10.227 1.00 18.27 ? 10   ARG B CD  1 
ATOM   716  N NE  . ARG B 1 10 ? 10.244  2.055   -9.294  1.00 17.09 ? 10   ARG B NE  1 
ATOM   717  C CZ  . ARG B 1 10 ? 9.914   3.321   -9.016  1.00 16.28 ? 10   ARG B CZ  1 
ATOM   718  N NH1 . ARG B 1 10 ? 8.843   3.850   -9.596  1.00 14.91 ? 10   ARG B NH1 1 
ATOM   719  N NH2 . ARG B 1 10 ? 10.568  4.106   -8.171  1.00 16.51 ? 10   ARG B NH2 1 
ATOM   720  N N   . GLU B 1 11 ? 11.293  -1.896  -14.040 1.00 19.53 ? 11   GLU B N   1 
ATOM   721  C CA  . GLU B 1 11 ? 11.440  -3.332  -14.224 1.00 19.58 ? 11   GLU B CA  1 
ATOM   722  C C   . GLU B 1 11 ? 11.763  -4.047  -12.920 1.00 18.29 ? 11   GLU B C   1 
ATOM   723  O O   . GLU B 1 11 ? 12.805  -3.783  -12.316 1.00 20.32 ? 11   GLU B O   1 
ATOM   724  C CB  . GLU B 1 11 ? 12.564  -3.585  -15.226 1.00 20.83 ? 11   GLU B CB  1 
ATOM   725  N N   A LEU B 1 12 ? 10.880  -4.922  -12.465 0.50 16.86 ? 12   LEU B N   1 
ATOM   726  N N   B LEU B 1 12 ? 10.869  -4.910  -12.467 0.50 17.09 ? 12   LEU B N   1 
ATOM   727  C CA  A LEU B 1 12 ? 11.104  -5.726  -11.278 0.50 14.90 ? 12   LEU B CA  1 
ATOM   728  C CA  B LEU B 1 12 ? 11.112  -5.712  -11.278 0.50 15.34 ? 12   LEU B CA  1 
ATOM   729  C C   A LEU B 1 12 ? 10.961  -7.208  -11.662 0.50 13.05 ? 12   LEU B C   1 
ATOM   730  C C   B LEU B 1 12 ? 10.999  -7.180  -11.726 0.50 13.35 ? 12   LEU B C   1 
ATOM   731  O O   A LEU B 1 12 ? 9.896   -7.643  -12.106 0.50 12.53 ? 12   LEU B O   1 
ATOM   732  O O   B LEU B 1 12 ? 10.167  -7.481  -12.588 0.50 13.20 ? 12   LEU B O   1 
ATOM   733  C CB  A LEU B 1 12 ? 10.205  -5.468  -10.077 0.50 15.53 ? 12   LEU B CB  1 
ATOM   734  C CB  B LEU B 1 12 ? 10.207  -5.482  -10.093 0.50 16.32 ? 12   LEU B CB  1 
ATOM   735  C CG  A LEU B 1 12 ? 10.764  -4.625  -8.926  0.50 15.82 ? 12   LEU B CG  1 
ATOM   736  C CG  B LEU B 1 12 ? 10.290  -4.248  -9.202  0.50 16.93 ? 12   LEU B CG  1 
ATOM   737  C CD1 A LEU B 1 12 ? 10.757  -3.158  -9.338  0.50 16.04 ? 12   LEU B CD1 1 
ATOM   738  C CD1 B LEU B 1 12 ? 11.717  -3.750  -9.017  0.50 16.56 ? 12   LEU B CD1 1 
ATOM   739  C CD2 A LEU B 1 12 ? 9.988   -4.829  -7.636  0.50 15.75 ? 12   LEU B CD2 1 
ATOM   740  C CD2 B LEU B 1 12 ? 9.397   -3.143  -9.738  0.50 17.49 ? 12   LEU B CD2 1 
ATOM   741  N N   . ASP B 1 13 ? 12.041  -7.951  -11.437 1.00 11.05 ? 13   ASP B N   1 
ATOM   742  C CA  . ASP B 1 13 ? 11.994  -9.381  -11.755 1.00 9.45  ? 13   ASP B CA  1 
ATOM   743  C C   . ASP B 1 13 ? 11.307  -10.143 -10.635 1.00 7.91  ? 13   ASP B C   1 
ATOM   744  O O   . ASP B 1 13 ? 10.908  -9.507  -9.635  1.00 8.00  ? 13   ASP B O   1 
ATOM   745  C CB  . ASP B 1 13 ? 13.372  -9.908  -12.126 1.00 9.57  ? 13   ASP B CB  1 
ATOM   746  C CG  . ASP B 1 13 ? 14.381  -9.977  -11.010 1.00 10.93 ? 13   ASP B CG  1 
ATOM   747  O OD1 . ASP B 1 13 ? 14.007  -9.888  -9.815  1.00 10.02 ? 13   ASP B OD1 1 
ATOM   748  O OD2 . ASP B 1 13 ? 15.582  -10.120 -11.327 1.00 13.47 ? 13   ASP B OD2 1 
ATOM   749  N N   . GLU B 1 14 ? 11.124  -11.445 -10.757 1.00 7.95  ? 14   GLU B N   1 
ATOM   750  C CA  . GLU B 1 14 ? 10.389  -12.203 -9.752  1.00 8.28  ? 14   GLU B CA  1 
ATOM   751  C C   . GLU B 1 14 ? 11.049  -12.171 -8.394  1.00 7.77  ? 14   GLU B C   1 
ATOM   752  O O   . GLU B 1 14 ? 10.369  -12.036 -7.360  1.00 6.97  ? 14   GLU B O   1 
ATOM   753  C CB  . GLU B 1 14 ? 10.072  -13.625 -10.232 1.00 11.19 ? 14   GLU B CB  1 
ATOM   754  C CG  . GLU B 1 14 ? 9.029   -13.690 -11.338 1.00 15.54 ? 14   GLU B CG  1 
ATOM   755  C CD  . GLU B 1 14 ? 7.660   -13.135 -11.001 1.00 18.95 ? 14   GLU B CD  1 
ATOM   756  O OE1 . GLU B 1 14 ? 7.184   -13.350 -9.871  1.00 19.28 ? 14   GLU B OE1 1 
ATOM   757  O OE2 . GLU B 1 14 ? 7.052   -12.463 -11.870 1.00 21.82 ? 14   GLU B OE2 1 
ATOM   758  N N   . GLN B 1 15 ? 12.359  -12.273 -8.341  1.00 7.33  ? 15   GLN B N   1 
ATOM   759  C CA  . GLN B 1 15 ? 13.081  -12.218 -7.074  1.00 7.76  ? 15   GLN B CA  1 
ATOM   760  C C   . GLN B 1 15 ? 12.863  -10.851 -6.415  1.00 6.07  ? 15   GLN B C   1 
ATOM   761  O O   . GLN B 1 15 ? 12.589  -10.810 -5.208  1.00 5.53  ? 15   GLN B O   1 
ATOM   762  C CB  . GLN B 1 15 ? 14.554  -12.541 -7.299  1.00 11.19 ? 15   GLN B CB  1 
ATOM   763  C CG  . GLN B 1 15 ? 15.372  -12.455 -6.021  1.00 15.63 ? 15   GLN B CG  1 
ATOM   764  C CD  . GLN B 1 15 ? 16.814  -12.846 -6.248  1.00 19.65 ? 15   GLN B CD  1 
ATOM   765  O OE1 . GLN B 1 15 ? 17.536  -13.068 -5.278  1.00 21.58 ? 15   GLN B OE1 1 
ATOM   766  N NE2 . GLN B 1 15 ? 17.230  -12.927 -7.500  1.00 21.05 ? 15   GLN B NE2 1 
ATOM   767  N N   . GLN B 1 16 ? 12.930  -9.769  -7.164  1.00 4.80  ? 16   GLN B N   1 
ATOM   768  C CA  . GLN B 1 16 ? 12.689  -8.446  -6.638  1.00 4.53  ? 16   GLN B CA  1 
ATOM   769  C C   . GLN B 1 16 ? 11.287  -8.268  -6.095  1.00 4.39  ? 16   GLN B C   1 
ATOM   770  O O   . GLN B 1 16 ? 11.100  -7.684  -5.018  1.00 4.53  ? 16   GLN B O   1 
ATOM   771  C CB  . GLN B 1 16 ? 12.987  -7.375  -7.686  1.00 6.68  ? 16   GLN B CB  1 
ATOM   772  C CG  . GLN B 1 16 ? 14.477  -7.273  -7.967  1.00 8.90  ? 16   GLN B CG  1 
ATOM   773  C CD  . GLN B 1 16 ? 14.835  -6.423  -9.152  1.00 11.04 ? 16   GLN B CD  1 
ATOM   774  O OE1 . GLN B 1 16 ? 14.171  -6.410  -10.188 1.00 10.92 ? 16   GLN B OE1 1 
ATOM   775  N NE2 . GLN B 1 16 ? 15.937  -5.702  -8.989  1.00 12.88 ? 16   GLN B NE2 1 
ATOM   776  N N   . LYS B 1 17 ? 10.295  -8.751  -6.833  1.00 4.27  ? 17   LYS B N   1 
ATOM   777  C CA  . LYS B 1 17 ? 8.898   -8.626  -6.406  1.00 4.22  ? 17   LYS B CA  1 
ATOM   778  C C   . LYS B 1 17 ? 8.673   -9.388  -5.109  1.00 3.34  ? 17   LYS B C   1 
ATOM   779  O O   . LYS B 1 17 ? 8.032   -8.874  -4.178  1.00 3.50  ? 17   LYS B O   1 
ATOM   780  C CB  . LYS B 1 17 ? 7.940   -9.143  -7.475  1.00 6.42  ? 17   LYS B CB  1 
ATOM   781  C CG  . LYS B 1 17 ? 7.791   -8.248  -8.689  1.00 9.87  ? 17   LYS B CG  1 
ATOM   782  C CD  . LYS B 1 17 ? 6.925   -8.940  -9.747  1.00 12.63 ? 17   LYS B CD  1 
ATOM   783  C CE  . LYS B 1 17 ? 6.679   -8.004  -10.915 1.00 16.00 ? 17   LYS B CE  1 
ATOM   784  N NZ  . LYS B 1 17 ? 5.771   -8.662  -11.903 1.00 18.22 ? 17   LYS B NZ  1 
ATOM   785  N N   . ALA B 1 18 ? 9.250   -10.594 -5.011  1.00 3.22  ? 18   ALA B N   1 
ATOM   786  C CA  . ALA B 1 18 ? 9.069   -11.392 -3.815  1.00 3.31  ? 18   ALA B CA  1 
ATOM   787  C C   . ALA B 1 18 ? 9.783   -10.789 -2.603  1.00 3.15  ? 18   ALA B C   1 
ATOM   788  O O   . ALA B 1 18 ? 9.215   -10.811 -1.508  1.00 3.17  ? 18   ALA B O   1 
ATOM   789  C CB  . ALA B 1 18 ? 9.534   -12.825 -3.997  1.00 3.86  ? 18   ALA B CB  1 
ATOM   790  N N   . ALA B 1 19 ? 10.962  -10.201 -2.798  1.00 3.24  ? 19   ALA B N   1 
ATOM   791  C CA  . ALA B 1 19 ? 11.686  -9.602  -1.672  1.00 2.69  ? 19   ALA B CA  1 
ATOM   792  C C   . ALA B 1 19 ? 10.952  -8.356  -1.179  1.00 2.50  ? 19   ALA B C   1 
ATOM   793  O O   . ALA B 1 19 ? 10.848  -8.121  0.028   1.00 2.68  ? 19   ALA B O   1 
ATOM   794  C CB  . ALA B 1 19 ? 13.118  -9.269  -2.049  1.00 3.37  ? 19   ALA B CB  1 
ATOM   795  N N   . LEU B 1 20 ? 10.456  -7.539  -2.103  1.00 2.35  ? 20   LEU B N   1 
ATOM   796  C CA  . LEU B 1 20 ? 9.675   -6.370  -1.693  1.00 2.21  ? 20   LEU B CA  1 
ATOM   797  C C   . LEU B 1 20 ? 8.438   -6.827  -0.936  1.00 2.29  ? 20   LEU B C   1 
ATOM   798  O O   . LEU B 1 20 ? 8.159   -6.320  0.163   1.00 2.23  ? 20   LEU B O   1 
ATOM   799  C CB  . LEU B 1 20 ? 9.247   -5.590  -2.923  1.00 2.78  ? 20   LEU B CB  1 
ATOM   800  C CG  . LEU B 1 20 ? 8.121   -4.574  -2.742  1.00 2.45  ? 20   LEU B CG  1 
ATOM   801  C CD1 . LEU B 1 20 ? 8.501   -3.496  -1.734  1.00 2.89  ? 20   LEU B CD1 1 
ATOM   802  C CD2 . LEU B 1 20 ? 7.731   -3.958  -4.076  1.00 3.10  ? 20   LEU B CD2 1 
ATOM   803  N N   . ALA B 1 21 ? 7.736   -7.837  -1.450  1.00 2.19  ? 21   ALA B N   1 
ATOM   804  C CA  . ALA B 1 21 ? 6.572   -8.351  -0.748  1.00 2.60  ? 21   ALA B CA  1 
ATOM   805  C C   . ALA B 1 21 ? 6.906   -8.868  0.645   1.00 2.43  ? 21   ALA B C   1 
ATOM   806  O O   . ALA B 1 21 ? 6.144   -8.610  1.584   1.00 2.12  ? 21   ALA B O   1 
ATOM   807  C CB  . ALA B 1 21 ? 5.956   -9.476  -1.565  1.00 3.03  ? 21   ALA B CB  1 
ATOM   808  N N   . ALA B 1 22 ? 8.045   -9.524  0.807   1.00 2.37  ? 22   ALA B N   1 
ATOM   809  C CA  . ALA B 1 22 ? 8.432   -10.046 2.112   1.00 2.48  ? 22   ALA B CA  1 
ATOM   810  C C   . ALA B 1 22 ? 8.751   -8.939  3.113   1.00 2.86  ? 22   ALA B C   1 
ATOM   811  O O   . ALA B 1 22 ? 8.312   -8.987  4.277   1.00 2.25  ? 22   ALA B O   1 
ATOM   812  C CB  . ALA B 1 22 ? 9.603   -11.015 2.000   1.00 2.68  ? 22   ALA B CB  1 
ATOM   813  N N   . ASP B 1 23 ? 9.478   -7.914  2.676   1.00 2.46  ? 23   ASP B N   1 
ATOM   814  C CA  . ASP B 1 23 ? 9.768   -6.783  3.562   1.00 2.74  ? 23   ASP B CA  1 
ATOM   815  C C   . ASP B 1 23 ? 8.498   -6.061  3.964   1.00 2.54  ? 23   ASP B C   1 
ATOM   816  O O   . ASP B 1 23 ? 8.348   -5.684  5.129   1.00 2.45  ? 23   ASP B O   1 
ATOM   817  C CB  . ASP B 1 23 ? 10.795  -5.820  2.990   1.00 2.46  ? 23   ASP B CB  1 
ATOM   818  C CG  . ASP B 1 23 ? 12.246  -6.203  3.248   1.00 2.86  ? 23   ASP B CG  1 
ATOM   819  O OD1 . ASP B 1 23 ? 12.542  -7.266  3.826   1.00 2.79  ? 23   ASP B OD1 1 
ATOM   820  O OD2 . ASP B 1 23 ? 13.119  -5.405  2.811   1.00 2.66  ? 23   ASP B OD2 1 
ATOM   821  N N   . ILE B 1 24 ? 7.559   -5.849  3.023   1.00 2.41  ? 24   ILE B N   1 
ATOM   822  C CA  . ILE B 1 24 ? 6.272   -5.217  3.359   1.00 2.65  ? 24   ILE B CA  1 
ATOM   823  C C   . ILE B 1 24 ? 5.498   -6.078  4.353   1.00 3.02  ? 24   ILE B C   1 
ATOM   824  O O   . ILE B 1 24 ? 4.951   -5.569  5.344   1.00 2.69  ? 24   ILE B O   1 
ATOM   825  C CB  . ILE B 1 24 ? 5.451   -4.942  2.085   1.00 2.29  ? 24   ILE B CB  1 
ATOM   826  C CG1 . ILE B 1 24 ? 6.107   -3.877  1.209   1.00 2.43  ? 24   ILE B CG1 1 
ATOM   827  C CG2 . ILE B 1 24 ? 4.020   -4.551  2.441   1.00 2.38  ? 24   ILE B CG2 1 
ATOM   828  C CD1 . ILE B 1 24 ? 6.072   -2.458  1.708   1.00 3.47  ? 24   ILE B CD1 1 
ATOM   829  N N   . THR B 1 25 ? 5.464   -7.391  4.085   1.00 2.55  ? 25   THR B N   1 
ATOM   830  C CA  . THR B 1 25 ? 4.756   -8.323  4.959   1.00 2.97  ? 25   THR B CA  1 
ATOM   831  C C   . THR B 1 25 ? 5.193   -8.210  6.405   1.00 2.85  ? 25   THR B C   1 
ATOM   832  O O   . THR B 1 25 ? 4.374   -8.082  7.306   1.00 2.74  ? 25   THR B O   1 
ATOM   833  C CB  . THR B 1 25 ? 4.981   -9.770  4.453   1.00 2.77  ? 25   THR B CB  1 
ATOM   834  O OG1 . THR B 1 25 ? 4.272   -9.925  3.212   1.00 2.70  ? 25   THR B OG1 1 
ATOM   835  C CG2 . THR B 1 25 ? 4.431   -10.816 5.402   1.00 2.84  ? 25   THR B CG2 1 
ATOM   836  N N   . ASP B 1 26 ? 6.507   -8.211  6.636   1.00 2.72  ? 26   ASP B N   1 
ATOM   837  C CA  . ASP B 1 26 ? 7.009   -8.173  8.026   1.00 2.55  ? 26   ASP B CA  1 
ATOM   838  C C   . ASP B 1 26 ? 6.691   -6.845  8.683   1.00 2.34  ? 26   ASP B C   1 
ATOM   839  O O   . ASP B 1 26 ? 6.388   -6.820  9.883   1.00 2.65  ? 26   ASP B O   1 
ATOM   840  C CB  . ASP B 1 26 ? 8.481   -8.546  8.043   1.00 3.17  ? 26   ASP B CB  1 
ATOM   841  C CG  . ASP B 1 26 ? 8.720   -9.997  7.665   1.00 3.47  ? 26   ASP B CG  1 
ATOM   842  O OD1 . ASP B 1 26 ? 7.744   -10.774 7.717   1.00 4.52  ? 26   ASP B OD1 1 
ATOM   843  O OD2 . ASP B 1 26 ? 9.878   -10.321 7.337   1.00 5.02  ? 26   ASP B OD2 1 
ATOM   844  N N   . VAL B 1 27 ? 6.718   -5.745  7.945   1.00 2.50  ? 27   VAL B N   1 
ATOM   845  C CA  . VAL B 1 27 ? 6.319   -4.444  8.501   1.00 2.68  ? 27   VAL B CA  1 
ATOM   846  C C   . VAL B 1 27 ? 4.858   -4.498  8.917   1.00 2.73  ? 27   VAL B C   1 
ATOM   847  O O   . VAL B 1 27 ? 4.513   -4.019  10.013  1.00 2.59  ? 27   VAL B O   1 
ATOM   848  C CB  . VAL B 1 27 ? 6.570   -3.312  7.494   1.00 2.66  ? 27   VAL B CB  1 
ATOM   849  C CG1 . VAL B 1 27 ? 5.892   -2.011  7.896   1.00 2.54  ? 27   VAL B CG1 1 
ATOM   850  C CG2 . VAL B 1 27 ? 8.072   -3.088  7.328   1.00 2.77  ? 27   VAL B CG2 1 
ATOM   851  N N   . ILE B 1 28 ? 3.983   -5.037  8.084   1.00 2.49  ? 28   ILE B N   1 
ATOM   852  C CA  . ILE B 1 28 ? 2.563   -5.140  8.420   1.00 2.42  ? 28   ILE B CA  1 
ATOM   853  C C   . ILE B 1 28 ? 2.331   -6.048  9.626   1.00 2.69  ? 28   ILE B C   1 
ATOM   854  O O   . ILE B 1 28 ? 1.553   -5.692  10.517  1.00 2.55  ? 28   ILE B O   1 
ATOM   855  C CB  . ILE B 1 28 ? 1.765   -5.591  7.178   1.00 2.75  ? 28   ILE B CB  1 
ATOM   856  C CG1 . ILE B 1 28 ? 1.854   -4.519  6.084   1.00 2.91  ? 28   ILE B CG1 1 
ATOM   857  C CG2 . ILE B 1 28 ? 0.332   -5.948  7.514   1.00 3.11  ? 28   ILE B CG2 1 
ATOM   858  C CD1 . ILE B 1 28 ? 1.127   -3.233  6.353   1.00 3.23  ? 28   ILE B CD1 1 
ATOM   859  N N   . ILE B 1 29 ? 3.028   -7.196  9.657   1.00 2.44  ? 29   ILE B N   1 
ATOM   860  C CA  . ILE B 1 29 ? 2.926   -8.078  10.823  1.00 2.37  ? 29   ILE B CA  1 
ATOM   861  C C   . ILE B 1 29 ? 3.302   -7.338  12.101  1.00 2.96  ? 29   ILE B C   1 
ATOM   862  O O   . ILE B 1 29 ? 2.580   -7.418  13.107  1.00 3.70  ? 29   ILE B O   1 
ATOM   863  C CB  . ILE B 1 29 ? 3.819   -9.311  10.590  1.00 2.31  ? 29   ILE B CB  1 
ATOM   864  C CG1 . ILE B 1 29 ? 3.214   -10.200 9.504   1.00 2.71  ? 29   ILE B CG1 1 
ATOM   865  C CG2 . ILE B 1 29 ? 3.995   -10.066 11.896  1.00 2.92  ? 29   ILE B CG2 1 
ATOM   866  C CD1 . ILE B 1 29 ? 4.051   -11.393 9.130   1.00 2.47  ? 29   ILE B CD1 1 
ATOM   867  N N   . ARG B 1 30 ? 4.394   -6.572  12.059  1.00 3.24  ? 30   ARG B N   1 
ATOM   868  C CA  . ARG B 1 30 ? 4.825   -5.862  13.245  1.00 4.10  ? 30   ARG B CA  1 
ATOM   869  C C   . ARG B 1 30 ? 3.841   -4.822  13.726  1.00 4.44  ? 30   ARG B C   1 
ATOM   870  O O   . ARG B 1 30 ? 3.559   -4.728  14.933  1.00 7.47  ? 30   ARG B O   1 
ATOM   871  C CB  . ARG B 1 30 ? 6.139   -5.119  12.932  1.00 5.27  ? 30   ARG B CB  1 
ATOM   872  C CG  . ARG B 1 30 ? 7.337   -6.018  12.810  1.00 7.22  ? 30   ARG B CG  1 
ATOM   873  C CD  . ARG B 1 30 ? 8.517   -5.178  12.362  1.00 8.07  ? 30   ARG B CD  1 
ATOM   874  N NE  . ARG B 1 30 ? 9.694   -5.977  12.165  1.00 9.46  ? 30   ARG B NE  1 
ATOM   875  C CZ  . ARG B 1 30 ? 10.558  -6.286  13.138  1.00 8.42  ? 30   ARG B CZ  1 
ATOM   876  N NH1 . ARG B 1 30 ? 10.433  -5.885  14.389  1.00 8.54  ? 30   ARG B NH1 1 
ATOM   877  N NH2 . ARG B 1 30 ? 11.577  -7.012  12.755  1.00 10.04 ? 30   ARG B NH2 1 
ATOM   878  N N   . HIS B 1 31 ? 3.370   -3.946  12.856  1.00 3.60  ? 31   HIS B N   1 
ATOM   879  C CA  . HIS B 1 31 ? 2.539   -2.822  13.237  1.00 4.00  ? 31   HIS B CA  1 
ATOM   880  C C   . HIS B 1 31 ? 1.063   -3.125  13.388  1.00 4.40  ? 31   HIS B C   1 
ATOM   881  O O   . HIS B 1 31 ? 0.397   -2.444  14.165  1.00 5.87  ? 31   HIS B O   1 
ATOM   882  C CB  . HIS B 1 31 ? 2.752   -1.658  12.253  1.00 4.37  ? 31   HIS B CB  1 
ATOM   883  C CG  . HIS B 1 31 ? 4.140   -1.124  12.359  1.00 3.74  ? 31   HIS B CG  1 
ATOM   884  N ND1 . HIS B 1 31 ? 4.525   -0.230  13.332  1.00 4.97  ? 31   HIS B ND1 1 
ATOM   885  C CD2 . HIS B 1 31 ? 5.256   -1.416  11.638  1.00 3.55  ? 31   HIS B CD2 1 
ATOM   886  C CE1 . HIS B 1 31 ? 5.824   -0.010  13.169  1.00 5.30  ? 31   HIS B CE1 1 
ATOM   887  N NE2 . HIS B 1 31 ? 6.296   -0.698  12.145  1.00 4.36  ? 31   HIS B NE2 1 
ATOM   888  N N   . LEU B 1 32 ? 0.534   -4.087  12.647  1.00 3.68  ? 32   LEU B N   1 
ATOM   889  C CA  . LEU B 1 32 ? -0.893  -4.390  12.689  1.00 3.86  ? 32   LEU B CA  1 
ATOM   890  C C   . LEU B 1 32 ? -1.184  -5.695  13.373  1.00 4.22  ? 32   LEU B C   1 
ATOM   891  O O   . LEU B 1 32 ? -2.342  -6.131  13.394  1.00 6.34  ? 32   LEU B O   1 
ATOM   892  C CB  . LEU B 1 32 ? -1.494  -4.323  11.286  1.00 5.40  ? 32   LEU B CB  1 
ATOM   893  C CG  . LEU B 1 32 ? -1.316  -3.007  10.521  1.00 5.94  ? 32   LEU B CG  1 
ATOM   894  C CD1 . LEU B 1 32 ? -2.005  -3.101  9.167   1.00 7.69  ? 32   LEU B CD1 1 
ATOM   895  C CD2 . LEU B 1 32 ? -1.866  -1.829  11.299  1.00 6.30  ? 32   LEU B CD2 1 
ATOM   896  N N   . ASN B 1 33 ? -0.190  -6.400  13.893  1.00 4.61  ? 33   ASN B N   1 
ATOM   897  C CA  . ASN B 1 33 ? -0.358  -7.663  14.599  1.00 5.94  ? 33   ASN B CA  1 
ATOM   898  C C   . ASN B 1 33 ? -1.010  -8.713  13.712  1.00 5.66  ? 33   ASN B C   1 
ATOM   899  O O   . ASN B 1 33 ? -1.805  -9.545  14.160  1.00 8.13  ? 33   ASN B O   1 
ATOM   900  C CB  . ASN B 1 33 ? -1.181  -7.452  15.893  1.00 7.69  ? 33   ASN B CB  1 
ATOM   901  C CG  . ASN B 1 33 ? -0.991  -8.591  16.862  1.00 10.50 ? 33   ASN B CG  1 
ATOM   902  O OD1 . ASN B 1 33 ? 0.079   -9.204  16.883  1.00 11.77 ? 33   ASN B OD1 1 
ATOM   903  N ND2 . ASN B 1 33 ? -2.005  -8.916  17.658  1.00 12.38 ? 33   ASN B ND2 1 
ATOM   904  N N   A SER B 1 34 ? -0.684  -8.691  12.435  0.50 4.28  ? 34   SER B N   1 
ATOM   905  N N   B SER B 1 34 ? -0.687  -8.684  12.429  0.50 4.11  ? 34   SER B N   1 
ATOM   906  C CA  A SER B 1 34 ? -1.298  -9.566  11.457  0.50 3.73  ? 34   SER B CA  1 
ATOM   907  C CA  B SER B 1 34 ? -1.283  -9.576  11.454  0.50 3.39  ? 34   SER B CA  1 
ATOM   908  C C   A SER B 1 34 ? -0.602  -10.900 11.274  0.50 3.41  ? 34   SER B C   1 
ATOM   909  C C   B SER B 1 34 ? -0.660  -10.958 11.437  0.50 2.82  ? 34   SER B C   1 
ATOM   910  O O   A SER B 1 34 ? 0.582   -11.064 11.604  0.50 3.47  ? 34   SER B O   1 
ATOM   911  O O   B SER B 1 34 ? 0.448   -11.191 11.927  0.50 3.33  ? 34   SER B O   1 
ATOM   912  C CB  A SER B 1 34 ? -1.271  -8.806  10.117  0.50 4.00  ? 34   SER B CB  1 
ATOM   913  C CB  B SER B 1 34 ? -1.137  -8.959  10.052  0.50 3.37  ? 34   SER B CB  1 
ATOM   914  O OG  A SER B 1 34 ? -1.890  -9.545  9.088   0.50 4.43  ? 34   SER B OG  1 
ATOM   915  O OG  B SER B 1 34 ? -1.737  -7.676  10.061  0.50 4.14  ? 34   SER B OG  1 
ATOM   916  N N   . LYS B 1 35 ? -1.369  -11.875 10.783  1.00 3.47  ? 35   LYS B N   1 
ATOM   917  C CA  . LYS B 1 35 ? -0.812  -13.163 10.411  1.00 4.54  ? 35   LYS B CA  1 
ATOM   918  C C   . LYS B 1 35 ? -0.421  -13.072 8.938   1.00 4.00  ? 35   LYS B C   1 
ATOM   919  O O   . LYS B 1 35 ? -1.029  -12.314 8.155   1.00 4.22  ? 35   LYS B O   1 
ATOM   920  C CB  . LYS B 1 35 ? -1.824  -14.269 10.636  1.00 5.73  ? 35   LYS B CB  1 
ATOM   921  C CG  . LYS B 1 35 ? -2.301  -14.471 12.067  1.00 6.91  ? 35   LYS B CG  1 
ATOM   922  C CD  . LYS B 1 35 ? -1.190  -14.582 13.103  1.00 9.69  ? 35   LYS B CD  1 
ATOM   923  C CE  . LYS B 1 35 ? -1.783  -14.948 14.472  1.00 12.24 ? 35   LYS B CE  1 
ATOM   924  N NZ  . LYS B 1 35 ? -0.735  -14.972 15.523  1.00 15.47 ? 35   LYS B NZ  1 
ATOM   925  N N   . ASP B 1 36 ? 0.542   -13.877 8.525   1.00 3.06  ? 36   ASP B N   1 
ATOM   926  C CA  . ASP B 1 36 ? 0.977   -13.924 7.124   1.00 2.82  ? 36   ASP B CA  1 
ATOM   927  C C   . ASP B 1 36 ? -0.161  -14.223 6.166   1.00 2.93  ? 36   ASP B C   1 
ATOM   928  O O   . ASP B 1 36 ? -0.264  -13.551 5.114   1.00 2.46  ? 36   ASP B O   1 
ATOM   929  C CB  . ASP B 1 36 ? 2.083   -14.977 6.989   1.00 2.82  ? 36   ASP B CB  1 
ATOM   930  C CG  . ASP B 1 36 ? 2.512   -15.147 5.540   1.00 3.39  ? 36   ASP B CG  1 
ATOM   931  O OD1 . ASP B 1 36 ? 3.168   -14.222 5.041   1.00 3.86  ? 36   ASP B OD1 1 
ATOM   932  O OD2 . ASP B 1 36 ? 2.159   -16.165 4.924   1.00 6.51  ? 36   ASP B OD2 1 
ATOM   933  N N   A SER B 1 37 ? -1.027  -15.186 6.479   0.50 2.79  ? 37   SER B N   1 
ATOM   934  N N   B SER B 1 37 ? -1.041  -15.157 6.513   0.50 3.29  ? 37   SER B N   1 
ATOM   935  C CA  A SER B 1 37 ? -2.095  -15.551 5.548   0.50 2.64  ? 37   SER B CA  1 
ATOM   936  C CA  B SER B 1 37 ? -2.124  -15.537 5.606   0.50 3.69  ? 37   SER B CA  1 
ATOM   937  C C   A SER B 1 37 ? -3.107  -14.456 5.287   0.50 2.81  ? 37   SER B C   1 
ATOM   938  C C   B SER B 1 37 ? -3.136  -14.450 5.329   0.50 3.54  ? 37   SER B C   1 
ATOM   939  O O   A SER B 1 37 ? -3.773  -14.460 4.244   0.50 3.92  ? 37   SER B O   1 
ATOM   940  O O   B SER B 1 37 ? -3.777  -14.473 4.268   0.50 4.58  ? 37   SER B O   1 
ATOM   941  C CB  A SER B 1 37 ? -2.818  -16.798 6.057   0.50 2.57  ? 37   SER B CB  1 
ATOM   942  C CB  B SER B 1 37 ? -2.793  -16.807 6.140   0.50 4.73  ? 37   SER B CB  1 
ATOM   943  O OG  A SER B 1 37 ? -3.435  -16.489 7.294   0.50 3.35  ? 37   SER B OG  1 
ATOM   944  O OG  B SER B 1 37 ? -1.832  -17.854 6.056   0.50 7.01  ? 37   SER B OG  1 
ATOM   945  N N   A SER B 1 38 ? -3.226  -13.468 6.159   0.50 2.57  ? 38   SER B N   1 
ATOM   946  N N   B SER B 1 38 ? -3.256  -13.445 6.185   0.50 2.98  ? 38   SER B N   1 
ATOM   947  C CA  A SER B 1 38 ? -4.159  -12.373 6.002   0.50 2.58  ? 38   SER B CA  1 
ATOM   948  C CA  B SER B 1 38 ? -4.209  -12.369 5.971   0.50 3.52  ? 38   SER B CA  1 
ATOM   949  C C   A SER B 1 38 ? -3.675  -11.280 5.058   0.50 2.27  ? 38   SER B C   1 
ATOM   950  C C   B SER B 1 38 ? -3.703  -11.331 4.978   0.50 2.84  ? 38   SER B C   1 
ATOM   951  O O   A SER B 1 38 ? -4.460  -10.391 4.755   0.50 2.29  ? 38   SER B O   1 
ATOM   952  O O   B SER B 1 38 ? -4.479  -10.448 4.627   0.50 2.52  ? 38   SER B O   1 
ATOM   953  C CB  A SER B 1 38 ? -4.340  -11.679 7.371   0.50 2.50  ? 38   SER B CB  1 
ATOM   954  C CB  B SER B 1 38 ? -4.544  -11.677 7.297   0.50 4.71  ? 38   SER B CB  1 
ATOM   955  O OG  A SER B 1 38 ? -4.739  -12.621 8.343   0.50 2.63  ? 38   SER B OG  1 
ATOM   956  O OG  B SER B 1 38 ? -3.429  -10.989 7.811   0.50 6.36  ? 38   SER B OG  1 
ATOM   957  N N   . ILE B 1 39 ? -2.413  -11.345 4.649   1.00 2.28  ? 39   ILE B N   1 
ATOM   958  C CA  . ILE B 1 39 ? -1.828  -10.266 3.853   1.00 2.75  ? 39   ILE B CA  1 
ATOM   959  C C   . ILE B 1 39 ? -1.751  -10.566 2.380   1.00 2.70  ? 39   ILE B C   1 
ATOM   960  O O   . ILE B 1 39 ? -1.297  -11.612 1.917   1.00 3.00  ? 39   ILE B O   1 
ATOM   961  C CB  . ILE B 1 39 ? -0.400  -10.017 4.421   1.00 2.93  ? 39   ILE B CB  1 
ATOM   962  C CG1 . ILE B 1 39 ? -0.440  -9.613  5.909   1.00 3.29  ? 39   ILE B CG1 1 
ATOM   963  C CG2 . ILE B 1 39 ? 0.355   -8.985  3.597   1.00 2.79  ? 39   ILE B CG2 1 
ATOM   964  C CD1 . ILE B 1 39 ? 0.909   -9.692  6.606   1.00 4.09  ? 39   ILE B CD1 1 
ATOM   965  N N   . SER B 1 40 ? -2.205  -9.570  1.607   1.00 2.45  ? 40   SER B N   1 
ATOM   966  C CA  . SER B 1 40 ? -2.094  -9.583  0.149   1.00 2.85  ? 40   SER B CA  1 
ATOM   967  C C   . SER B 1 40 ? -1.490  -8.250  -0.283  1.00 2.61  ? 40   SER B C   1 
ATOM   968  O O   . SER B 1 40 ? -1.677  -7.228  0.395   1.00 2.74  ? 40   SER B O   1 
ATOM   969  C CB  . SER B 1 40 ? -3.432  -9.805  -0.528  1.00 2.72  ? 40   SER B CB  1 
ATOM   970  O OG  . SER B 1 40 ? -4.429  -8.961  -0.025  1.00 2.66  ? 40   SER B OG  1 
ATOM   971  N N   . ILE B 1 41 ? -0.694  -8.284  -1.362  1.00 2.67  ? 41   ILE B N   1 
ATOM   972  C CA  . ILE B 1 41 ? 0.023   -7.087  -1.798  1.00 2.84  ? 41   ILE B CA  1 
ATOM   973  C C   . ILE B 1 41 ? -0.028  -6.983  -3.321  1.00 2.49  ? 41   ILE B C   1 
ATOM   974  O O   . ILE B 1 41 ? 0.314   -7.914  -4.036  1.00 2.75  ? 41   ILE B O   1 
ATOM   975  C CB  . ILE B 1 41 ? 1.497   -7.079  -1.322  1.00 2.67  ? 41   ILE B CB  1 
ATOM   976  C CG1 . ILE B 1 41 ? 1.633   -7.299  0.183   1.00 2.83  ? 41   ILE B CG1 1 
ATOM   977  C CG2 . ILE B 1 41 ? 2.174   -5.775  -1.743  1.00 2.57  ? 41   ILE B CG2 1 
ATOM   978  C CD1 . ILE B 1 41 ? 3.042   -7.566  0.657   1.00 3.01  ? 41   ILE B CD1 1 
ATOM   979  N N   . ALA B 1 42 ? -0.462  -5.836  -3.791  1.00 2.74  ? 42   ALA B N   1 
ATOM   980  C CA  . ALA B 1 42 ? -0.510  -5.526  -5.216  1.00 2.95  ? 42   ALA B CA  1 
ATOM   981  C C   . ALA B 1 42 ? 0.529   -4.449  -5.536  1.00 2.75  ? 42   ALA B C   1 
ATOM   982  O O   . ALA B 1 42 ? 0.782   -3.572  -4.707  1.00 4.09  ? 42   ALA B O   1 
ATOM   983  C CB  . ALA B 1 42 ? -1.853  -4.962  -5.649  1.00 3.30  ? 42   ALA B CB  1 
ATOM   984  N N   . LEU B 1 43 ? 1.120   -4.511  -6.726  1.00 3.68  ? 43   LEU B N   1 
ATOM   985  C CA  . LEU B 1 43 ? 2.064   -3.501  -7.215  1.00 3.82  ? 43   LEU B CA  1 
ATOM   986  C C   . LEU B 1 43 ? 1.560   -3.111  -8.607  1.00 4.37  ? 43   LEU B C   1 
ATOM   987  O O   . LEU B 1 43 ? 1.528   -3.930  -9.529  1.00 6.72  ? 43   LEU B O   1 
ATOM   988  C CB  . LEU B 1 43 ? 3.479   -4.030  -7.283  1.00 5.75  ? 43   LEU B CB  1 
ATOM   989  C CG  . LEU B 1 43 ? 4.590   -3.153  -7.860  1.00 7.54  ? 43   LEU B CG  1 
ATOM   990  C CD1 . LEU B 1 43 ? 4.860   -1.986  -6.947  1.00 8.62  ? 43   LEU B CD1 1 
ATOM   991  C CD2 . LEU B 1 43 ? 5.873   -3.974  -8.001  1.00 9.39  ? 43   LEU B CD2 1 
ATOM   992  N N   . GLN B 1 44 ? 1.089   -1.872  -8.705  1.00 4.13  ? 44   GLN B N   1 
ATOM   993  C CA  . GLN B 1 44 ? 0.530   -1.390  -9.964  1.00 4.67  ? 44   GLN B CA  1 
ATOM   994  C C   . GLN B 1 44 ? 1.380   -0.253  -10.522 1.00 5.05  ? 44   GLN B C   1 
ATOM   995  O O   . GLN B 1 44 ? 1.572   0.768   -9.866  1.00 5.55  ? 44   GLN B O   1 
ATOM   996  C CB  . GLN B 1 44 ? -0.908  -0.907  -9.746  1.00 5.83  ? 44   GLN B CB  1 
ATOM   997  C CG  . GLN B 1 44 ? -1.860  -1.974  -9.233  1.00 7.79  ? 44   GLN B CG  1 
ATOM   998  C CD  . GLN B 1 44 ? -3.299  -1.533  -9.207  1.00 9.37  ? 44   GLN B CD  1 
ATOM   999  O OE1 . GLN B 1 44 ? -3.978  -1.309  -8.209  1.00 10.55 ? 44   GLN B OE1 1 
ATOM   1000 N NE2 . GLN B 1 44 ? -3.840  -1.386  -10.414 1.00 11.17 ? 44   GLN B NE2 1 
ATOM   1001 N N   A GLN B 1 45 ? 1.847   -0.459  -11.740 0.50 4.94  ? 45   GLN B N   1 
ATOM   1002 N N   B GLN B 1 45 ? 1.920   -0.443  -11.713 0.50 4.76  ? 45   GLN B N   1 
ATOM   1003 C CA  A GLN B 1 45 ? 2.634   0.542   -12.449 0.50 5.57  ? 45   GLN B CA  1 
ATOM   1004 C CA  B GLN B 1 45 ? 2.741   0.555   -12.384 0.50 5.56  ? 45   GLN B CA  1 
ATOM   1005 C C   A GLN B 1 45 ? 1.697   1.520   -13.145 0.50 5.02  ? 45   GLN B C   1 
ATOM   1006 C C   B GLN B 1 45 ? 1.876   1.519   -13.196 0.50 4.89  ? 45   GLN B C   1 
ATOM   1007 O O   A GLN B 1 45 ? 0.736   1.161   -13.835 0.50 5.20  ? 45   GLN B O   1 
ATOM   1008 O O   B GLN B 1 45 ? 1.173   1.106   -14.119 0.50 5.59  ? 45   GLN B O   1 
ATOM   1009 C CB  A GLN B 1 45 ? 3.611   -0.133  -13.410 0.50 7.70  ? 45   GLN B CB  1 
ATOM   1010 C CB  B GLN B 1 45 ? 3.728   -0.115  -13.337 0.50 7.83  ? 45   GLN B CB  1 
ATOM   1011 C CG  A GLN B 1 45 ? 4.708   -0.810  -12.588 0.50 9.59  ? 45   GLN B CG  1 
ATOM   1012 C CG  B GLN B 1 45 ? 4.574   -1.205  -12.693 0.50 9.89  ? 45   GLN B CG  1 
ATOM   1013 C CD  A GLN B 1 45 ? 5.813   -1.400  -13.436 0.50 11.36 ? 45   GLN B CD  1 
ATOM   1014 C CD  B GLN B 1 45 ? 5.537   -1.793  -13.711 0.50 11.08 ? 45   GLN B CD  1 
ATOM   1015 O OE1 A GLN B 1 45 ? 6.163   -0.871  -14.495 0.50 11.02 ? 45   GLN B OE1 1 
ATOM   1016 O OE1 B GLN B 1 45 ? 5.255   -2.766  -14.405 0.50 12.57 ? 45   GLN B OE1 1 
ATOM   1017 N NE2 A GLN B 1 45 ? 6.365   -2.506  -12.949 0.50 12.57 ? 45   GLN B NE2 1 
ATOM   1018 N NE2 B GLN B 1 45 ? 6.716   -1.183  -13.787 0.50 11.62 ? 45   GLN B NE2 1 
ATOM   1019 N N   . ILE B 1 46 ? 1.958   2.794   -12.866 1.00 4.55  ? 46   ILE B N   1 
ATOM   1020 C CA  . ILE B 1 46 ? 1.125   3.860   -13.404 1.00 4.52  ? 46   ILE B CA  1 
ATOM   1021 C C   . ILE B 1 46 ? 1.958   4.752   -14.312 1.00 5.09  ? 46   ILE B C   1 
ATOM   1022 O O   . ILE B 1 46 ? 3.004   5.248   -13.881 1.00 4.80  ? 46   ILE B O   1 
ATOM   1023 C CB  . ILE B 1 46 ? 0.556   4.711   -12.245 1.00 4.67  ? 46   ILE B CB  1 
ATOM   1024 C CG1 . ILE B 1 46 ? -0.176  3.872   -11.195 1.00 5.63  ? 46   ILE B CG1 1 
ATOM   1025 C CG2 . ILE B 1 46 ? -0.363  5.808   -12.771 1.00 5.00  ? 46   ILE B CG2 1 
ATOM   1026 C CD1 . ILE B 1 46 ? -1.402  3.121   -11.663 1.00 7.09  ? 46   ILE B CD1 1 
ATOM   1027 N N   . GLN B 1 47 ? 1.512   4.992   -15.536 1.00 5.58  ? 47   GLN B N   1 
ATOM   1028 C CA  . GLN B 1 47 ? 2.290   5.870   -16.419 1.00 6.00  ? 47   GLN B CA  1 
ATOM   1029 C C   . GLN B 1 47 ? 2.267   7.275   -15.852 1.00 5.70  ? 47   GLN B C   1 
ATOM   1030 O O   . GLN B 1 47 ? 1.270   7.686   -15.261 1.00 5.87  ? 47   GLN B O   1 
ATOM   1031 C CB  . GLN B 1 47 ? 1.676   5.879   -17.814 1.00 7.75  ? 47   GLN B CB  1 
ATOM   1032 C CG  . GLN B 1 47 ? 1.598   4.535   -18.508 1.00 9.45  ? 47   GLN B CG  1 
ATOM   1033 C CD  . GLN B 1 47 ? 2.960   3.918   -18.720 1.00 12.08 ? 47   GLN B CD  1 
ATOM   1034 O OE1 . GLN B 1 47 ? 3.908   4.587   -19.137 1.00 13.47 ? 47   GLN B OE1 1 
ATOM   1035 N NE2 . GLN B 1 47 ? 3.085   2.631   -18.428 1.00 13.97 ? 47   GLN B NE2 1 
ATOM   1036 N N   . PRO B 1 48 ? 3.290   8.075   -16.107 1.00 6.33  ? 48   PRO B N   1 
ATOM   1037 C CA  . PRO B 1 48 ? 3.361   9.416   -15.542 1.00 7.36  ? 48   PRO B CA  1 
ATOM   1038 C C   . PRO B 1 48 ? 2.165   10.271  -15.864 1.00 8.04  ? 48   PRO B C   1 
ATOM   1039 O O   . PRO B 1 48 ? 1.632   10.982  -15.009 1.00 8.47  ? 48   PRO B O   1 
ATOM   1040 C CB  . PRO B 1 48 ? 4.628   10.013  -16.126 1.00 7.61  ? 48   PRO B CB  1 
ATOM   1041 C CG  . PRO B 1 48 ? 5.496   8.819   -16.330 1.00 8.47  ? 48   PRO B CG  1 
ATOM   1042 C CD  . PRO B 1 48 ? 4.568   7.702   -16.753 1.00 7.25  ? 48   PRO B CD  1 
ATOM   1043 N N   A GLU B 1 49 ? 1.674   10.187  -17.101 0.50 8.09  ? 49   GLU B N   1 
ATOM   1044 N N   B GLU B 1 49 ? 1.654   10.202  -17.097 0.50 8.65  ? 49   GLU B N   1 
ATOM   1045 C CA  A GLU B 1 49 ? 0.521   10.970  -17.524 0.50 8.68  ? 49   GLU B CA  1 
ATOM   1046 C CA  B GLU B 1 49 ? 0.498   10.986  -17.502 0.50 9.76  ? 49   GLU B CA  1 
ATOM   1047 C C   A GLU B 1 49 ? -0.775  10.526  -16.880 0.50 8.21  ? 49   GLU B C   1 
ATOM   1048 C C   B GLU B 1 49 ? -0.754  10.621  -16.721 0.50 8.76  ? 49   GLU B C   1 
ATOM   1049 O O   A GLU B 1 49 ? -1.797  11.194  -17.035 0.50 9.05  ? 49   GLU B O   1 
ATOM   1050 O O   B GLU B 1 49 ? -1.713  11.394  -16.693 0.50 9.51  ? 49   GLU B O   1 
ATOM   1051 C CB  A GLU B 1 49 ? 0.445   10.967  -19.056 0.50 9.35  ? 49   GLU B CB  1 
ATOM   1052 C CB  B GLU B 1 49 ? 0.181   10.832  -18.993 0.50 11.57 ? 49   GLU B CB  1 
ATOM   1053 C CG  A GLU B 1 49 ? 0.221   9.599   -19.654 0.50 10.11 ? 49   GLU B CG  1 
ATOM   1054 C CG  B GLU B 1 49 ? 1.389   10.681  -19.898 0.50 13.71 ? 49   GLU B CG  1 
ATOM   1055 C CD  A GLU B 1 49 ? 1.435   8.745   -19.929 0.50 11.16 ? 49   GLU B CD  1 
ATOM   1056 C CD  B GLU B 1 49 ? 1.857   9.232   -19.966 0.50 14.68 ? 49   GLU B CD  1 
ATOM   1057 O OE1 A GLU B 1 49 ? 2.549   9.028   -19.449 0.50 10.18 ? 49   GLU B OE1 1 
ATOM   1058 O OE1 B GLU B 1 49 ? 1.099   8.429   -20.550 0.50 16.13 ? 49   GLU B OE1 1 
ATOM   1059 O OE2 A GLU B 1 49 ? 1.267   7.744   -20.683 0.50 12.78 ? 49   GLU B OE2 1 
ATOM   1060 O OE2 B GLU B 1 49 ? 2.943   8.928   -19.442 0.50 14.09 ? 49   GLU B OE2 1 
ATOM   1061 N N   . SER B 1 50 ? -0.801  9.427   -16.125 1.00 7.46  ? 50   SER B N   1 
ATOM   1062 C CA  . SER B 1 50 ? -1.963  8.975   -15.392 1.00 7.79  ? 50   SER B CA  1 
ATOM   1063 C C   . SER B 1 50 ? -1.841  9.214   -13.889 1.00 6.85  ? 50   SER B C   1 
ATOM   1064 O O   . SER B 1 50 ? -2.743  8.867   -13.125 1.00 7.53  ? 50   SER B O   1 
ATOM   1065 C CB  . SER B 1 50 ? -2.198  7.487   -15.674 1.00 10.11 ? 50   SER B CB  1 
ATOM   1066 O OG  . SER B 1 50 ? -2.413  7.342   -17.087 1.00 13.39 ? 50   SER B OG  1 
ATOM   1067 N N   . TRP B 1 51 ? -0.752  9.831   -13.428 1.00 5.38  ? 51   TRP B N   1 
ATOM   1068 C CA  . TRP B 1 51 ? -0.535  10.073  -12.002 1.00 4.13  ? 51   TRP B CA  1 
ATOM   1069 C C   . TRP B 1 51 ? -1.448  11.148  -11.448 1.00 4.56  ? 51   TRP B C   1 
ATOM   1070 O O   . TRP B 1 51 ? -1.920  11.037  -10.314 1.00 5.32  ? 51   TRP B O   1 
ATOM   1071 C CB  . TRP B 1 51 ? 0.934   10.438  -11.705 1.00 4.21  ? 51   TRP B CB  1 
ATOM   1072 C CG  . TRP B 1 51 ? 1.222   10.262  -10.237 1.00 3.64  ? 51   TRP B CG  1 
ATOM   1073 C CD1 . TRP B 1 51 ? 1.281   11.241  -9.293  1.00 3.97  ? 51   TRP B CD1 1 
ATOM   1074 C CD2 . TRP B 1 51 ? 1.438   9.020   -9.557  1.00 3.70  ? 51   TRP B CD2 1 
ATOM   1075 N NE1 . TRP B 1 51 ? 1.527   10.671  -8.065  1.00 3.87  ? 51   TRP B NE1 1 
ATOM   1076 C CE2 . TRP B 1 51 ? 1.632   9.319   -8.205  1.00 3.85  ? 51   TRP B CE2 1 
ATOM   1077 C CE3 . TRP B 1 51 ? 1.499   7.695   -10.001 1.00 4.19  ? 51   TRP B CE3 1 
ATOM   1078 C CZ2 . TRP B 1 51 ? 1.884   8.333   -7.263  1.00 3.88  ? 51   TRP B CZ2 1 
ATOM   1079 C CZ3 . TRP B 1 51 ? 1.731   6.708   -9.056  1.00 3.82  ? 51   TRP B CZ3 1 
ATOM   1080 C CH2 . TRP B 1 51 ? 1.943   7.044   -7.711  1.00 4.48  ? 51   TRP B CH2 1 
ATOM   1081 N N   . GLN B 1 52 ? -1.818  12.159  -12.244 1.00 5.17  ? 52   GLN B N   1 
ATOM   1082 C CA  . GLN B 1 52 ? -2.762  13.174  -11.794 1.00 5.94  ? 52   GLN B CA  1 
ATOM   1083 C C   . GLN B 1 52 ? -4.070  12.570  -11.302 1.00 6.03  ? 52   GLN B C   1 
ATOM   1084 O O   . GLN B 1 52 ? -4.630  13.011  -10.295 1.00 7.04  ? 52   GLN B O   1 
ATOM   1085 C CB  . GLN B 1 52 ? -3.014  14.184  -12.928 1.00 6.24  ? 52   GLN B CB  1 
ATOM   1086 C CG  . GLN B 1 52 ? -3.906  15.346  -12.530 1.00 7.80  ? 52   GLN B CG  1 
ATOM   1087 C CD  . GLN B 1 52 ? -3.241  16.342  -11.634 1.00 8.80  ? 52   GLN B CD  1 
ATOM   1088 O OE1 . GLN B 1 52 ? -2.166  16.875  -11.925 1.00 10.50 ? 52   GLN B OE1 1 
ATOM   1089 N NE2 . GLN B 1 52 ? -3.873  16.626  -10.495 1.00 10.11 ? 52   GLN B NE2 1 
ATOM   1090 N N   . ALA B 1 53 ? -4.569  11.542  -11.978 1.00 6.00  ? 53   ALA B N   1 
ATOM   1091 C CA  . ALA B 1 53 ? -5.776  10.840  -11.580 1.00 7.30  ? 53   ALA B CA  1 
ATOM   1092 C C   . ALA B 1 53 ? -5.608  10.199  -10.203 1.00 7.17  ? 53   ALA B C   1 
ATOM   1093 O O   . ALA B 1 53 ? -6.558  10.202  -9.430  1.00 7.68  ? 53   ALA B O   1 
ATOM   1094 C CB  . ALA B 1 53 ? -6.197  9.810   -12.618 1.00 8.61  ? 53   ALA B CB  1 
ATOM   1095 N N   . ILE B 1 54 ? -4.442  9.651   -9.903  1.00 6.75  ? 54   ILE B N   1 
ATOM   1096 C CA  . ILE B 1 54 ? -4.177  9.061   -8.597  1.00 6.77  ? 54   ILE B CA  1 
ATOM   1097 C C   . ILE B 1 54 ? -4.160  10.163  -7.543  1.00 6.05  ? 54   ILE B C   1 
ATOM   1098 O O   . ILE B 1 54 ? -4.769  10.067  -6.480  1.00 6.70  ? 54   ILE B O   1 
ATOM   1099 C CB  . ILE B 1 54 ? -2.858  8.278   -8.609  1.00 7.02  ? 54   ILE B CB  1 
ATOM   1100 C CG1 . ILE B 1 54 ? -2.860  7.141   -9.629  1.00 7.60  ? 54   ILE B CG1 1 
ATOM   1101 C CG2 . ILE B 1 54 ? -2.531  7.768   -7.211  1.00 6.98  ? 54   ILE B CG2 1 
ATOM   1102 C CD1 . ILE B 1 54 ? -4.026  6.192   -9.577  1.00 8.73  ? 54   ILE B CD1 1 
ATOM   1103 N N   . TRP B 1 55 ? -3.460  11.256  -7.867  1.00 5.20  ? 55   TRP B N   1 
ATOM   1104 C CA  . TRP B 1 55 ? -3.432  12.411  -6.965  1.00 5.04  ? 55   TRP B CA  1 
ATOM   1105 C C   . TRP B 1 55 ? -4.837  12.904  -6.635  1.00 5.67  ? 55   TRP B C   1 
ATOM   1106 O O   . TRP B 1 55 ? -5.223  13.112  -5.489  1.00 5.41  ? 55   TRP B O   1 
ATOM   1107 C CB  . TRP B 1 55 ? -2.582  13.520  -7.588  1.00 5.43  ? 55   TRP B CB  1 
ATOM   1108 C CG  . TRP B 1 55 ? -2.588  14.798  -6.804  1.00 4.89  ? 55   TRP B CG  1 
ATOM   1109 C CD1 . TRP B 1 55 ? -3.479  15.830  -6.913  1.00 5.72  ? 55   TRP B CD1 1 
ATOM   1110 C CD2 . TRP B 1 55 ? -1.655  15.178  -5.776  1.00 5.18  ? 55   TRP B CD2 1 
ATOM   1111 N NE1 . TRP B 1 55 ? -3.180  16.814  -6.015  1.00 6.58  ? 55   TRP B NE1 1 
ATOM   1112 C CE2 . TRP B 1 55 ? -2.068  16.447  -5.311  1.00 5.83  ? 55   TRP B CE2 1 
ATOM   1113 C CE3 . TRP B 1 55 ? -0.526  14.586  -5.215  1.00 5.05  ? 55   TRP B CE3 1 
ATOM   1114 C CZ2 . TRP B 1 55 ? -1.385  17.134  -4.305  1.00 6.22  ? 55   TRP B CZ2 1 
ATOM   1115 C CZ3 . TRP B 1 55 ? 0.154   15.275  -4.220  1.00 5.25  ? 55   TRP B CZ3 1 
ATOM   1116 C CH2 . TRP B 1 55 ? -0.293  16.518  -3.760  1.00 6.13  ? 55   TRP B CH2 1 
ATOM   1117 N N   . ASP B 1 56 ? -5.647  13.106  -7.675  1.00 5.75  ? 56   ASP B N   1 
ATOM   1118 C CA  . ASP B 1 56 ? -6.988  13.639  -7.509  1.00 7.01  ? 56   ASP B CA  1 
ATOM   1119 C C   . ASP B 1 56 ? -7.932  12.713  -6.750  1.00 7.58  ? 56   ASP B C   1 
ATOM   1120 O O   . ASP B 1 56 ? -8.797  13.225  -6.032  1.00 8.59  ? 56   ASP B O   1 
ATOM   1121 C CB  . ASP B 1 56 ? -7.599  13.933  -8.893  1.00 8.47  ? 56   ASP B CB  1 
ATOM   1122 C CG  . ASP B 1 56 ? -6.927  15.084  -9.610  1.00 9.63  ? 56   ASP B CG  1 
ATOM   1123 O OD1 . ASP B 1 56 ? -6.208  15.885  -9.007  1.00 10.51 ? 56   ASP B OD1 1 
ATOM   1124 O OD2 . ASP B 1 56 ? -7.187  15.175  -10.834 1.00 12.09 ? 56   ASP B OD2 1 
ATOM   1125 N N   . ALA B 1 57 ? -7.807  11.405  -6.949  1.00 6.74  ? 57   ALA B N   1 
ATOM   1126 C CA  . ALA B 1 57 ? -8.733  10.507  -6.287  1.00 8.47  ? 57   ALA B CA  1 
ATOM   1127 C C   . ALA B 1 57 ? -8.281  9.984   -4.943  1.00 8.67  ? 57   ALA B C   1 
ATOM   1128 O O   . ALA B 1 57 ? -9.114  9.703   -4.071  1.00 11.28 ? 57   ALA B O   1 
ATOM   1129 C CB  . ALA B 1 57 ? -8.974  9.280   -7.193  1.00 9.04  ? 57   ALA B CB  1 
ATOM   1130 N N   A GLU B 1 58 ? -6.977  9.758   -4.764  0.50 7.84  ? 58   GLU B N   1 
ATOM   1131 N N   B GLU B 1 58 ? -6.973  9.838   -4.738  0.50 8.67  ? 58   GLU B N   1 
ATOM   1132 C CA  A GLU B 1 58 ? -6.455  9.125   -3.569  0.50 7.37  ? 58   GLU B CA  1 
ATOM   1133 C CA  B GLU B 1 58 ? -6.482  9.185   -3.535  0.50 9.14  ? 58   GLU B CA  1 
ATOM   1134 C C   A GLU B 1 58 ? -5.638  9.991   -2.627  0.50 7.13  ? 58   GLU B C   1 
ATOM   1135 C C   B GLU B 1 58 ? -5.626  9.994   -2.579  0.50 8.13  ? 58   GLU B C   1 
ATOM   1136 O O   A GLU B 1 58 ? -5.602  9.746   -1.412  0.50 7.44  ? 58   GLU B O   1 
ATOM   1137 O O   B GLU B 1 58 ? -5.097  9.380   -1.625  0.50 8.39  ? 58   GLU B O   1 
ATOM   1138 C CB  A GLU B 1 58 ? -5.533  7.958   -3.985  0.50 7.42  ? 58   GLU B CB  1 
ATOM   1139 C CB  B GLU B 1 58 ? -5.636  7.991   -4.016  0.50 10.90 ? 58   GLU B CB  1 
ATOM   1140 C CG  A GLU B 1 58 ? -6.104  6.852   -4.838  0.50 7.31  ? 58   GLU B CG  1 
ATOM   1141 C CG  B GLU B 1 58 ? -6.341  7.187   -5.112  0.50 12.95 ? 58   GLU B CG  1 
ATOM   1142 C CD  A GLU B 1 58 ? -7.219  6.063   -4.198  0.50 7.07  ? 58   GLU B CD  1 
ATOM   1143 C CD  B GLU B 1 58 ? -5.856  5.762   -5.028  0.50 14.19 ? 58   GLU B CD  1 
ATOM   1144 O OE1 A GLU B 1 58 ? -7.247  5.914   -2.965  0.50 6.19  ? 58   GLU B OE1 1 
ATOM   1145 O OE1 B GLU B 1 58 ? -5.941  5.263   -3.881  0.50 14.58 ? 58   GLU B OE1 1 
ATOM   1146 O OE2 A GLU B 1 58 ? -8.090  5.572   -4.952  0.50 8.42  ? 58   GLU B OE2 1 
ATOM   1147 O OE2 B GLU B 1 58 ? -5.403  5.217   -6.048  0.50 15.56 ? 58   GLU B OE2 1 
ATOM   1148 N N   . ILE B 1 59 ? -4.967  11.016  -3.125  1.00 6.50  ? 59   ILE B N   1 
ATOM   1149 C CA  . ILE B 1 59 ? -4.033  11.783  -2.309  1.00 5.73  ? 59   ILE B CA  1 
ATOM   1150 C C   . ILE B 1 59 ? -4.630  13.084  -1.829  1.00 5.61  ? 59   ILE B C   1 
ATOM   1151 O O   . ILE B 1 59 ? -4.827  13.290  -0.628  1.00 7.59  ? 59   ILE B O   1 
ATOM   1152 C CB  . ILE B 1 59 ? -2.695  11.954  -3.056  1.00 5.10  ? 59   ILE B CB  1 
ATOM   1153 C CG1 . ILE B 1 59 ? -2.131  10.606  -3.501  1.00 6.16  ? 59   ILE B CG1 1 
ATOM   1154 C CG2 . ILE B 1 59 ? -1.718  12.719  -2.159  1.00 6.82  ? 59   ILE B CG2 1 
ATOM   1155 C CD1 . ILE B 1 59 ? -0.873  10.636  -4.333  1.00 5.95  ? 59   ILE B CD1 1 
ATOM   1156 N N   . ALA B 1 60 ? -4.978  13.977  -2.752  1.00 6.03  ? 60   ALA B N   1 
ATOM   1157 C CA  . ALA B 1 60 ? -5.504  15.280  -2.402  1.00 7.43  ? 60   ALA B CA  1 
ATOM   1158 C C   . ALA B 1 60 ? -6.732  15.275  -1.508  1.00 9.10  ? 60   ALA B C   1 
ATOM   1159 O O   . ALA B 1 60 ? -6.718  16.023  -0.514  1.00 9.71  ? 60   ALA B O   1 
ATOM   1160 C CB  . ALA B 1 60 ? -5.746  16.131  -3.637  1.00 8.99  ? 60   ALA B CB  1 
ATOM   1161 N N   . PRO B 1 61 ? -7.760  14.493  -1.792  1.00 9.07  ? 61   PRO B N   1 
ATOM   1162 C CA  . PRO B 1 61 ? -8.952  14.528  -0.961  1.00 10.04 ? 61   PRO B CA  1 
ATOM   1163 C C   . PRO B 1 61 ? -8.780  13.927  0.417   1.00 10.33 ? 61   PRO B C   1 
ATOM   1164 O O   . PRO B 1 61 ? -9.579  14.246  1.307   1.00 12.73 ? 61   PRO B O   1 
ATOM   1165 C CB  . PRO B 1 61 ? -10.004 13.778  -1.762  1.00 10.74 ? 61   PRO B CB  1 
ATOM   1166 C CG  . PRO B 1 61 ? -9.374  13.234  -2.971  1.00 10.90 ? 61   PRO B CG  1 
ATOM   1167 C CD  . PRO B 1 61 ? -7.913  13.586  -2.934  1.00 9.73  ? 61   PRO B CD  1 
ATOM   1168 N N   . GLN B 1 62 ? -7.779  13.101  0.636   1.00 9.39  ? 62   GLN B N   1 
ATOM   1169 C CA  . GLN B 1 62 ? -7.489  12.436  1.891   1.00 9.75  ? 62   GLN B CA  1 
ATOM   1170 C C   . GLN B 1 62 ? -6.262  13.065  2.576   1.00 7.66  ? 62   GLN B C   1 
ATOM   1171 O O   . GLN B 1 62 ? -5.731  12.455  3.509   1.00 7.05  ? 62   GLN B O   1 
ATOM   1172 C CB  . GLN B 1 62 ? -7.063  10.980  1.633   1.00 12.43 ? 62   GLN B CB  1 
ATOM   1173 C CG  . GLN B 1 62 ? -7.874  9.866   1.065   1.00 15.35 ? 62   GLN B CG  1 
ATOM   1174 C CD  . GLN B 1 62 ? -7.199  8.507   1.233   1.00 16.91 ? 62   GLN B CD  1 
ATOM   1175 O OE1 . GLN B 1 62 ? -6.562  7.910   0.349   1.00 15.20 ? 62   GLN B OE1 1 
ATOM   1176 N NE2 . GLN B 1 62 ? -7.338  7.953   2.444   1.00 19.04 ? 62   GLN B NE2 1 
ATOM   1177 N N   . MET B 1 63 ? -5.771  14.210  2.123   1.00 6.59  ? 63   MET B N   1 
ATOM   1178 C CA  . MET B 1 63 ? -4.483  14.727  2.570   1.00 6.04  ? 63   MET B CA  1 
ATOM   1179 C C   . MET B 1 63 ? -4.269  14.720  4.068   1.00 6.56  ? 63   MET B C   1 
ATOM   1180 O O   . MET B 1 63 ? -3.252  14.167  4.527   1.00 5.91  ? 63   MET B O   1 
ATOM   1181 C CB  . MET B 1 63 ? -4.179  16.107  1.979   1.00 6.38  ? 63   MET B CB  1 
ATOM   1182 C CG  . MET B 1 63 ? -2.754  16.577  2.206   1.00 6.79  ? 63   MET B CG  1 
ATOM   1183 S SD  . MET B 1 63 ? -1.532  15.714  1.195   1.00 5.90  ? 63   MET B SD  1 
ATOM   1184 C CE  . MET B 1 63 ? -1.831  16.470  -0.399  1.00 8.42  ? 63   MET B CE  1 
ATOM   1185 N N   A GLU B 1 64 ? -5.156  15.324  4.872   0.50 7.11  ? 64   GLU B N   1 
ATOM   1186 N N   B GLU B 1 64 ? -5.204  15.285  4.818   0.50 6.40  ? 64   GLU B N   1 
ATOM   1187 C CA  A GLU B 1 64 ? -4.859  15.360  6.309   0.50 8.77  ? 64   GLU B CA  1 
ATOM   1188 C CA  B GLU B 1 64 ? -5.108  15.355  6.259   0.50 7.54  ? 64   GLU B CA  1 
ATOM   1189 C C   A GLU B 1 64 ? -5.103  14.030  6.999   0.50 8.17  ? 64   GLU B C   1 
ATOM   1190 C C   B GLU B 1 64 ? -5.017  14.002  6.938   0.50 7.41  ? 64   GLU B C   1 
ATOM   1191 O O   A GLU B 1 64 ? -4.638  13.867  8.137   0.50 9.08  ? 64   GLU B O   1 
ATOM   1192 O O   B GLU B 1 64 ? -4.267  13.819  7.894   0.50 8.21  ? 64   GLU B O   1 
ATOM   1193 C CB  A GLU B 1 64 ? -5.450  16.563  7.016   0.50 10.72 ? 64   GLU B CB  1 
ATOM   1194 C CB  B GLU B 1 64 ? -6.341  16.095  6.822   0.50 8.10  ? 64   GLU B CB  1 
ATOM   1195 C CG  A GLU B 1 64 ? -6.919  16.618  7.335   0.50 11.44 ? 64   GLU B CG  1 
ATOM   1196 C CG  B GLU B 1 64 ? -6.161  17.592  6.706   0.50 9.96  ? 64   GLU B CG  1 
ATOM   1197 C CD  A GLU B 1 64 ? -7.299  17.941  7.984   0.50 11.78 ? 64   GLU B CD  1 
ATOM   1198 C CD  B GLU B 1 64 ? -7.057  18.419  7.599   0.50 11.34 ? 64   GLU B CD  1 
ATOM   1199 O OE1 A GLU B 1 64 ? -6.974  18.993  7.405   0.50 10.30 ? 64   GLU B OE1 1 
ATOM   1200 O OE1 B GLU B 1 64 ? -7.747  17.900  8.499   0.50 12.84 ? 64   GLU B OE1 1 
ATOM   1201 O OE2 A GLU B 1 64 ? -7.911  17.942  9.071   0.50 12.49 ? 64   GLU B OE2 1 
ATOM   1202 O OE2 B GLU B 1 64 ? -7.082  19.645  7.394   0.50 12.45 ? 64   GLU B OE2 1 
ATOM   1203 N N   . ALA B 1 65 ? -5.724  13.028  6.383   1.00 7.37  ? 65   ALA B N   1 
ATOM   1204 C CA  . ALA B 1 65 ? -5.868  11.713  6.921   1.00 7.09  ? 65   ALA B CA  1 
ATOM   1205 C C   . ALA B 1 65 ? -4.689  10.802  6.557   1.00 5.94  ? 65   ALA B C   1 
ATOM   1206 O O   . ALA B 1 65 ? -4.510  9.793   7.238   1.00 7.03  ? 65   ALA B O   1 
ATOM   1207 C CB  . ALA B 1 65 ? -7.145  11.011  6.453   1.00 7.82  ? 65   ALA B CB  1 
ATOM   1208 N N   . LEU B 1 66 ? -3.899  11.147  5.546   1.00 5.38  ? 66   LEU B N   1 
ATOM   1209 C CA  . LEU B 1 66 ? -2.770  10.297  5.180   1.00 3.21  ? 66   LEU B CA  1 
ATOM   1210 C C   . LEU B 1 66 ? -1.857  10.068  6.374   1.00 3.53  ? 66   LEU B C   1 
ATOM   1211 O O   . LEU B 1 66 ? -1.613  11.031  7.118   1.00 4.14  ? 66   LEU B O   1 
ATOM   1212 C CB  . LEU B 1 66 ? -1.988  10.890  4.008   1.00 3.23  ? 66   LEU B CB  1 
ATOM   1213 C CG  . LEU B 1 66 ? -2.745  10.976  2.677   1.00 4.01  ? 66   LEU B CG  1 
ATOM   1214 C CD1 . LEU B 1 66 ? -1.870  11.710  1.661   1.00 3.68  ? 66   LEU B CD1 1 
ATOM   1215 C CD2 . LEU B 1 66 ? -3.200  9.623   2.159   1.00 3.98  ? 66   LEU B CD2 1 
ATOM   1216 N N   . ILE B 1 67 ? -1.313  8.859   6.516   1.00 2.87  ? 67   ILE B N   1 
ATOM   1217 C CA  . ILE B 1 67 ? -0.325  8.605   7.570   1.00 3.52  ? 67   ILE B CA  1 
ATOM   1218 C C   . ILE B 1 67 ? 1.052   9.083   7.129   1.00 3.09  ? 67   ILE B C   1 
ATOM   1219 O O   . ILE B 1 67 ? 1.935   9.300   7.968   1.00 4.78  ? 67   ILE B O   1 
ATOM   1220 C CB  . ILE B 1 67 ? -0.364  7.192   8.124   1.00 3.87  ? 67   ILE B CB  1 
ATOM   1221 C CG1 . ILE B 1 67 ? 0.026   6.123   7.103   1.00 3.85  ? 67   ILE B CG1 1 
ATOM   1222 C CG2 . ILE B 1 67 ? -1.744  6.897   8.718   1.00 5.18  ? 67   ILE B CG2 1 
ATOM   1223 C CD1 . ILE B 1 67 ? 0.299   4.780   7.779   1.00 4.12  ? 67   ILE B CD1 1 
ATOM   1224 N N   A LYS B 1 68 ? 1.277   9.265   5.833   0.50 3.14  ? 68   LYS B N   1 
ATOM   1225 N N   B LYS B 1 68 ? 1.290   9.264   5.830   0.50 3.19  ? 68   LYS B N   1 
ATOM   1226 C CA  A LYS B 1 68 ? 2.468   9.890   5.303   0.50 2.70  ? 68   LYS B CA  1 
ATOM   1227 C CA  B LYS B 1 68 ? 2.484   9.896   5.316   0.50 3.07  ? 68   LYS B CA  1 
ATOM   1228 C C   A LYS B 1 68 ? 2.026   10.786  4.141   0.50 2.52  ? 68   LYS B C   1 
ATOM   1229 C C   B LYS B 1 68 ? 2.092   10.774  4.116   0.50 2.98  ? 68   LYS B C   1 
ATOM   1230 O O   A LYS B 1 68 ? 1.463   10.311  3.149   0.50 2.59  ? 68   LYS B O   1 
ATOM   1231 O O   B LYS B 1 68 ? 1.387   10.327  3.204   0.50 2.92  ? 68   LYS B O   1 
ATOM   1232 C CB  A LYS B 1 68 ? 3.522   8.909   4.810   0.50 2.87  ? 68   LYS B CB  1 
ATOM   1233 C CB  B LYS B 1 68 ? 3.603   8.955   4.880   0.50 3.77  ? 68   LYS B CB  1 
ATOM   1234 C CG  A LYS B 1 68 ? 4.754   9.633   4.257   0.50 3.11  ? 68   LYS B CG  1 
ATOM   1235 C CG  B LYS B 1 68 ? 4.882   9.758   4.615   0.50 5.11  ? 68   LYS B CG  1 
ATOM   1236 C CD  A LYS B 1 68 ? 5.936   8.688   4.214   0.50 2.84  ? 68   LYS B CD  1 
ATOM   1237 C CD  B LYS B 1 68 ? 5.909   8.968   3.819   0.50 6.47  ? 68   LYS B CD  1 
ATOM   1238 C CE  A LYS B 1 68 ? 7.213   9.382   3.764   0.50 2.93  ? 68   LYS B CE  1 
ATOM   1239 C CE  B LYS B 1 68 ? 7.125   9.870   3.574   0.50 6.57  ? 68   LYS B CE  1 
ATOM   1240 N NZ  A LYS B 1 68 ? 7.859   10.188  4.835   0.50 3.19  ? 68   LYS B NZ  1 
ATOM   1241 N NZ  B LYS B 1 68 ? 6.800   11.035  2.696   0.50 7.21  ? 68   LYS B NZ  1 
ATOM   1242 N N   . LYS B 1 69 ? 2.257   12.089  4.281   1.00 2.84  ? 69   LYS B N   1 
ATOM   1243 C CA  . LYS B 1 69 ? 1.883   13.044  3.244   1.00 3.62  ? 69   LYS B CA  1 
ATOM   1244 C C   . LYS B 1 69 ? 3.004   13.150  2.227   1.00 4.21  ? 69   LYS B C   1 
ATOM   1245 O O   . LYS B 1 69 ? 4.156   13.052  2.618   1.00 3.94  ? 69   LYS B O   1 
ATOM   1246 C CB  . LYS B 1 69 ? 1.623   14.435  3.823   1.00 4.15  ? 69   LYS B CB  1 
ATOM   1247 C CG  . LYS B 1 69 ? 0.286   14.559  4.541   1.00 5.71  ? 69   LYS B CG  1 
ATOM   1248 C CD  . LYS B 1 69 ? 0.302   13.889  5.892   1.00 7.61  ? 69   LYS B CD  1 
ATOM   1249 C CE  . LYS B 1 69 ? -0.811  14.452  6.768   1.00 8.09  ? 69   LYS B CE  1 
ATOM   1250 N NZ  . LYS B 1 69 ? -0.967  13.643  7.997   1.00 10.86 ? 69   LYS B NZ  1 
ATOM   1251 N N   . PRO B 1 70 ? 2.685   13.431  0.975   1.00 3.36  ? 70   PRO B N   1 
ATOM   1252 C CA  . PRO B 1 70 ? 3.725   13.611  -0.030  1.00 3.42  ? 70   PRO B CA  1 
ATOM   1253 C C   . PRO B 1 70 ? 4.559   14.861  0.209   1.00 3.27  ? 70   PRO B C   1 
ATOM   1254 O O   . PRO B 1 70 ? 4.042   15.895  0.605   1.00 3.25  ? 70   PRO B O   1 
ATOM   1255 C CB  . PRO B 1 70 ? 2.940   13.717  -1.348  1.00 3.62  ? 70   PRO B CB  1 
ATOM   1256 C CG  . PRO B 1 70 ? 1.624   14.273  -0.912  1.00 3.25  ? 70   PRO B CG  1 
ATOM   1257 C CD  . PRO B 1 70 ? 1.326   13.640  0.431   1.00 3.94  ? 70   PRO B CD  1 
ATOM   1258 N N   . GLY B 1 71 ? 5.849   14.748  -0.094  1.00 3.21  ? 71   GLY B N   1 
ATOM   1259 C CA  . GLY B 1 71 ? 6.743   15.897  -0.061  1.00 2.68  ? 71   GLY B CA  1 
ATOM   1260 C C   . GLY B 1 71 ? 6.560   16.774  -1.291  1.00 2.31  ? 71   GLY B C   1 
ATOM   1261 O O   . GLY B 1 71 ? 6.892   17.950  -1.223  1.00 2.56  ? 71   GLY B O   1 
ATOM   1262 N N   . TYR B 1 72 ? 6.061   16.228  -2.371  1.00 2.62  ? 72   TYR B N   1 
ATOM   1263 C CA  . TYR B 1 72 ? 5.744   16.963  -3.586  1.00 3.01  ? 72   TYR B CA  1 
ATOM   1264 C C   . TYR B 1 72 ? 4.280   17.397  -3.523  1.00 2.80  ? 72   TYR B C   1 
ATOM   1265 O O   . TYR B 1 72 ? 3.477   16.879  -2.734  1.00 3.16  ? 72   TYR B O   1 
ATOM   1266 C CB  . TYR B 1 72 ? 6.011   16.106  -4.838  1.00 3.92  ? 72   TYR B CB  1 
ATOM   1267 C CG  . TYR B 1 72 ? 5.073   14.921  -5.004  1.00 3.41  ? 72   TYR B CG  1 
ATOM   1268 C CD1 . TYR B 1 72 ? 5.332   13.701  -4.396  1.00 3.52  ? 72   TYR B CD1 1 
ATOM   1269 C CD2 . TYR B 1 72 ? 3.911   15.025  -5.737  1.00 3.59  ? 72   TYR B CD2 1 
ATOM   1270 C CE1 . TYR B 1 72 ? 4.464   12.633  -4.531  1.00 4.37  ? 72   TYR B CE1 1 
ATOM   1271 C CE2 . TYR B 1 72 ? 3.026   13.977  -5.900  1.00 3.73  ? 72   TYR B CE2 1 
ATOM   1272 C CZ  . TYR B 1 72 ? 3.317   12.774  -5.289  1.00 3.07  ? 72   TYR B CZ  1 
ATOM   1273 O OH  . TYR B 1 72 ? 2.415   11.727  -5.435  1.00 3.02  ? 72   TYR B OH  1 
ATOM   1274 N N   . SER B 1 73 ? 3.885   18.295  -4.424  1.00 3.28  ? 73   SER B N   1 
ATOM   1275 C CA  . SER B 1 73 ? 2.503   18.708  -4.567  1.00 4.05  ? 73   SER B CA  1 
ATOM   1276 C C   . SER B 1 73 ? 2.183   18.829  -6.053  1.00 4.10  ? 73   SER B C   1 
ATOM   1277 O O   . SER B 1 73 ? 3.004   19.324  -6.826  1.00 5.06  ? 73   SER B O   1 
ATOM   1278 C CB  . SER B 1 73 ? 2.220   20.083  -3.923  1.00 5.01  ? 73   SER B CB  1 
ATOM   1279 O OG  . SER B 1 73 ? 0.884   20.502  -4.199  1.00 6.42  ? 73   SER B OG  1 
ATOM   1280 N N   . MET B 1 74 ? 0.947   18.445  -6.408  1.00 3.74  ? 74   MET B N   1 
ATOM   1281 C CA  . MET B 1 74 ? 0.458   18.643  -7.764  1.00 4.86  ? 74   MET B CA  1 
ATOM   1282 C C   . MET B 1 74 ? -0.519  19.791  -7.840  1.00 7.08  ? 74   MET B C   1 
ATOM   1283 O O   . MET B 1 74 ? -1.201  19.973  -8.857  1.00 8.80  ? 74   MET B O   1 
ATOM   1284 C CB  . MET B 1 74 ? -0.102  17.358  -8.363  1.00 5.15  ? 74   MET B CB  1 
ATOM   1285 C CG  . MET B 1 74 ? 1.001   16.309  -8.467  1.00 6.61  ? 74   MET B CG  1 
ATOM   1286 S SD  . MET B 1 74 ? 0.448   14.789  -9.212  1.00 8.49  ? 74   MET B SD  1 
ATOM   1287 C CE  . MET B 1 74 ? 0.605   15.144  -10.951 1.00 9.68  ? 74   MET B CE  1 
ATOM   1288 N N   . ASN B 1 75 ? -0.546  20.645  -6.825  1.00 8.49  ? 75   ASN B N   1 
ATOM   1289 C CA  . ASN B 1 75 ? -1.418  21.809  -6.809  1.00 10.21 ? 75   ASN B CA  1 
ATOM   1290 C C   . ASN B 1 75 ? -0.675  23.040  -6.309  1.00 10.63 ? 75   ASN B C   1 
ATOM   1291 O O   . ASN B 1 75 ? -1.143  23.770  -5.435  1.00 11.65 ? 75   ASN B O   1 
ATOM   1292 C CB  . ASN B 1 75 ? -2.647  21.547  -5.935  1.00 12.60 ? 75   ASN B CB  1 
ATOM   1293 C CG  . ASN B 1 75 ? -3.687  22.646  -6.055  1.00 15.59 ? 75   ASN B CG  1 
ATOM   1294 O OD1 . ASN B 1 75 ? -3.822  23.267  -7.110  1.00 17.44 ? 75   ASN B OD1 1 
ATOM   1295 N ND2 . ASN B 1 75 ? -4.405  22.910  -4.968  1.00 16.90 ? 75   ASN B ND2 1 
ATOM   1296 N N   . ALA B 1 76 ? 0.491   23.291  -6.907  1.00 10.22 ? 76   ALA B N   1 
ATOM   1297 C CA  . ALA B 1 76 ? 1.280   24.465  -6.528  1.00 10.29 ? 76   ALA B CA  1 
ATOM   1298 C C   . ALA B 1 76 ? 0.869   25.702  -7.323  1.00 11.04 ? 76   ALA B C   1 
ATOM   1299 O O   . ALA B 1 76 ? 1.175   26.821  -6.853  1.00 12.01 ? 76   ALA B O   1 
ATOM   1300 C CB  . ALA B 1 76 ? 2.761   24.172  -6.661  1.00 10.17 ? 76   ALA B CB  1 
ATOM   1301 O OXT . ALA B 1 76 ? 0.247   25.550  -8.393  1.00 12.37 ? 76   ALA B OXT 1 
HETATM 1302 C C   . BEZ C 2 .  ? -7.253  -7.985  8.358   1.00 8.38  ? 1077 BEZ A C   1 
HETATM 1303 O O1  . BEZ C 2 .  ? -6.957  -7.012  7.687   1.00 8.44  ? 1077 BEZ A O1  1 
HETATM 1304 O O2  . BEZ C 2 .  ? -7.230  -7.880  9.676   1.00 9.77  ? 1077 BEZ A O2  1 
HETATM 1305 C C1  . BEZ C 2 .  ? -7.684  -9.239  7.703   1.00 9.81  ? 1077 BEZ A C1  1 
HETATM 1306 C C2  . BEZ C 2 .  ? -7.702  -10.460 8.376   1.00 10.13 ? 1077 BEZ A C2  1 
HETATM 1307 C C3  . BEZ C 2 .  ? -8.094  -11.631 7.727   1.00 9.82  ? 1077 BEZ A C3  1 
HETATM 1308 C C4  . BEZ C 2 .  ? -8.454  -11.556 6.396   1.00 9.69  ? 1077 BEZ A C4  1 
HETATM 1309 C C5  . BEZ C 2 .  ? -8.420  -10.359 5.725   1.00 9.88  ? 1077 BEZ A C5  1 
HETATM 1310 C C6  . BEZ C 2 .  ? -8.034  -9.180  6.348   1.00 9.29  ? 1077 BEZ A C6  1 
HETATM 1311 N N1  . EPE D 3 .  ? 5.483   11.328  -8.027  1.00 15.16 ? 1077 EPE B N1  1 
HETATM 1312 C C2  . EPE D 3 .  ? 6.792   11.967  -7.948  1.00 16.02 ? 1077 EPE B C2  1 
HETATM 1313 C C3  . EPE D 3 .  ? 6.484   13.472  -7.986  1.00 16.52 ? 1077 EPE B C3  1 
HETATM 1314 N N4  . EPE D 3 .  ? 5.814   13.765  -9.258  1.00 17.06 ? 1077 EPE B N4  1 
HETATM 1315 C C5  . EPE D 3 .  ? 4.547   13.086  -9.387  1.00 16.72 ? 1077 EPE B C5  1 
HETATM 1316 C C6  . EPE D 3 .  ? 4.890   11.571  -9.348  1.00 15.85 ? 1077 EPE B C6  1 
HETATM 1317 C C7  . EPE D 3 .  ? 5.980   15.173  -9.366  1.00 18.70 ? 1077 EPE B C7  1 
HETATM 1318 C C8  . EPE D 3 .  ? 4.727   15.973  -9.115  1.00 19.98 ? 1077 EPE B C8  1 
HETATM 1319 O O8  . EPE D 3 .  ? 4.506   16.661  -10.361 1.00 22.87 ? 1077 EPE B O8  1 
HETATM 1320 C C9  . EPE D 3 .  ? 5.573   9.908   -7.773  1.00 14.61 ? 1077 EPE B C9  1 
HETATM 1321 C C10 . EPE D 3 .  ? 6.316   9.147   -8.893  1.00 13.84 ? 1077 EPE B C10 1 
HETATM 1322 S S   . EPE D 3 .  ? 6.878   7.560   -8.226  1.00 11.85 ? 1077 EPE B S   1 
HETATM 1323 O O1S . EPE D 3 .  ? 7.648   6.750   -9.193  1.00 12.73 ? 1077 EPE B O1S 1 
HETATM 1324 O O2S . EPE D 3 .  ? 7.842   7.850   -7.193  1.00 15.12 ? 1077 EPE B O2S 1 
HETATM 1325 O O3S . EPE D 3 .  ? 5.766   6.760   -7.837  1.00 12.80 ? 1077 EPE B O3S 1 
HETATM 1326 O O   . HOH E 4 .  ? -5.316  5.610   -1.092  1.00 5.39  ? 2001 HOH A O   1 
HETATM 1327 O O   . HOH E 4 .  ? -5.293  -1.374  -0.217  1.00 4.80  ? 2002 HOH A O   1 
HETATM 1328 O O   . HOH E 4 .  ? -13.667 -5.984  13.732  1.00 28.71 ? 2003 HOH A O   1 
HETATM 1329 O O   . HOH E 4 .  ? -5.467  7.628   19.010  0.30 6.35  ? 2004 HOH A O   1 
HETATM 1330 O O   . HOH E 4 .  ? -6.833  -1.231  -2.369  1.00 12.62 ? 2005 HOH A O   1 
HETATM 1331 O O   . HOH E 4 .  ? -9.916  2.535   -1.949  0.50 17.55 ? 2006 HOH A O   1 
HETATM 1332 O O   . HOH E 4 .  ? 5.790   10.019  16.332  1.00 25.82 ? 2007 HOH A O   1 
HETATM 1333 O O   . HOH E 4 .  ? -5.117  4.636   21.237  1.00 32.17 ? 2008 HOH A O   1 
HETATM 1334 O O   . HOH E 4 .  ? -8.383  8.666   9.196   1.00 39.96 ? 2009 HOH A O   1 
HETATM 1335 O O   . HOH E 4 .  ? -12.876 1.271   0.743   1.00 32.57 ? 2010 HOH A O   1 
HETATM 1336 O O   . HOH E 4 .  ? 10.614  9.028   10.768  1.00 28.55 ? 2011 HOH A O   1 
HETATM 1337 O O   . HOH E 4 .  ? 9.807   5.258   13.724  1.00 24.89 ? 2012 HOH A O   1 
HETATM 1338 O O   . HOH E 4 .  ? -10.938 -5.810  13.982  1.00 18.68 ? 2013 HOH A O   1 
HETATM 1339 O O   . HOH E 4 .  ? 11.463  0.416   14.984  1.00 27.60 ? 2014 HOH A O   1 
HETATM 1340 O O   . HOH E 4 .  ? -5.684  -3.574  18.125  0.50 26.52 ? 2015 HOH A O   1 
HETATM 1341 O O   . HOH E 4 .  ? -6.771  -3.031  18.418  0.50 23.76 ? 2016 HOH A O   1 
HETATM 1342 O O   . HOH E 4 .  ? -2.956  -1.897  17.676  0.30 14.96 ? 2017 HOH A O   1 
HETATM 1343 O O   . HOH E 4 .  ? -6.838  4.260   14.701  1.00 28.10 ? 2018 HOH A O   1 
HETATM 1344 O O   . HOH E 4 .  ? 15.454  -7.120  -4.604  1.00 17.42 ? 2019 HOH A O   1 
HETATM 1345 O O   . HOH E 4 .  ? 1.870   4.696   21.597  1.00 33.68 ? 2020 HOH A O   1 
HETATM 1346 O O   . HOH E 4 .  ? 1.314   7.878   21.518  1.00 21.70 ? 2021 HOH A O   1 
HETATM 1347 O O   . HOH E 4 .  ? -1.997  7.094   22.945  1.00 18.54 ? 2022 HOH A O   1 
HETATM 1348 O O   . HOH E 4 .  ? 15.966  6.448   -9.562  1.00 42.57 ? 2023 HOH A O   1 
HETATM 1349 O O   . HOH E 4 .  ? 16.486  14.088  -4.351  1.00 23.65 ? 2024 HOH A O   1 
HETATM 1350 O O   . HOH E 4 .  ? -5.510  9.496   16.705  0.30 4.37  ? 2025 HOH A O   1 
HETATM 1351 O O   . HOH E 4 .  ? -1.832  9.633   11.073  0.50 16.86 ? 2026 HOH A O   1 
HETATM 1352 O O   . HOH E 4 .  ? 0.765   9.893   12.922  1.00 21.66 ? 2027 HOH A O   1 
HETATM 1353 O O   . HOH E 4 .  ? 6.236   7.309   15.835  1.00 15.67 ? 2028 HOH A O   1 
HETATM 1354 O O   . HOH E 4 .  ? -3.218  2.708   20.616  0.50 17.83 ? 2029 HOH A O   1 
HETATM 1355 O O   . HOH E 4 .  ? 3.081   0.119   19.431  1.00 25.86 ? 2030 HOH A O   1 
HETATM 1356 O O   . HOH E 4 .  ? -2.820  0.978   20.416  0.50 14.20 ? 2031 HOH A O   1 
HETATM 1357 O O   . HOH E 4 .  ? -17.670 -11.470 7.088   1.00 32.69 ? 2032 HOH A O   1 
HETATM 1358 O O   . HOH E 4 .  ? -7.130  6.037   12.813  1.00 39.79 ? 2033 HOH A O   1 
HETATM 1359 O O   . HOH E 4 .  ? -5.600  8.732   9.631   1.00 14.45 ? 2034 HOH A O   1 
HETATM 1360 O O   . HOH E 4 .  ? -20.568 -7.555  -0.277  0.40 14.89 ? 2035 HOH A O   1 
HETATM 1361 O O   . HOH E 4 .  ? -15.006 -0.799  -0.937  1.00 19.66 ? 2036 HOH A O   1 
HETATM 1362 O O   . HOH E 4 .  ? -15.265 0.474   2.614   1.00 18.62 ? 2037 HOH A O   1 
HETATM 1363 O O   . HOH E 4 .  ? 7.911   9.120   11.616  0.50 21.05 ? 2038 HOH A O   1 
HETATM 1364 O O   . HOH E 4 .  ? 8.065   7.283   13.731  1.00 20.70 ? 2039 HOH A O   1 
HETATM 1365 O O   . HOH E 4 .  ? 6.389   8.660   9.662   0.50 7.72  ? 2040 HOH A O   1 
HETATM 1366 O O   . HOH E 4 .  ? -20.485 -3.442  -1.942  1.00 26.01 ? 2041 HOH A O   1 
HETATM 1367 O O   . HOH E 4 .  ? -19.111 -4.805  -3.820  0.50 18.63 ? 2042 HOH A O   1 
HETATM 1368 O O   . HOH E 4 .  ? -16.388 -5.201  -7.425  1.00 23.63 ? 2043 HOH A O   1 
HETATM 1369 O O   . HOH E 4 .  ? -9.185  -4.793  -12.065 1.00 39.75 ? 2044 HOH A O   1 
HETATM 1370 O O   . HOH E 4 .  ? -11.278 -11.375 -12.424 1.00 15.62 ? 2045 HOH A O   1 
HETATM 1371 O O   . HOH E 4 .  ? 11.674  -0.412  7.271   1.00 15.16 ? 2046 HOH A O   1 
HETATM 1372 O O   . HOH E 4 .  ? 9.937   -1.379  13.619  1.00 19.63 ? 2047 HOH A O   1 
HETATM 1373 O O   . HOH E 4 .  ? 9.235   2.855   12.843  1.00 21.26 ? 2048 HOH A O   1 
HETATM 1374 O O   . HOH E 4 .  ? -3.345  -6.189  -12.399 1.00 36.09 ? 2049 HOH A O   1 
HETATM 1375 O O   . HOH E 4 .  ? 2.255   -8.496  -13.615 1.00 34.14 ? 2050 HOH A O   1 
HETATM 1376 O O   . HOH E 4 .  ? -7.016  -6.261  -12.969 1.00 36.05 ? 2051 HOH A O   1 
HETATM 1377 O O   . HOH E 4 .  ? 4.071   -15.273 -1.680  1.00 19.96 ? 2052 HOH A O   1 
HETATM 1378 O O   . HOH E 4 .  ? 15.736  4.611   5.005   0.50 7.32  ? 2053 HOH A O   1 
HETATM 1379 O O   . HOH E 4 .  ? 13.178  1.015   9.061   1.00 15.03 ? 2054 HOH A O   1 
HETATM 1380 O O   . HOH E 4 .  ? 13.547  5.942   5.282   0.50 12.86 ? 2055 HOH A O   1 
HETATM 1381 O O   . HOH E 4 .  ? 15.506  2.750   3.747   0.50 12.76 ? 2056 HOH A O   1 
HETATM 1382 O O   . HOH E 4 .  ? 11.639  6.059   7.274   1.00 19.18 ? 2057 HOH A O   1 
HETATM 1383 O O   . HOH E 4 .  ? 16.782  0.506   6.425   1.00 11.88 ? 2058 HOH A O   1 
HETATM 1384 O O   . HOH E 4 .  ? 15.441  3.001   8.901   1.00 27.97 ? 2059 HOH A O   1 
HETATM 1385 O O   . HOH E 4 .  ? 11.741  3.343   10.184  1.00 22.78 ? 2060 HOH A O   1 
HETATM 1386 O O   . HOH E 4 .  ? -14.527 -13.509 -9.863  1.00 19.95 ? 2061 HOH A O   1 
HETATM 1387 O O   . HOH E 4 .  ? -19.854 -20.100 -2.440  1.00 9.94  ? 2062 HOH A O   1 
HETATM 1388 O O   . HOH E 4 .  ? -22.533 -14.553 -8.552  1.00 24.82 ? 2063 HOH A O   1 
HETATM 1389 O O   . HOH E 4 .  ? 16.779  -3.612  -2.441  1.00 12.00 ? 2064 HOH A O   1 
HETATM 1390 O O   . HOH E 4 .  ? 16.166  -0.016  -5.052  1.00 13.38 ? 2065 HOH A O   1 
HETATM 1391 O O   . HOH E 4 .  ? 15.079  -0.879  -7.288  1.00 25.80 ? 2066 HOH A O   1 
HETATM 1392 O O   . HOH E 4 .  ? 13.108  -5.848  -4.446  1.00 7.42  ? 2067 HOH A O   1 
HETATM 1393 O O   . HOH E 4 .  ? 14.004  -3.916  -6.202  1.00 14.53 ? 2068 HOH A O   1 
HETATM 1394 O O   . HOH E 4 .  ? 19.382  6.439   -6.338  1.00 44.36 ? 2069 HOH A O   1 
HETATM 1395 O O   . HOH E 4 .  ? 15.725  8.081   -6.573  1.00 39.06 ? 2070 HOH A O   1 
HETATM 1396 O O   . HOH E 4 .  ? 16.641  6.953   -4.201  1.00 12.54 ? 2071 HOH A O   1 
HETATM 1397 O O   . HOH E 4 .  ? 14.572  10.624  -8.703  1.00 28.59 ? 2072 HOH A O   1 
HETATM 1398 O O   . HOH E 4 .  ? 16.882  12.204  -7.095  0.50 21.08 ? 2073 HOH A O   1 
HETATM 1399 O O   . HOH E 4 .  ? 17.999  13.206  -6.320  0.50 15.62 ? 2074 HOH A O   1 
HETATM 1400 O O   . HOH E 4 .  ? 12.146  12.805  -7.712  1.00 16.26 ? 2075 HOH A O   1 
HETATM 1401 O O   . HOH E 4 .  ? 11.537  8.954   -6.142  1.00 20.34 ? 2076 HOH A O   1 
HETATM 1402 O O   . HOH E 4 .  ? 9.819   13.700  5.448   0.50 8.03  ? 2077 HOH A O   1 
HETATM 1403 O O   . HOH E 4 .  ? 8.646   13.952  2.321   1.00 5.39  ? 2078 HOH A O   1 
HETATM 1404 O O   . HOH E 4 .  ? 12.885  8.723   5.113   1.00 19.78 ? 2079 HOH A O   1 
HETATM 1405 O O   . HOH E 4 .  ? 9.289   13.115  -6.270  1.00 15.73 ? 2080 HOH A O   1 
HETATM 1406 O O   . HOH E 4 .  ? -8.456  6.574   6.498   0.50 13.33 ? 2081 HOH A O   1 
HETATM 1407 O O   . HOH E 4 .  ? -5.433  6.076   9.154   1.00 15.31 ? 2082 HOH A O   1 
HETATM 1408 O O   . HOH E 4 .  ? -8.822  3.545   -1.503  0.50 16.95 ? 2083 HOH A O   1 
HETATM 1409 O O   . HOH E 4 .  ? -10.684 5.520   5.144   0.50 18.27 ? 2084 HOH A O   1 
HETATM 1410 O O   . HOH E 4 .  ? -13.499 2.601   5.858   1.00 27.85 ? 2085 HOH A O   1 
HETATM 1411 O O   . HOH E 4 .  ? -7.034  4.599   10.466  1.00 21.37 ? 2086 HOH A O   1 
HETATM 1412 O O   . HOH E 4 .  ? -14.040 1.621   9.776   1.00 22.40 ? 2087 HOH A O   1 
HETATM 1413 O O   . HOH E 4 .  ? -9.732  4.344   8.682   1.00 15.73 ? 2088 HOH A O   1 
HETATM 1414 O O   . HOH E 4 .  ? -15.289 -3.895  14.326  1.00 38.44 ? 2089 HOH A O   1 
HETATM 1415 O O   . HOH E 4 .  ? -15.938 -0.296  7.130   1.00 16.53 ? 2090 HOH A O   1 
HETATM 1416 O O   . HOH E 4 .  ? -17.080 -9.219  4.105   1.00 9.37  ? 2091 HOH A O   1 
HETATM 1417 O O   . HOH E 4 .  ? -15.003 -10.771 6.806   1.00 21.28 ? 2092 HOH A O   1 
HETATM 1418 O O   . HOH E 4 .  ? -20.762 -7.752  1.604   0.40 11.64 ? 2093 HOH A O   1 
HETATM 1419 O O   . HOH E 4 .  ? -18.786 -8.554  10.871  1.00 28.67 ? 2094 HOH A O   1 
HETATM 1420 O O   . HOH E 4 .  ? -22.676 -3.515  9.282   1.00 29.29 ? 2095 HOH A O   1 
HETATM 1421 O O   . HOH E 4 .  ? -18.097 -4.722  12.514  1.00 23.84 ? 2096 HOH A O   1 
HETATM 1422 O O   . HOH E 4 .  ? -19.012 -2.952  1.577   0.30 4.15  ? 2097 HOH A O   1 
HETATM 1423 O O   . HOH E 4 .  ? -15.546 -1.913  1.504   1.00 12.74 ? 2098 HOH A O   1 
HETATM 1424 O O   . HOH E 4 .  ? -19.104 -1.645  7.213   1.00 10.01 ? 2099 HOH A O   1 
HETATM 1425 O O   . HOH E 4 .  ? -17.413 -14.843 1.063   1.00 7.58  ? 2100 HOH A O   1 
HETATM 1426 O O   . HOH E 4 .  ? -19.766 -6.288  -1.366  0.50 17.44 ? 2101 HOH A O   1 
HETATM 1427 O O   . HOH E 4 .  ? -13.524 -1.870  -2.988  1.00 35.18 ? 2102 HOH A O   1 
HETATM 1428 O O   . HOH E 4 .  ? -18.675 -5.923  1.382   1.00 9.59  ? 2103 HOH A O   1 
HETATM 1429 O O   . HOH E 4 .  ? -16.585 -4.507  -4.737  1.00 13.35 ? 2104 HOH A O   1 
HETATM 1430 O O   . HOH E 4 .  ? -19.144 -8.646  -6.665  1.00 28.35 ? 2105 HOH A O   1 
HETATM 1431 O O   . HOH E 4 .  ? -14.094 -10.147 -8.343  1.00 24.11 ? 2106 HOH A O   1 
HETATM 1432 O O   . HOH E 4 .  ? -16.690 -12.836 -5.019  1.00 7.67  ? 2107 HOH A O   1 
HETATM 1433 O O   . HOH E 4 .  ? -19.037 -7.227  -2.612  0.50 12.50 ? 2108 HOH A O   1 
HETATM 1434 O O   . HOH E 4 .  ? -19.801 -10.643 -3.806  1.00 19.32 ? 2109 HOH A O   1 
HETATM 1435 O O   . HOH E 4 .  ? -18.678 -6.470  -3.842  0.50 8.73  ? 2110 HOH A O   1 
HETATM 1436 O O   . HOH E 4 .  ? -8.613  -4.410  -9.334  1.00 19.79 ? 2111 HOH A O   1 
HETATM 1437 O O   . HOH E 4 .  ? -12.412 -3.642  -9.755  1.00 26.14 ? 2112 HOH A O   1 
HETATM 1438 O O   . HOH E 4 .  ? -8.695  1.279   -5.987  0.50 20.37 ? 2113 HOH A O   1 
HETATM 1439 O O   . HOH E 4 .  ? -11.096 -0.613  -3.213  1.00 34.63 ? 2114 HOH A O   1 
HETATM 1440 O O   . HOH E 4 .  ? -8.571  -14.042 -10.124 1.00 4.57  ? 2115 HOH A O   1 
HETATM 1441 O O   . HOH E 4 .  ? -9.235  -9.765  -13.591 1.00 28.06 ? 2116 HOH A O   1 
HETATM 1442 O O   . HOH E 4 .  ? -1.910  -5.782  -10.056 1.00 19.45 ? 2117 HOH A O   1 
HETATM 1443 O O   . HOH E 4 .  ? -7.744  -9.504  -15.756 1.00 23.25 ? 2118 HOH A O   1 
HETATM 1444 O O   . HOH E 4 .  ? 2.041   -12.043 -12.822 1.00 19.27 ? 2119 HOH A O   1 
HETATM 1445 O O   . HOH E 4 .  ? -4.643  -8.232  -17.011 1.00 27.15 ? 2120 HOH A O   1 
HETATM 1446 O O   . HOH E 4 .  ? -0.133  -15.200 -12.619 1.00 6.67  ? 2121 HOH A O   1 
HETATM 1447 O O   . HOH E 4 .  ? -5.131  -8.056  -12.916 1.00 15.73 ? 2122 HOH A O   1 
HETATM 1448 O O   . HOH E 4 .  ? -6.076  -11.855 -17.800 1.00 4.15  ? 2123 HOH A O   1 
HETATM 1449 O O   . HOH E 4 .  ? -6.641  -12.553 -11.672 1.00 4.16  ? 2124 HOH A O   1 
HETATM 1450 O O   . HOH E 4 .  ? 3.047   -8.327  -10.911 0.50 7.92  ? 2125 HOH A O   1 
HETATM 1451 O O   . HOH E 4 .  ? 3.318   -10.684 -10.057 0.50 16.73 ? 2126 HOH A O   1 
HETATM 1452 O O   . HOH E 4 .  ? 2.200   -13.959 -6.270  1.00 7.89  ? 2127 HOH A O   1 
HETATM 1453 O O   . HOH E 4 .  ? 0.277   -13.276 -8.868  1.00 4.72  ? 2128 HOH A O   1 
HETATM 1454 O O   . HOH E 4 .  ? 5.287   -13.093 -2.434  1.00 14.31 ? 2129 HOH A O   1 
HETATM 1455 O O   . HOH E 4 .  ? 5.555   -11.904 -6.578  1.00 20.75 ? 2130 HOH A O   1 
HETATM 1456 O O   . HOH E 4 .  ? 2.364   -15.569 0.665   0.40 5.67  ? 2131 HOH A O   1 
HETATM 1457 O O   . HOH E 4 .  ? 5.928   -12.593 1.645   1.00 8.51  ? 2132 HOH A O   1 
HETATM 1458 O O   . HOH E 4 .  ? -0.085  -15.893 0.953   0.20 2.17  ? 2133 HOH A O   1 
HETATM 1459 O O   . HOH E 4 .  ? 1.342   -18.257 -6.447  1.00 14.07 ? 2134 HOH A O   1 
HETATM 1460 O O   . HOH E 4 .  ? 2.121   -14.934 -3.598  1.00 11.02 ? 2135 HOH A O   1 
HETATM 1461 O O   . HOH E 4 .  ? -0.264  -16.965 -0.813  0.50 9.86  ? 2136 HOH A O   1 
HETATM 1462 O O   . HOH E 4 .  ? 3.341   -17.005 -7.939  1.00 31.45 ? 2137 HOH A O   1 
HETATM 1463 O O   . HOH E 4 .  ? -3.081  -20.150 4.071   0.50 8.92  ? 2138 HOH A O   1 
HETATM 1464 O O   . HOH E 4 .  ? -5.828  -9.626  2.258   1.00 3.73  ? 2139 HOH A O   1 
HETATM 1465 O O   . HOH E 4 .  ? -10.088 -21.638 -2.601  1.00 4.96  ? 2140 HOH A O   1 
HETATM 1466 O O   . HOH E 4 .  ? -15.040 -13.802 -6.991  1.00 12.62 ? 2141 HOH A O   1 
HETATM 1467 O O   . HOH E 4 .  ? -17.285 -19.841 -2.772  1.00 4.74  ? 2142 HOH A O   1 
HETATM 1468 O O   . HOH E 4 .  ? -16.186 -17.181 0.103   1.00 5.74  ? 2143 HOH A O   1 
HETATM 1469 O O   . HOH E 4 .  ? -18.721 -12.547 -6.908  1.00 32.37 ? 2144 HOH A O   1 
HETATM 1470 O O   . HOH E 4 .  ? -18.799 -14.746 -8.891  1.00 31.46 ? 2145 HOH A O   1 
HETATM 1471 O O   . HOH E 4 .  ? -20.966 -16.379 -7.361  1.00 11.75 ? 2146 HOH A O   1 
HETATM 1472 O O   . HOH E 4 .  ? -17.177 -15.735 -7.054  1.00 12.55 ? 2147 HOH A O   1 
HETATM 1473 O O   . HOH E 4 .  ? -21.550 -17.898 -2.919  1.00 13.51 ? 2148 HOH A O   1 
HETATM 1474 O O   . HOH E 4 .  ? -8.032  -9.227  11.921  1.00 12.68 ? 2149 HOH A O   1 
HETATM 1475 O O   . HOH E 4 .  ? -4.717  -8.985  10.373  0.50 4.19  ? 2150 HOH A O   1 
HETATM 1476 O O   . HOH F 4 .  ? 4.190   13.431  -12.892 1.00 35.29 ? 2001 HOH B O   1 
HETATM 1477 O O   . HOH F 4 .  ? 11.505  -15.655 -7.025  0.50 20.11 ? 2002 HOH B O   1 
HETATM 1478 O O   . HOH F 4 .  ? -1.975  2.753   -3.879  1.00 5.06  ? 2003 HOH B O   1 
HETATM 1479 O O   . HOH F 4 .  ? -5.192  -3.264  -4.950  1.00 6.37  ? 2004 HOH B O   1 
HETATM 1480 O O   . HOH F 4 .  ? 7.627   6.112   -17.263 1.00 24.63 ? 2005 HOH B O   1 
HETATM 1481 O O   . HOH F 4 .  ? 14.362  1.716   -9.957  0.30 12.77 ? 2006 HOH B O   1 
HETATM 1482 O O   . HOH F 4 .  ? 16.395  2.110   -10.806 0.50 21.25 ? 2007 HOH B O   1 
HETATM 1483 O O   . HOH F 4 .  ? 4.970   3.795   18.359  1.00 25.37 ? 2008 HOH B O   1 
HETATM 1484 O O   . HOH F 4 .  ? 7.196   0.380   16.645  1.00 29.85 ? 2009 HOH B O   1 
HETATM 1485 O O   . HOH F 4 .  ? 16.537  -9.391  -5.944  1.00 24.88 ? 2010 HOH B O   1 
HETATM 1486 O O   . HOH F 4 .  ? 4.674   -14.927 -6.829  1.00 26.44 ? 2011 HOH B O   1 
HETATM 1487 O O   . HOH F 4 .  ? 6.346   -15.056 -4.555  1.00 35.20 ? 2012 HOH B O   1 
HETATM 1488 O O   . HOH F 4 .  ? -6.086  0.386   -4.431  1.00 23.51 ? 2013 HOH B O   1 
HETATM 1489 O O   . HOH F 4 .  ? -6.433  0.587   -7.849  1.00 27.19 ? 2014 HOH B O   1 
HETATM 1490 O O   . HOH F 4 .  ? 13.215  -15.752 -9.406  1.00 26.95 ? 2015 HOH B O   1 
HETATM 1491 O O   . HOH F 4 .  ? 13.929  -7.308  -14.844 1.00 30.94 ? 2016 HOH B O   1 
HETATM 1492 O O   . HOH F 4 .  ? 8.769   -15.025 -0.454  1.00 25.65 ? 2017 HOH B O   1 
HETATM 1493 O O   . HOH F 4 .  ? 9.182   5.304   -14.992 1.00 15.46 ? 2018 HOH B O   1 
HETATM 1494 O O   . HOH F 4 .  ? 13.347  3.404   -10.462 0.50 18.39 ? 2019 HOH B O   1 
HETATM 1495 O O   . HOH F 4 .  ? 13.197  0.380   -9.097  0.30 4.21  ? 2020 HOH B O   1 
HETATM 1496 O O   . HOH F 4 .  ? 7.579   -13.195 3.802   1.00 7.96  ? 2021 HOH B O   1 
HETATM 1497 O O   . HOH F 4 .  ? 13.717  0.389   -14.081 1.00 37.21 ? 2022 HOH B O   1 
HETATM 1498 O O   . HOH F 4 .  ? 14.412  -2.201  -10.860 0.50 28.67 ? 2023 HOH B O   1 
HETATM 1499 O O   . HOH F 4 .  ? 8.411   -9.707  -13.391 1.00 36.98 ? 2024 HOH B O   1 
HETATM 1500 O O   . HOH F 4 .  ? 4.636   1.322   17.200  1.00 16.81 ? 2025 HOH B O   1 
HETATM 1501 O O   . HOH F 4 .  ? 17.002  -9.801  -8.787  1.00 25.36 ? 2026 HOH B O   1 
HETATM 1502 O O   . HOH F 4 .  ? -1.975  -18.345 12.912  1.00 27.71 ? 2027 HOH B O   1 
HETATM 1503 O O   . HOH F 4 .  ? 1.846   -19.893 15.554  1.00 39.30 ? 2028 HOH B O   1 
HETATM 1504 O O   . HOH F 4 .  ? -4.648  -16.904 14.814  1.00 32.61 ? 2029 HOH B O   1 
HETATM 1505 O O   . HOH F 4 .  ? 3.026   -20.443 4.505   0.30 19.03 ? 2030 HOH B O   1 
HETATM 1506 O O   . HOH F 4 .  ? 5.770   -15.955 1.194   1.00 39.28 ? 2031 HOH B O   1 
HETATM 1507 O O   . HOH F 4 .  ? 4.751   -13.828 -13.054 1.00 25.92 ? 2032 HOH B O   1 
HETATM 1508 O O   . HOH F 4 .  ? 7.807   -13.134 -7.274  1.00 14.57 ? 2033 HOH B O   1 
HETATM 1509 O O   . HOH F 4 .  ? 4.667   -12.734 -9.047  1.00 21.85 ? 2034 HOH B O   1 
HETATM 1510 O O   . HOH F 4 .  ? 11.897  -12.901 -13.276 1.00 22.90 ? 2035 HOH B O   1 
HETATM 1511 O O   . HOH F 4 .  ? 16.665  -14.765 -3.539  1.00 20.43 ? 2036 HOH B O   1 
HETATM 1512 O O   . HOH F 4 .  ? 16.648  -12.797 -10.266 1.00 28.91 ? 2037 HOH B O   1 
HETATM 1513 O O   . HOH F 4 .  ? 13.962  -13.335 -10.616 1.00 13.67 ? 2038 HOH B O   1 
HETATM 1514 O O   . HOH F 4 .  ? 14.972  -5.766  -12.701 0.50 19.24 ? 2039 HOH B O   1 
HETATM 1515 O O   . HOH F 4 .  ? 16.796  -3.673  -6.075  1.00 27.91 ? 2040 HOH B O   1 
HETATM 1516 O O   . HOH F 4 .  ? 18.113  -3.171  -8.469  1.00 28.79 ? 2041 HOH B O   1 
HETATM 1517 O O   . HOH F 4 .  ? -3.538  4.296   -14.674 1.00 18.04 ? 2042 HOH B O   1 
HETATM 1518 O O   . HOH F 4 .  ? 2.073   14.713  -14.248 1.00 19.99 ? 2043 HOH B O   1 
HETATM 1519 O O   . HOH F 4 .  ? 0.294   14.674  -18.300 1.00 14.11 ? 2044 HOH B O   1 
HETATM 1520 O O   . HOH F 4 .  ? -5.672  9.560   -16.310 1.00 32.09 ? 2045 HOH B O   1 
HETATM 1521 O O   . HOH F 4 .  ? -6.709  5.863   -12.010 1.00 24.57 ? 2046 HOH B O   1 
HETATM 1522 O O   . HOH F 4 .  ? 7.370   -12.779 -0.750  1.00 6.13  ? 2047 HOH B O   1 
HETATM 1523 O O   . HOH F 4 .  ? -9.951  8.334   -11.170 1.00 35.03 ? 2048 HOH B O   1 
HETATM 1524 O O   . HOH F 4 .  ? -10.941 12.170  -8.852  1.00 27.96 ? 2049 HOH B O   1 
HETATM 1525 O O   . HOH F 4 .  ? -3.516  19.431  -2.709  1.00 19.36 ? 2050 HOH B O   1 
HETATM 1526 O O   . HOH F 4 .  ? -11.678 6.341   -3.029  0.50 40.75 ? 2051 HOH B O   1 
HETATM 1527 O O   . HOH F 4 .  ? 15.170  -7.486  4.221   1.00 2.48  ? 2052 HOH B O   1 
HETATM 1528 O O   . HOH F 4 .  ? 10.594  -6.013  6.836   1.00 4.60  ? 2053 HOH B O   1 
HETATM 1529 O O   . HOH F 4 .  ? -9.163  13.849  7.947   0.50 18.39 ? 2054 HOH B O   1 
HETATM 1530 O O   . HOH F 4 .  ? -10.083 10.950  4.665   1.00 42.80 ? 2055 HOH B O   1 
HETATM 1531 O O   . HOH F 4 .  ? 10.533  8.253   8.092   1.00 22.72 ? 2056 HOH B O   1 
HETATM 1532 O O   . HOH F 4 .  ? 11.698  -8.516  7.923   1.00 6.87  ? 2057 HOH B O   1 
HETATM 1533 O O   . HOH F 4 .  ? 9.561   -12.517 5.563   1.00 4.91  ? 2058 HOH B O   1 
HETATM 1534 O O   . HOH F 4 .  ? 2.340   24.698  -3.104  1.00 14.98 ? 2059 HOH B O   1 
HETATM 1535 O O   . HOH F 4 .  ? 3.056   -9.055  15.367  1.00 6.52  ? 2060 HOH B O   1 
HETATM 1536 O O   . HOH F 4 .  ? 9.875   -5.443  9.487   1.00 8.92  ? 2061 HOH B O   1 
HETATM 1537 O O   . HOH F 4 .  ? 12.577  -8.070  10.438  1.00 7.70  ? 2062 HOH B O   1 
HETATM 1538 O O   . HOH F 4 .  ? 8.247   -4.658  15.981  1.00 21.47 ? 2063 HOH B O   1 
HETATM 1539 O O   . HOH F 4 .  ? 1.825   -6.090  16.594  1.00 20.67 ? 2064 HOH B O   1 
HETATM 1540 O O   . HOH F 4 .  ? -2.273  -3.052  15.468  0.30 12.97 ? 2065 HOH B O   1 
HETATM 1541 O O   . HOH F 4 .  ? 2.971   1.125   15.035  1.00 7.82  ? 2066 HOH B O   1 
HETATM 1542 O O   . HOH F 4 .  ? 1.226   -0.709  16.159  1.00 10.80 ? 2067 HOH B O   1 
HETATM 1543 O O   . HOH F 4 .  ? -3.405  -4.122  16.054  0.30 23.53 ? 2068 HOH B O   1 
HETATM 1544 O O   . HOH F 4 .  ? -4.084  -10.952 14.513  1.00 31.17 ? 2069 HOH B O   1 
HETATM 1545 O O   . HOH F 4 .  ? -3.895  -11.987 17.191  1.00 24.11 ? 2070 HOH B O   1 
HETATM 1546 O O   . HOH F 4 .  ? 1.318   -8.070  19.880  1.00 24.97 ? 2071 HOH B O   1 
HETATM 1547 O O   . HOH F 4 .  ? 2.276   -8.432  17.592  1.00 6.66  ? 2072 HOH B O   1 
HETATM 1548 O O   . HOH F 4 .  ? 0.692   -11.454 17.107  1.00 11.46 ? 2073 HOH B O   1 
HETATM 1549 O O   . HOH F 4 .  ? 2.972   -11.007 17.820  1.00 14.47 ? 2074 HOH B O   1 
HETATM 1550 O O   . HOH F 4 .  ? -3.548  -6.795  10.784  0.50 11.32 ? 2075 HOH B O   1 
HETATM 1551 O O   . HOH F 4 .  ? 0.683   -17.445 14.337  1.00 26.41 ? 2076 HOH B O   1 
HETATM 1552 O O   . HOH F 4 .  ? -2.944  -16.208 17.357  1.00 38.18 ? 2077 HOH B O   1 
HETATM 1553 O O   . HOH F 4 .  ? -1.283  -12.070 15.876  1.00 16.90 ? 2078 HOH B O   1 
HETATM 1554 O O   . HOH F 4 .  ? 0.094   -16.902 3.027   0.40 4.12  ? 2079 HOH B O   1 
HETATM 1555 O O   . HOH F 4 .  ? 4.062   -17.024 3.016   1.00 23.92 ? 2080 HOH B O   1 
HETATM 1556 O O   . HOH F 4 .  ? 1.284   -18.454 6.147   0.30 9.20  ? 2081 HOH B O   1 
HETATM 1557 O O   . HOH F 4 .  ? 5.862   -14.451 5.521   1.00 5.05  ? 2082 HOH B O   1 
HETATM 1558 O O   . HOH F 4 .  ? -0.659  -19.218 3.903   0.30 11.92 ? 2083 HOH B O   1 
HETATM 1559 O O   . HOH F 4 .  ? -2.729  -17.810 10.199  1.00 9.69  ? 2084 HOH B O   1 
HETATM 1560 O O   . HOH F 4 .  ? -0.128  -19.253 7.470   0.50 5.53  ? 2085 HOH B O   1 
HETATM 1561 O O   . HOH F 4 .  ? -6.251  -14.725 8.712   1.00 20.50 ? 2086 HOH B O   1 
HETATM 1562 O O   . HOH F 4 .  ? -4.247  -11.506 10.704  0.50 4.01  ? 2087 HOH B O   1 
HETATM 1563 O O   . HOH F 4 .  ? -0.642  -14.362 2.337   0.80 4.95  ? 2088 HOH B O   1 
HETATM 1564 O O   . HOH F 4 .  ? 0.035   -6.646  -8.248  1.00 6.91  ? 2089 HOH B O   1 
HETATM 1565 O O   . HOH F 4 .  ? 0.130   -4.937  -11.557 1.00 21.58 ? 2090 HOH B O   1 
HETATM 1566 O O   . HOH F 4 .  ? 3.565   -5.835  -10.151 1.00 21.98 ? 2091 HOH B O   1 
HETATM 1567 O O   . HOH F 4 .  ? -2.463  -2.297  -12.593 1.00 27.62 ? 2092 HOH B O   1 
HETATM 1568 O O   . HOH F 4 .  ? 5.229   -4.898  -11.933 1.00 33.01 ? 2093 HOH B O   1 
HETATM 1569 O O   . HOH F 4 .  ? 1.345   -2.889  -13.246 1.00 16.23 ? 2094 HOH B O   1 
HETATM 1570 O O   . HOH F 4 .  ? 7.961   -4.796  -13.058 1.00 28.00 ? 2095 HOH B O   1 
HETATM 1571 O O   . HOH F 4 .  ? 1.032   1.152   -16.761 1.00 25.71 ? 2096 HOH B O   1 
HETATM 1572 O O   . HOH F 4 .  ? 7.782   -1.611  -16.509 1.00 29.78 ? 2097 HOH B O   1 
HETATM 1573 O O   . HOH F 4 .  ? -1.589  -0.121  -14.016 1.00 26.65 ? 2098 HOH B O   1 
HETATM 1574 O O   . HOH F 4 .  ? 5.583   1.350   -19.165 1.00 28.79 ? 2099 HOH B O   1 
HETATM 1575 O O   . HOH F 4 .  ? 3.840   6.634   -20.852 1.00 29.14 ? 2100 HOH B O   1 
HETATM 1576 O O   . HOH F 4 .  ? -1.186  3.987   -16.252 1.00 11.84 ? 2101 HOH B O   1 
HETATM 1577 O O   . HOH F 4 .  ? -0.164  13.023  -14.393 1.00 8.97  ? 2102 HOH B O   1 
HETATM 1578 O O   . HOH F 4 .  ? 2.496   13.633  -16.973 1.00 20.80 ? 2103 HOH B O   1 
HETATM 1579 O O   . HOH F 4 .  ? 4.931   10.752  -19.607 1.00 13.50 ? 2104 HOH B O   1 
HETATM 1580 O O   . HOH F 4 .  ? -1.442  14.791  -16.137 1.00 15.02 ? 2105 HOH B O   1 
HETATM 1581 O O   . HOH F 4 .  ? -3.398  12.239  -18.853 1.00 36.11 ? 2106 HOH B O   1 
HETATM 1582 O O   . HOH F 4 .  ? -4.198  11.472  -15.010 1.00 12.86 ? 2107 HOH B O   1 
HETATM 1583 O O   . HOH F 4 .  ? -4.424  6.541   -13.157 1.00 17.35 ? 2108 HOH B O   1 
HETATM 1584 O O   . HOH F 4 .  ? -2.100  5.139   -18.686 1.00 27.72 ? 2109 HOH B O   1 
HETATM 1585 O O   . HOH F 4 .  ? -4.686  19.257  -12.552 1.00 26.33 ? 2110 HOH B O   1 
HETATM 1586 O O   . HOH F 4 .  ? -1.362  19.379  -11.590 0.50 10.33 ? 2111 HOH B O   1 
HETATM 1587 O O   . HOH F 4 .  ? -1.223  17.021  -14.517 1.00 11.32 ? 2112 HOH B O   1 
HETATM 1588 O O   . HOH F 4 .  ? -7.581  6.835   -9.692  1.00 37.44 ? 2113 HOH B O   1 
HETATM 1589 O O   . HOH F 4 .  ? -9.158  10.816  -10.417 1.00 17.29 ? 2114 HOH B O   1 
HETATM 1590 O O   . HOH F 4 .  ? -5.077  19.199  -5.581  1.00 17.39 ? 2115 HOH B O   1 
HETATM 1591 O O   . HOH F 4 .  ? -7.310  17.413  -7.048  1.00 34.89 ? 2116 HOH B O   1 
HETATM 1592 O O   . HOH F 4 .  ? -9.277  15.967  -5.799  1.00 22.56 ? 2117 HOH B O   1 
HETATM 1593 O O   . HOH F 4 .  ? -8.273  13.109  -12.380 0.50 19.38 ? 2118 HOH B O   1 
HETATM 1594 O O   . HOH F 4 .  ? -7.364  13.849  -13.059 0.50 17.68 ? 2119 HOH B O   1 
HETATM 1595 O O   . HOH F 4 .  ? -6.992  17.461  -12.285 1.00 22.09 ? 2120 HOH B O   1 
HETATM 1596 O O   . HOH F 4 .  ? -11.804 10.114  -4.382  0.50 21.29 ? 2121 HOH B O   1 
HETATM 1597 O O   . HOH F 4 .  ? -9.676  9.068   -1.468  1.00 33.22 ? 2122 HOH B O   1 
HETATM 1598 O O   . HOH F 4 .  ? -4.451  3.406   -4.288  1.00 14.18 ? 2123 HOH B O   1 
HETATM 1599 O O   . HOH F 4 .  ? -8.955  3.141   -4.509  0.50 24.08 ? 2124 HOH B O   1 
HETATM 1600 O O   . HOH F 4 .  ? -6.613  2.556   -2.928  1.00 18.86 ? 2125 HOH B O   1 
HETATM 1601 O O   . HOH F 4 .  ? -9.284  5.408   -1.383  0.50 17.97 ? 2126 HOH B O   1 
HETATM 1602 O O   . HOH F 4 .  ? -8.128  17.486  1.279   1.00 18.38 ? 2127 HOH B O   1 
HETATM 1603 O O   . HOH F 4 .  ? -5.274  18.554  -0.701  1.00 15.19 ? 2128 HOH B O   1 
HETATM 1604 O O   . HOH F 4 .  ? -9.245  17.326  -2.985  1.00 30.54 ? 2129 HOH B O   1 
HETATM 1605 O O   . HOH F 4 .  ? -7.388  19.791  4.842   1.00 18.59 ? 2130 HOH B O   1 
HETATM 1606 O O   . HOH F 4 .  ? -7.267  17.071  3.729   0.50 9.52  ? 2131 HOH B O   1 
HETATM 1607 O O   . HOH F 4 .  ? -8.912  20.054  10.393  1.00 7.80  ? 2132 HOH B O   1 
HETATM 1608 O O   . HOH F 4 .  ? -8.068  15.834  3.936   0.50 10.96 ? 2133 HOH B O   1 
HETATM 1609 O O   . HOH F 4 .  ? -9.178  15.838  9.882   1.00 22.92 ? 2134 HOH B O   1 
HETATM 1610 O O   . HOH F 4 .  ? -8.558  13.811  4.949   0.50 15.91 ? 2135 HOH B O   1 
HETATM 1611 O O   . HOH F 4 .  ? -4.772  7.489   5.656   1.00 8.23  ? 2136 HOH B O   1 
HETATM 1612 O O   . HOH F 4 .  ? 4.348   10.521  8.348   1.00 15.87 ? 2137 HOH B O   1 
HETATM 1613 O O   . HOH F 4 .  ? 1.016   10.135  10.411  1.00 29.85 ? 2138 HOH B O   1 
HETATM 1614 O O   . HOH F 4 .  ? 7.593   8.430   7.171   1.00 15.90 ? 2139 HOH B O   1 
HETATM 1615 O O   . HOH F 4 .  ? 6.625   12.095  1.130   0.50 2.85  ? 2140 HOH B O   1 
HETATM 1616 O O   . HOH F 4 .  ? 6.557   12.697  5.159   1.00 10.29 ? 2141 HOH B O   1 
HETATM 1617 O O   . HOH F 4 .  ? 6.351   13.674  2.952   1.00 3.97  ? 2142 HOH B O   1 
HETATM 1618 O O   . HOH F 4 .  ? 4.017   12.769  6.529   1.00 9.07  ? 2143 HOH B O   1 
HETATM 1619 O O   . HOH F 4 .  ? 2.921   9.647   -3.865  1.00 3.94  ? 2144 HOH B O   1 
HETATM 1620 O O   . HOH F 4 .  ? -3.918  19.219  -9.200  1.00 21.51 ? 2145 HOH B O   1 
HETATM 1621 O O   . HOH F 4 .  ? -0.012  19.022  -11.433 0.50 13.91 ? 2146 HOH B O   1 
HETATM 1622 O O   . HOH F 4 .  ? -3.899  22.487  -9.675  1.00 27.33 ? 2147 HOH B O   1 
HETATM 1623 O O   . HOH F 4 .  ? -2.167  26.318  -5.262  1.00 16.95 ? 2148 HOH B O   1 
HETATM 1624 O O   . HOH F 4 .  ? 0.330   27.284  -10.478 1.00 27.08 ? 2149 HOH B O   1 
HETATM 1625 O O   . HOH F 4 .  ? 2.001   27.123  -4.385  1.00 9.80  ? 2150 HOH B O   1 
HETATM 1626 O O   . HOH F 4 .  ? 2.462   17.847  -12.054 1.00 30.56 ? 2151 HOH B O   1 
HETATM 1627 O O   . HOH F 4 .  ? 10.143  6.842   -6.702  1.00 14.17 ? 2152 HOH B O   1 
HETATM 1628 O O   . HOH F 4 .  ? 6.922   13.498  -11.686 1.00 23.19 ? 2153 HOH B O   1 
HETATM 1629 O O   . HOH F 4 .  ? 10.010  7.573   -10.540 1.00 19.03 ? 2154 HOH B O   1 
# 
